data_6Q0T
#
_entry.id   6Q0T
#
_cell.length_a   1.00
_cell.length_b   1.00
_cell.length_c   1.00
_cell.angle_alpha   90.00
_cell.angle_beta   90.00
_cell.angle_gamma   90.00
#
_symmetry.space_group_name_H-M   'P 1'
#
loop_
_entity.id
_entity.type
_entity.pdbx_description
1 polymer 'Serine/threonine-protein kinase B-raf'
2 polymer 'Dual specificity mitogen-activated protein kinase kinase 1'
3 polymer '14-3-3 protein zeta'
4 non-polymer 'MAGNESIUM ION'
5 non-polymer 5-[(2-fluoro-4-iodophenyl)amino]-N-(2-hydroxyethoxy)imidazo[1,5-a]pyridine-6-carboxamide
6 non-polymer 'PHOSPHOTHIOPHOSPHORIC ACID-ADENYLATE ESTER'
#
loop_
_entity_poly.entity_id
_entity_poly.type
_entity_poly.pdbx_seq_one_letter_code
_entity_poly.pdbx_strand_id
1 'polypeptide(L)'
;MSYYHHHHHHHHDIPTTENLYFQGAMDMAALSGGGGGGAEPGQALFNGDMEPEAGAGAGAAASSAADPAIPEEVWNIKQM
IKLTQEHIEALLDKFGGEHNPPSIYLEAYEEYTSKLDALQQREQQLLESLGNGTDFSVSSSASMDTVTSSSSSSLSVLPS
SLSVFQNPTDVARSNPKSPQKPIVRVFLPNKQRTVVPARCGVTVRDSLKKALMMRGLIPECCAVYRIQDGEKKPIGWDTD
ISWLTGEELHVEVLENVPLTTHNFVRKTFFTLAFCDFCRKLLFQGFRCQTCGYKFHQRCSTEVPLMCVNYDQLDLLFVSK
FFEHHPIPQEEASLAETALTSGSSPSAPASDSIGPQILTSPSPSKSIPIPQPFRPADEDHRNQFGQRDRSSAAPNVHINT
IEPVNIDDLIRDQGFRGDGGSTTGLSATPPASLPGSLTNVKALQKSPGPQRERKSSSSSEDRNRMKTLGRRDSSDDWEIP
DGQITVGQRIGSGSFGTVYKGKWHGDVAVKMLNVTAPTPQQLQAFKNEVGVLRKTRHVNILLFMGYSTKPQLAIVTQWCE
GSSLYHHLHIIETKFEMIKLIDIARQTAQGMDYLHAKSIIHRDLKSNNIFLHEDLTVKIGDFGLATVKSRWSGSHQFEQL
SGSILWMAPEVIRMQDKNPYSFQSDVYAFGIVLYELMTGQLPYSNINNRDQIIFMVGRGYLSPDLSKVRSNCPKAMKRLM
AECLKKKRDERPLFPQILASIELLARSLPKIHRSA(SEP)EPSLNRAGFQTEDFSLYACASPKTPIQAGGYGAFPVHGTS
AWSHPQFEK
;
A,B
2 'polypeptide(L)'
;MGSSHHHHHHSAVDENLYFQGGMPKKKPTPIQLNPAPDGSAVNGTSSAETNLEALQKKLEELELDEQQRKRLEAFLTQKQ
KVGELKDDDFEKISELGAGNGGVVFKVSHKPSGLVMARKLIHLEIKPAIRNQIIRELQVLHECNSPYIVGFYGAFYSDGE
ISICMEHMDGGSLDQVLKKAGRIPEQILGKVSIAVIKGLTYLREKHKIMHRDVKPSNILVNSRGEIKLCDFGVSGQLIDA
MANAFVGTRSYMSPERLQGTHYSVQSDIWSMGLSLVEMAVGRYPIPPPDAKELELMFGCQVEGDAAETPPRPRTPGRPLS
SYGMDSRPPMAIFELLDYIVNEPPPKLPSGVFSLEFQDFVNKCLIKNPAERADLKQLMVHAFIKRSDAEEVDFAGWLCST
IGLNQPSTPTHAAG
;
C
3 'polypeptide(L)'
;MSVDKEELVQRAKLAEQAERYDDMAAAMKEVTETGVELSNEERNLLSVAYKNVVGARRSSWRVISSIEQKTEGSERKQQM
AKEYRVKVEKELREICYDVLGLLDKHLIPKASNPESKVFYLKMKGDYYRYLAEVATGETRNSVVEDSQKAYQDAFEISKA
KMQPTHPIRLGLALNFSVFYYEILNSPDKACQLAKQAFDDAIAELDTLNEDSYKDSTLIMQLLRDNLTLWTSDTQGDGDE
PAEGGDN
;
X,Y
#
# COMPACT_ATOMS: atom_id res chain seq x y z
N ASP A 476 -23.91 22.76 3.34
CA ASP A 476 -23.56 22.38 4.71
C ASP A 476 -23.18 20.90 4.81
N TRP A 477 -22.27 20.59 5.74
CA TRP A 477 -21.64 19.28 5.79
C TRP A 477 -21.94 18.50 7.07
N GLU A 478 -22.96 18.95 7.80
CA GLU A 478 -23.40 18.22 8.97
C GLU A 478 -24.18 16.97 8.54
N ILE A 479 -23.71 15.82 9.00
CA ILE A 479 -24.36 14.55 8.74
C ILE A 479 -25.37 14.26 9.83
N PRO A 480 -26.67 14.32 9.49
CA PRO A 480 -27.73 13.99 10.45
C PRO A 480 -27.44 12.70 11.21
N ASP A 481 -27.75 12.67 12.50
CA ASP A 481 -27.43 11.56 13.38
C ASP A 481 -28.07 10.26 12.89
N GLY A 482 -27.40 9.14 13.16
CA GLY A 482 -27.92 7.84 12.82
C GLY A 482 -27.37 7.26 11.55
N GLN A 483 -26.98 8.12 10.60
CA GLN A 483 -26.50 7.67 9.30
C GLN A 483 -25.15 6.95 9.36
N ILE A 484 -24.26 7.45 10.21
CA ILE A 484 -22.92 6.86 10.36
C ILE A 484 -22.92 5.56 11.18
N THR A 485 -22.16 4.57 10.73
CA THR A 485 -22.16 3.27 11.37
C THR A 485 -20.72 2.88 11.77
N VAL A 486 -20.28 3.39 12.93
CA VAL A 486 -18.95 3.11 13.49
C VAL A 486 -18.64 1.62 13.64
N GLY A 487 -17.43 1.23 13.22
CA GLY A 487 -16.98 -0.15 13.31
C GLY A 487 -15.67 -0.29 14.07
N GLN A 488 -14.65 -0.88 13.43
CA GLN A 488 -13.37 -1.18 14.07
C GLN A 488 -12.62 0.06 14.58
N ARG A 489 -11.48 -0.15 15.23
CA ARG A 489 -10.67 0.94 15.72
C ARG A 489 -9.29 0.82 15.08
N ILE A 490 -8.53 1.91 15.07
CA ILE A 490 -7.21 1.91 14.44
C ILE A 490 -6.17 2.55 15.35
N GLY A 491 -6.49 3.74 15.85
CA GLY A 491 -5.59 4.49 16.73
C GLY A 491 -6.37 5.36 17.69
N GLY A 496 -7.50 12.90 18.99
CA GLY A 496 -8.68 12.08 19.20
C GLY A 496 -8.50 10.63 18.73
N THR A 497 -9.61 9.90 18.62
CA THR A 497 -9.64 8.46 18.29
C THR A 497 -10.31 8.13 16.93
N VAL A 498 -9.73 7.20 16.17
CA VAL A 498 -10.16 6.92 14.80
C VAL A 498 -10.74 5.53 14.55
N TYR A 499 -11.94 5.49 13.99
CA TYR A 499 -12.64 4.25 13.68
C TYR A 499 -12.91 4.05 12.18
N LYS A 500 -13.03 2.80 11.75
CA LYS A 500 -13.51 2.55 10.39
C LYS A 500 -15.01 2.40 10.46
N GLY A 501 -15.72 3.21 9.67
CA GLY A 501 -17.17 3.24 9.75
C GLY A 501 -17.83 3.05 8.41
N LYS A 502 -19.06 3.50 8.32
CA LYS A 502 -19.89 3.32 7.14
C LYS A 502 -20.78 4.54 6.98
N TRP A 503 -20.67 5.18 5.83
CA TRP A 503 -21.59 6.24 5.46
C TRP A 503 -21.46 6.53 3.97
N HIS A 504 -22.29 5.87 3.17
CA HIS A 504 -22.20 5.90 1.72
C HIS A 504 -20.91 5.27 1.29
N GLY A 505 -20.61 4.11 1.87
CA GLY A 505 -19.39 3.39 1.58
C GLY A 505 -18.45 3.41 2.78
N ASP A 506 -17.28 2.80 2.63
CA ASP A 506 -16.28 2.85 3.68
C ASP A 506 -15.84 4.29 3.91
N VAL A 507 -15.82 4.71 5.17
CA VAL A 507 -15.26 6.01 5.55
C VAL A 507 -14.38 5.86 6.76
N ALA A 508 -13.62 6.90 7.06
CA ALA A 508 -12.87 6.98 8.30
C ALA A 508 -13.57 7.95 9.25
N VAL A 509 -13.82 7.51 10.48
CA VAL A 509 -14.49 8.36 11.48
C VAL A 509 -13.58 8.71 12.66
N LYS A 510 -13.32 9.99 12.88
CA LYS A 510 -12.44 10.42 13.97
C LYS A 510 -13.23 11.08 15.09
N MET A 511 -13.29 10.43 16.24
CA MET A 511 -14.18 10.84 17.31
C MET A 511 -13.50 11.38 18.55
N LEU A 512 -14.22 12.25 19.24
CA LEU A 512 -13.84 12.71 20.56
C LEU A 512 -14.57 11.84 21.58
N ASN A 513 -13.95 10.71 21.91
CA ASN A 513 -14.54 9.66 22.75
C ASN A 513 -15.44 10.12 23.87
N VAL A 514 -15.03 11.19 24.54
CA VAL A 514 -15.69 11.61 25.77
C VAL A 514 -17.12 12.11 25.56
N THR A 515 -17.74 12.54 26.66
CA THR A 515 -19.19 12.77 26.70
C THR A 515 -19.52 14.25 26.91
N ALA A 516 -18.67 14.95 27.66
CA ALA A 516 -18.87 16.37 27.92
C ALA A 516 -17.75 17.16 27.25
N PRO A 517 -18.00 17.63 26.03
CA PRO A 517 -16.98 18.38 25.29
C PRO A 517 -16.72 19.77 25.90
N THR A 518 -15.52 19.97 26.43
CA THR A 518 -15.12 21.26 26.99
C THR A 518 -15.15 22.26 25.86
N PRO A 519 -15.34 23.55 26.18
CA PRO A 519 -15.37 24.54 25.10
C PRO A 519 -14.03 24.65 24.37
N GLN A 520 -12.99 24.04 24.93
CA GLN A 520 -11.70 24.03 24.27
C GLN A 520 -11.63 22.90 23.24
N GLN A 521 -12.18 21.75 23.60
CA GLN A 521 -12.30 20.65 22.67
C GLN A 521 -13.28 21.02 21.58
N LEU A 522 -14.23 21.88 21.92
CA LEU A 522 -15.21 22.34 20.96
C LEU A 522 -14.59 23.23 19.90
N GLN A 523 -13.81 24.22 20.31
CA GLN A 523 -13.15 25.11 19.34
C GLN A 523 -12.12 24.33 18.53
N ALA A 524 -11.64 23.24 19.09
CA ALA A 524 -10.66 22.41 18.40
C ALA A 524 -11.40 21.87 17.19
N PHE A 525 -12.49 21.15 17.47
CA PHE A 525 -13.39 20.61 16.47
C PHE A 525 -13.84 21.64 15.43
N LYS A 526 -14.44 22.74 15.87
CA LYS A 526 -14.82 23.82 14.97
C LYS A 526 -13.67 24.24 14.05
N ASN A 527 -12.47 24.35 14.60
CA ASN A 527 -11.32 24.79 13.82
C ASN A 527 -10.89 23.74 12.81
N GLU A 528 -10.88 22.48 13.23
CA GLU A 528 -10.39 21.42 12.35
C GLU A 528 -11.31 21.23 11.16
N VAL A 529 -12.61 21.34 11.42
CA VAL A 529 -13.61 21.26 10.38
C VAL A 529 -13.45 22.45 9.47
N GLY A 530 -13.25 23.61 10.08
CA GLY A 530 -13.09 24.85 9.33
C GLY A 530 -12.00 24.75 8.27
N VAL A 531 -10.89 24.10 8.63
CA VAL A 531 -9.75 23.97 7.73
C VAL A 531 -10.09 22.96 6.63
N LEU A 532 -10.60 21.79 7.02
CA LEU A 532 -10.84 20.75 6.05
C LEU A 532 -11.78 21.23 4.95
N ARG A 533 -12.82 21.98 5.36
CA ARG A 533 -13.81 22.55 4.46
C ARG A 533 -13.19 23.27 3.29
N LYS A 534 -12.01 23.84 3.48
CA LYS A 534 -11.38 24.59 2.41
C LYS A 534 -10.49 23.72 1.53
N THR A 535 -10.46 22.41 1.76
CA THR A 535 -9.59 21.56 0.94
C THR A 535 -10.32 20.67 -0.05
N ARG A 536 -9.89 20.78 -1.30
CA ARG A 536 -10.33 19.88 -2.37
C ARG A 536 -9.15 19.70 -3.31
N HIS A 537 -8.41 18.63 -3.12
CA HIS A 537 -7.21 18.38 -3.89
C HIS A 537 -6.92 16.90 -3.75
N VAL A 538 -6.45 16.27 -4.82
CA VAL A 538 -6.23 14.83 -4.77
C VAL A 538 -5.16 14.39 -3.74
N ASN A 539 -4.32 15.29 -3.25
CA ASN A 539 -3.33 14.90 -2.23
C ASN A 539 -3.69 15.33 -0.83
N ILE A 540 -4.87 15.93 -0.66
CA ILE A 540 -5.36 16.10 0.69
C ILE A 540 -6.44 15.05 0.90
N LEU A 541 -6.34 14.34 2.03
CA LEU A 541 -7.30 13.30 2.37
C LEU A 541 -8.69 13.91 2.39
N LEU A 542 -9.65 13.25 1.77
CA LEU A 542 -10.92 13.90 1.46
C LEU A 542 -11.89 14.04 2.64
N PHE A 543 -12.04 15.26 3.13
CA PHE A 543 -13.03 15.53 4.14
C PHE A 543 -14.42 15.27 3.54
N MET A 544 -15.27 14.54 4.26
CA MET A 544 -16.62 14.22 3.76
C MET A 544 -17.78 14.85 4.54
N GLY A 545 -17.58 15.08 5.82
CA GLY A 545 -18.59 15.75 6.63
C GLY A 545 -18.35 15.52 8.10
N TYR A 546 -19.13 16.19 8.94
CA TYR A 546 -18.94 16.05 10.38
C TYR A 546 -20.25 15.74 11.11
N SER A 547 -20.13 15.12 12.28
CA SER A 547 -21.29 14.87 13.11
C SER A 547 -21.11 15.50 14.48
N THR A 548 -22.20 15.96 15.07
CA THR A 548 -22.19 16.52 16.42
C THR A 548 -22.91 15.65 17.46
N LYS A 549 -24.15 15.28 17.18
CA LYS A 549 -25.04 14.71 18.20
C LYS A 549 -24.57 13.47 18.97
N PRO A 550 -24.21 12.38 18.27
CA PRO A 550 -23.76 11.23 19.08
C PRO A 550 -22.49 11.59 19.87
N GLN A 551 -21.42 11.84 19.15
CA GLN A 551 -20.21 12.44 19.70
C GLN A 551 -19.74 13.42 18.62
N LEU A 552 -18.79 14.28 18.95
CA LEU A 552 -18.16 15.12 17.94
C LEU A 552 -17.31 14.20 17.03
N ALA A 553 -17.49 14.31 15.71
CA ALA A 553 -16.72 13.45 14.80
C ALA A 553 -16.49 14.05 13.42
N ILE A 554 -15.36 13.67 12.83
CA ILE A 554 -15.04 14.10 11.49
C ILE A 554 -15.01 12.88 10.59
N VAL A 555 -15.76 12.93 9.50
CA VAL A 555 -15.79 11.86 8.51
C VAL A 555 -14.96 12.19 7.27
N THR A 556 -14.09 11.27 6.87
CA THR A 556 -13.25 11.45 5.69
C THR A 556 -13.25 10.18 4.86
N GLN A 557 -12.72 10.24 3.64
CA GLN A 557 -12.60 9.05 2.78
C GLN A 557 -11.88 7.95 3.53
N TRP A 558 -12.18 6.70 3.22
CA TRP A 558 -11.40 5.60 3.77
C TRP A 558 -10.19 5.36 2.88
N CYS A 559 -9.07 4.95 3.45
CA CYS A 559 -7.93 4.61 2.63
C CYS A 559 -7.62 3.14 2.70
N GLU A 560 -7.40 2.55 1.53
CA GLU A 560 -6.90 1.20 1.48
C GLU A 560 -5.41 1.37 1.32
N GLY A 561 -4.64 0.65 2.12
CA GLY A 561 -3.20 0.77 2.03
C GLY A 561 -2.66 1.57 3.18
N SER A 562 -1.34 1.60 3.29
CA SER A 562 -0.71 2.00 4.53
C SER A 562 -0.16 3.42 4.52
N SER A 563 0.27 3.87 5.69
CA SER A 563 0.90 5.18 5.82
C SER A 563 2.32 5.09 5.31
N LEU A 564 2.93 6.24 5.08
CA LEU A 564 4.29 6.22 4.60
C LEU A 564 5.18 5.69 5.71
N TYR A 565 4.78 5.97 6.95
CA TYR A 565 5.49 5.49 8.13
C TYR A 565 5.56 3.99 8.08
N HIS A 566 4.42 3.38 7.79
CA HIS A 566 4.30 1.93 7.81
C HIS A 566 5.15 1.30 6.71
N HIS A 567 5.05 1.83 5.49
CA HIS A 567 5.90 1.34 4.41
C HIS A 567 7.38 1.43 4.76
N LEU A 568 7.81 2.59 5.24
CA LEU A 568 9.23 2.85 5.41
C LEU A 568 9.88 2.18 6.62
N HIS A 569 9.16 2.02 7.73
CA HIS A 569 9.80 1.59 8.96
C HIS A 569 9.22 0.31 9.52
N ILE A 570 8.14 -0.19 8.93
CA ILE A 570 7.49 -1.39 9.42
C ILE A 570 7.66 -2.54 8.43
N ILE A 571 7.09 -2.39 7.24
CA ILE A 571 7.22 -3.43 6.24
C ILE A 571 8.37 -3.15 5.26
N GLU A 572 9.12 -2.10 5.54
CA GLU A 572 10.33 -1.73 4.80
C GLU A 572 10.21 -1.93 3.30
N THR A 573 9.13 -1.41 2.73
CA THR A 573 8.83 -1.54 1.31
C THR A 573 10.01 -1.09 0.45
N LYS A 574 10.39 -1.90 -0.53
CA LYS A 574 11.57 -1.57 -1.30
C LYS A 574 11.19 -0.74 -2.53
N PHE A 575 10.85 0.52 -2.28
CA PHE A 575 10.47 1.41 -3.36
C PHE A 575 11.68 1.69 -4.22
N GLU A 576 11.47 1.81 -5.54
CA GLU A 576 12.50 2.34 -6.43
C GLU A 576 12.66 3.84 -6.23
N MET A 577 13.85 4.35 -6.49
CA MET A 577 14.16 5.77 -6.25
C MET A 577 13.21 6.70 -7.02
N ILE A 578 12.80 6.31 -8.22
CA ILE A 578 11.83 7.13 -8.95
C ILE A 578 10.49 7.25 -8.16
N LYS A 579 10.13 6.21 -7.40
CA LYS A 579 8.90 6.19 -6.61
C LYS A 579 9.04 7.10 -5.40
N LEU A 580 10.14 6.93 -4.67
CA LEU A 580 10.50 7.79 -3.56
C LEU A 580 10.49 9.26 -3.96
N ILE A 581 11.05 9.56 -5.13
CA ILE A 581 11.04 10.94 -5.59
C ILE A 581 9.60 11.38 -5.83
N ASP A 582 8.80 10.47 -6.37
CA ASP A 582 7.44 10.79 -6.68
C ASP A 582 6.61 11.02 -5.41
N ILE A 583 6.93 10.29 -4.36
CA ILE A 583 6.21 10.45 -3.09
C ILE A 583 6.54 11.81 -2.50
N ALA A 584 7.81 12.16 -2.56
CA ALA A 584 8.27 13.50 -2.24
C ALA A 584 7.45 14.51 -3.01
N ARG A 585 7.40 14.34 -4.33
CA ARG A 585 6.70 15.26 -5.23
CA ARG A 585 6.70 15.23 -5.27
C ARG A 585 5.23 15.44 -4.90
N GLN A 586 4.55 14.34 -4.66
CA GLN A 586 3.14 14.46 -4.35
C GLN A 586 2.95 15.13 -3.00
N THR A 587 3.73 14.71 -2.00
CA THR A 587 3.62 15.30 -0.67
C THR A 587 3.80 16.81 -0.76
N ALA A 588 4.80 17.23 -1.53
CA ALA A 588 5.02 18.64 -1.81
C ALA A 588 3.80 19.29 -2.48
N GLN A 589 3.18 18.57 -3.42
CA GLN A 589 2.01 19.05 -4.14
C GLN A 589 0.85 19.37 -3.20
N GLY A 590 0.56 18.44 -2.29
CA GLY A 590 -0.46 18.68 -1.29
C GLY A 590 -0.14 19.84 -0.35
N MET A 591 1.13 19.96 0.02
CA MET A 591 1.53 21.04 0.93
C MET A 591 1.47 22.38 0.24
N ASP A 592 1.76 22.38 -1.06
CA ASP A 592 1.79 23.59 -1.83
C ASP A 592 0.39 24.14 -1.88
N TYR A 593 -0.55 23.21 -2.06
CA TYR A 593 -1.95 23.54 -2.14
C TYR A 593 -2.50 24.11 -0.83
N LEU A 594 -2.09 23.53 0.30
CA LEU A 594 -2.50 24.06 1.60
C LEU A 594 -1.92 25.45 1.85
N HIS A 595 -0.63 25.62 1.59
CA HIS A 595 -0.02 26.90 1.93
C HIS A 595 -0.60 28.00 1.07
N ALA A 596 -0.99 27.62 -0.15
CA ALA A 596 -1.58 28.53 -1.14
C ALA A 596 -2.89 29.09 -0.66
N LYS A 597 -3.59 28.31 0.18
CA LYS A 597 -4.78 28.81 0.86
C LYS A 597 -4.48 29.17 2.32
N SER A 598 -3.22 29.41 2.66
CA SER A 598 -2.83 29.91 3.98
C SER A 598 -3.07 28.95 5.18
N ILE A 599 -3.04 27.66 4.92
CA ILE A 599 -3.21 26.69 5.97
C ILE A 599 -1.85 26.18 6.34
N ILE A 600 -1.51 26.27 7.62
CA ILE A 600 -0.32 25.61 8.13
C ILE A 600 -0.75 24.33 8.83
N HIS A 601 -0.18 23.21 8.41
CA HIS A 601 -0.64 21.92 8.87
C HIS A 601 -0.26 21.64 10.32
N ARG A 602 1.01 21.94 10.64
CA ARG A 602 1.59 21.84 12.00
C ARG A 602 1.81 20.44 12.57
N ASP A 603 1.45 19.40 11.84
CA ASP A 603 1.68 18.05 12.31
C ASP A 603 1.97 17.12 11.13
N LEU A 604 2.73 17.63 10.16
CA LEU A 604 3.17 16.82 9.04
C LEU A 604 4.24 15.84 9.48
N LYS A 605 4.08 14.56 9.11
CA LYS A 605 5.03 13.50 9.43
C LYS A 605 4.59 12.23 8.72
N SER A 606 5.52 11.31 8.51
CA SER A 606 5.28 10.00 7.89
C SER A 606 3.91 9.36 8.14
N ASN A 607 3.46 9.40 9.37
CA ASN A 607 2.20 8.77 9.74
C ASN A 607 0.99 9.46 9.13
N ASN A 608 1.15 10.73 8.77
CA ASN A 608 0.03 11.52 8.30
C ASN A 608 0.11 11.66 6.80
N ILE A 609 0.86 10.76 6.18
CA ILE A 609 1.01 10.72 4.73
C ILE A 609 0.65 9.31 4.29
N PHE A 610 -0.50 9.16 3.63
CA PHE A 610 -0.97 7.83 3.26
C PHE A 610 -0.74 7.53 1.78
N LEU A 611 -0.16 6.37 1.48
CA LEU A 611 -0.06 5.93 0.10
C LEU A 611 -1.32 5.17 -0.21
N HIS A 612 -2.31 5.90 -0.70
CA HIS A 612 -3.65 5.38 -1.01
C HIS A 612 -3.54 4.51 -2.23
N GLU A 613 -4.08 3.30 -2.16
CA GLU A 613 -3.95 2.30 -3.23
C GLU A 613 -2.50 2.13 -3.71
N ASP A 614 -1.54 2.46 -2.84
CA ASP A 614 -0.10 2.42 -3.11
C ASP A 614 0.40 3.39 -4.20
N LEU A 615 -0.48 4.30 -4.63
CA LEU A 615 -0.23 5.11 -5.84
C LEU A 615 -0.41 6.61 -5.67
N THR A 616 -1.01 7.03 -4.57
CA THR A 616 -1.41 8.42 -4.43
C THR A 616 -1.25 8.90 -3.02
N VAL A 617 -0.47 9.97 -2.83
CA VAL A 617 -0.18 10.44 -1.51
C VAL A 617 -1.33 11.29 -1.03
N LYS A 618 -1.97 10.88 0.07
CA LYS A 618 -2.96 11.71 0.69
C LYS A 618 -2.49 12.17 2.08
N ILE A 619 -2.27 13.47 2.25
CA ILE A 619 -1.93 14.04 3.56
C ILE A 619 -3.16 14.19 4.47
N GLY A 620 -3.11 13.65 5.68
CA GLY A 620 -4.25 13.71 6.57
C GLY A 620 -3.99 14.30 7.94
N ASP A 621 -4.84 13.95 8.90
CA ASP A 621 -4.78 14.47 10.29
C ASP A 621 -4.60 15.97 10.40
N PHE A 622 -5.69 16.73 10.36
CA PHE A 622 -5.60 18.18 10.42
C PHE A 622 -5.97 18.70 11.80
N GLY A 623 -5.78 17.84 12.79
CA GLY A 623 -6.03 18.18 14.18
C GLY A 623 -5.21 19.34 14.74
N LEU A 624 -4.09 19.68 14.12
CA LEU A 624 -3.32 20.82 14.61
C LEU A 624 -3.30 21.95 13.58
N ALA A 625 -3.94 21.70 12.44
CA ALA A 625 -3.94 22.67 11.34
C ALA A 625 -4.57 23.99 11.77
N THR A 626 -4.10 25.07 11.15
CA THR A 626 -4.53 26.41 11.51
C THR A 626 -4.41 27.30 10.29
N VAL A 627 -5.19 28.38 10.29
CA VAL A 627 -5.12 29.35 9.21
C VAL A 627 -4.43 30.62 9.70
N LYS A 628 -3.41 31.08 8.97
CA LYS A 628 -2.71 32.33 9.31
C LYS A 628 -3.61 33.55 9.46
N SER A 629 -3.65 34.12 10.67
CA SER A 629 -4.39 35.36 10.92
C SER A 629 -3.61 36.61 10.50
N ARG A 630 -4.28 37.53 9.82
CA ARG A 630 -3.66 38.78 9.37
C ARG A 630 -3.14 39.60 10.55
N TRP A 631 -3.74 39.40 11.72
CA TRP A 631 -3.39 40.17 12.91
C TRP A 631 -2.66 39.41 14.04
N SER A 632 -1.52 39.98 14.44
CA SER A 632 -0.56 39.37 15.34
C SER A 632 -1.03 39.11 16.78
N GLY A 633 -2.14 39.71 17.18
CA GLY A 633 -2.62 39.58 18.54
C GLY A 633 -3.78 38.62 18.75
N SER A 634 -4.16 37.93 17.69
CA SER A 634 -5.25 36.95 17.76
C SER A 634 -4.71 35.64 18.31
N HIS A 635 -3.38 35.48 18.20
CA HIS A 635 -2.73 34.21 18.51
C HIS A 635 -3.04 33.69 19.91
N GLN A 636 -2.51 34.37 20.92
CA GLN A 636 -2.63 33.94 22.32
C GLN A 636 -1.87 32.64 22.59
N PHE A 637 -2.26 31.95 23.66
CA PHE A 637 -1.48 30.85 24.22
C PHE A 637 -1.99 29.44 23.91
N GLU A 638 -1.11 28.63 23.31
CA GLU A 638 -1.39 27.25 22.96
C GLU A 638 -0.24 26.37 23.48
N GLN A 639 -0.56 25.33 24.26
CA GLN A 639 0.46 24.44 24.80
C GLN A 639 1.08 23.63 23.66
N LEU A 640 2.41 23.68 23.53
CA LEU A 640 3.11 23.00 22.44
C LEU A 640 2.81 21.51 22.43
N SER A 641 2.27 21.01 21.30
CA SER A 641 2.11 19.57 21.09
C SER A 641 2.51 19.10 19.68
N GLY A 642 2.84 17.82 19.57
CA GLY A 642 3.36 17.32 18.32
C GLY A 642 4.48 16.32 18.51
N SER A 643 4.86 15.64 17.42
CA SER A 643 5.92 14.66 17.44
C SER A 643 7.28 15.36 17.31
N ILE A 644 8.24 15.05 18.17
CA ILE A 644 9.48 15.85 18.26
C ILE A 644 10.40 15.70 17.04
N LEU A 645 10.44 14.51 16.47
CA LEU A 645 11.34 14.25 15.36
C LEU A 645 11.07 15.13 14.14
N TRP A 646 9.86 15.71 14.06
CA TRP A 646 9.53 16.56 12.94
C TRP A 646 9.42 18.04 13.28
N MET A 647 9.65 18.39 14.55
CA MET A 647 9.53 19.79 15.00
C MET A 647 10.77 20.61 14.73
N ALA A 648 10.56 21.77 14.11
CA ALA A 648 11.66 22.65 13.79
C ALA A 648 12.25 23.25 15.06
N PRO A 649 13.54 23.63 15.02
CA PRO A 649 14.15 24.15 16.23
C PRO A 649 13.40 25.36 16.80
N GLU A 650 12.99 26.28 15.94
CA GLU A 650 12.24 27.45 16.39
C GLU A 650 10.89 27.07 17.04
N VAL A 651 10.24 26.01 16.55
CA VAL A 651 8.99 25.55 17.15
C VAL A 651 9.27 25.00 18.55
N ILE A 652 10.26 24.11 18.65
CA ILE A 652 10.65 23.54 19.93
C ILE A 652 10.95 24.66 20.94
N ARG A 653 11.80 25.60 20.52
CA ARG A 653 12.20 26.69 21.41
C ARG A 653 10.99 27.46 21.89
N MET A 654 10.06 27.74 20.98
CA MET A 654 8.76 28.27 21.35
C MET A 654 8.97 29.64 22.03
N GLN A 655 9.82 30.46 21.41
CA GLN A 655 10.14 31.81 21.90
C GLN A 655 9.23 32.93 21.38
N ASP A 656 8.69 32.77 20.17
CA ASP A 656 7.78 33.78 19.58
C ASP A 656 6.39 33.59 20.10
N LYS A 657 5.49 34.53 19.79
CA LYS A 657 4.08 34.33 20.10
C LYS A 657 3.62 33.19 19.20
N ASN A 658 3.98 33.31 17.92
CA ASN A 658 3.70 32.25 16.94
C ASN A 658 4.93 31.80 16.16
N PRO A 659 5.55 30.70 16.63
CA PRO A 659 6.73 30.13 15.98
C PRO A 659 6.40 29.25 14.78
N TYR A 660 5.12 29.00 14.52
CA TYR A 660 4.80 28.24 13.32
C TYR A 660 4.82 29.14 12.09
N SER A 661 5.16 28.56 10.95
CA SER A 661 5.19 29.31 9.71
C SER A 661 5.09 28.30 8.59
N PHE A 662 4.97 28.73 7.35
CA PHE A 662 5.03 27.78 6.25
C PHE A 662 6.35 27.05 6.37
N GLN A 663 7.35 27.76 6.86
CA GLN A 663 8.69 27.21 6.92
C GLN A 663 8.79 26.07 7.92
N SER A 664 8.04 26.13 9.02
CA SER A 664 8.05 25.00 9.96
C SER A 664 7.51 23.71 9.34
N ASP A 665 6.43 23.83 8.57
CA ASP A 665 5.93 22.74 7.72
C ASP A 665 7.01 22.20 6.78
N VAL A 666 7.75 23.11 6.14
CA VAL A 666 8.84 22.67 5.27
C VAL A 666 9.86 21.81 6.03
N TYR A 667 10.25 22.26 7.22
CA TYR A 667 11.18 21.49 8.02
C TYR A 667 10.68 20.05 8.27
N ALA A 668 9.44 19.92 8.67
CA ALA A 668 8.84 18.61 8.85
C ALA A 668 8.99 17.83 7.55
N PHE A 669 8.65 18.46 6.43
CA PHE A 669 8.78 17.80 5.13
C PHE A 669 10.25 17.43 4.90
N GLY A 670 11.15 18.25 5.43
CA GLY A 670 12.56 17.95 5.38
C GLY A 670 12.86 16.62 6.07
N ILE A 671 12.29 16.40 7.26
CA ILE A 671 12.47 15.13 7.96
C ILE A 671 11.84 13.97 7.16
N VAL A 672 10.75 14.26 6.47
CA VAL A 672 10.16 13.25 5.61
C VAL A 672 11.11 12.87 4.48
N LEU A 673 11.77 13.86 3.87
CA LEU A 673 12.78 13.55 2.86
C LEU A 673 13.82 12.64 3.45
N TYR A 674 14.20 12.93 4.71
CA TYR A 674 15.17 12.13 5.44
C TYR A 674 14.71 10.67 5.50
N GLU A 675 13.49 10.43 5.96
CA GLU A 675 13.00 9.07 6.02
C GLU A 675 13.02 8.44 4.64
N LEU A 676 12.64 9.22 3.62
CA LEU A 676 12.56 8.70 2.26
C LEU A 676 13.93 8.35 1.68
N MET A 677 14.89 9.24 1.87
CA MET A 677 16.22 9.01 1.30
C MET A 677 17.13 8.15 2.18
N THR A 678 16.74 7.86 3.42
CA THR A 678 17.60 7.06 4.28
C THR A 678 16.96 5.77 4.75
N GLY A 679 15.66 5.74 4.92
CA GLY A 679 15.03 4.53 5.40
C GLY A 679 14.93 4.46 6.91
N GLN A 680 15.46 5.46 7.59
CA GLN A 680 15.40 5.48 9.04
C GLN A 680 14.97 6.84 9.59
N LEU A 681 14.43 6.85 10.81
CA LEU A 681 14.13 8.09 11.51
C LEU A 681 15.42 8.75 11.93
N PRO A 682 15.38 10.06 12.22
CA PRO A 682 16.59 10.73 12.71
C PRO A 682 16.92 10.37 14.16
N TYR A 683 18.17 10.60 14.55
CA TYR A 683 18.64 10.41 15.91
C TYR A 683 18.46 8.99 16.49
N SER A 684 18.73 7.98 15.69
CA SER A 684 18.51 6.60 16.10
C SER A 684 19.42 6.12 17.24
N ASN A 685 20.50 6.84 17.49
CA ASN A 685 21.39 6.48 18.59
C ASN A 685 20.93 7.06 19.93
N ILE A 686 20.05 8.06 19.87
CA ILE A 686 19.54 8.74 21.05
C ILE A 686 18.12 8.30 21.36
N ASN A 687 17.88 7.87 22.59
CA ASN A 687 16.56 7.37 22.97
C ASN A 687 16.00 8.14 24.12
N ASN A 688 16.71 9.20 24.51
CA ASN A 688 16.29 10.14 25.55
C ASN A 688 15.42 11.24 24.93
N ARG A 689 14.12 11.21 25.21
CA ARG A 689 13.17 12.13 24.61
C ARG A 689 13.48 13.62 24.91
N ASP A 690 13.59 13.93 26.21
CA ASP A 690 13.94 15.27 26.64
C ASP A 690 15.31 15.73 26.08
N GLN A 691 16.26 14.81 25.91
CA GLN A 691 17.56 15.21 25.40
C GLN A 691 17.45 15.74 23.96
N ILE A 692 16.69 15.02 23.13
CA ILE A 692 16.43 15.42 21.74
C ILE A 692 15.76 16.78 21.65
N ILE A 693 14.70 16.98 22.44
CA ILE A 693 14.06 18.30 22.50
C ILE A 693 15.07 19.38 22.86
N PHE A 694 15.86 19.14 23.89
CA PHE A 694 16.86 20.10 24.33
C PHE A 694 18.00 20.31 23.32
N MET A 695 18.54 19.24 22.76
CA MET A 695 19.66 19.40 21.82
C MET A 695 19.26 19.94 20.46
N VAL A 696 18.03 19.70 20.04
CA VAL A 696 17.62 20.19 18.75
C VAL A 696 17.29 21.67 18.91
N GLY A 697 16.56 22.00 19.97
CA GLY A 697 16.22 23.40 20.20
C GLY A 697 17.44 24.29 20.37
N ARG A 698 18.54 23.71 20.80
CA ARG A 698 19.73 24.46 21.17
C ARG A 698 20.66 24.62 19.98
N GLY A 699 20.48 23.79 18.98
CA GLY A 699 21.35 23.79 17.82
C GLY A 699 22.42 22.70 17.83
N TYR A 700 22.56 21.99 18.94
CA TYR A 700 23.58 20.96 19.03
C TYR A 700 23.30 19.79 18.08
N LEU A 701 22.03 19.42 17.99
CA LEU A 701 21.65 18.20 17.28
C LEU A 701 20.89 18.51 15.98
N SER A 702 21.21 17.75 14.93
CA SER A 702 20.56 17.90 13.63
C SER A 702 20.80 16.62 12.83
N PRO A 703 19.95 16.32 11.85
CA PRO A 703 20.00 14.99 11.23
C PRO A 703 21.32 14.73 10.54
N ASP A 704 21.77 13.49 10.59
CA ASP A 704 23.05 13.13 10.03
C ASP A 704 22.84 12.79 8.59
N LEU A 705 23.11 13.74 7.71
CA LEU A 705 22.78 13.58 6.29
C LEU A 705 23.62 12.53 5.58
N SER A 706 24.66 12.06 6.26
CA SER A 706 25.53 11.04 5.67
C SER A 706 24.84 9.70 5.53
N LYS A 707 23.66 9.57 6.11
CA LYS A 707 22.99 8.28 6.17
C LYS A 707 22.06 8.06 5.00
N VAL A 708 22.05 9.02 4.08
CA VAL A 708 21.26 8.87 2.84
C VAL A 708 21.81 7.70 2.07
N ARG A 709 20.92 6.89 1.50
CA ARG A 709 21.37 5.78 0.68
C ARG A 709 22.06 6.29 -0.59
N SER A 710 22.99 5.50 -1.13
CA SER A 710 23.86 5.93 -2.23
C SER A 710 23.13 6.23 -3.56
N ASN A 711 21.95 5.65 -3.77
CA ASN A 711 21.19 5.96 -4.98
C ASN A 711 20.40 7.25 -4.90
N CYS A 712 20.62 8.04 -3.85
CA CYS A 712 19.87 9.28 -3.69
C CYS A 712 20.49 10.40 -4.52
N PRO A 713 19.75 10.89 -5.51
CA PRO A 713 20.21 11.96 -6.40
C PRO A 713 20.80 13.08 -5.58
N LYS A 714 21.92 13.64 -6.03
CA LYS A 714 22.57 14.72 -5.30
C LYS A 714 21.63 15.90 -5.07
N ALA A 715 20.72 16.12 -6.01
CA ALA A 715 19.79 17.24 -5.94
C ALA A 715 18.82 17.07 -4.75
N MET A 716 18.48 15.83 -4.45
CA MET A 716 17.62 15.50 -3.32
C MET A 716 18.32 15.73 -1.98
N LYS A 717 19.54 15.22 -1.86
CA LYS A 717 20.34 15.47 -0.69
C LYS A 717 20.45 16.95 -0.41
N ARG A 718 20.76 17.74 -1.44
CA ARG A 718 20.83 19.20 -1.27
C ARG A 718 19.50 19.74 -0.85
N LEU A 719 18.42 19.30 -1.52
CA LEU A 719 17.08 19.80 -1.24
C LEU A 719 16.64 19.43 0.19
N MET A 720 17.02 18.25 0.64
CA MET A 720 16.76 17.85 1.99
C MET A 720 17.49 18.76 2.99
N ALA A 721 18.78 19.00 2.75
CA ALA A 721 19.57 19.84 3.64
C ALA A 721 19.03 21.24 3.67
N GLU A 722 18.43 21.67 2.57
CA GLU A 722 17.88 23.01 2.53
C GLU A 722 16.57 23.11 3.32
N CYS A 723 15.72 22.10 3.21
CA CYS A 723 14.48 22.11 3.96
C CYS A 723 14.77 22.06 5.45
N LEU A 724 15.94 21.52 5.80
CA LEU A 724 16.30 21.27 7.19
C LEU A 724 17.12 22.39 7.83
N LYS A 725 17.39 23.46 7.08
CA LYS A 725 18.17 24.58 7.62
C LYS A 725 17.62 25.05 8.96
N LYS A 726 18.50 25.42 9.88
CA LYS A 726 18.10 25.79 11.23
C LYS A 726 17.47 27.18 11.23
N LYS A 727 18.05 28.07 10.42
CA LYS A 727 17.51 29.42 10.26
C LYS A 727 16.30 29.32 9.33
N ARG A 728 15.10 29.38 9.88
CA ARG A 728 13.89 29.09 9.11
C ARG A 728 13.80 29.82 7.78
N ASP A 729 14.20 31.10 7.74
CA ASP A 729 14.07 31.88 6.51
C ASP A 729 14.95 31.34 5.40
N GLU A 730 15.97 30.56 5.75
CA GLU A 730 16.85 29.92 4.76
C GLU A 730 16.22 28.71 4.05
N ARG A 731 15.07 28.26 4.57
CA ARG A 731 14.35 27.08 4.01
C ARG A 731 13.46 27.55 2.85
N PRO A 732 13.51 26.87 1.68
CA PRO A 732 12.68 27.25 0.53
C PRO A 732 11.23 26.80 0.72
N LEU A 733 10.29 27.47 0.07
CA LEU A 733 8.84 27.17 0.21
C LEU A 733 8.37 26.11 -0.79
N PHE A 734 7.05 25.90 -0.84
CA PHE A 734 6.40 24.91 -1.74
C PHE A 734 6.67 25.27 -3.20
N PRO A 735 6.65 26.57 -3.58
CA PRO A 735 6.92 26.91 -4.99
C PRO A 735 8.35 26.47 -5.36
N GLN A 736 9.31 26.70 -4.45
CA GLN A 736 10.73 26.30 -4.67
C GLN A 736 10.80 24.77 -4.78
N ILE A 737 10.02 24.07 -3.94
CA ILE A 737 10.00 22.58 -3.98
C ILE A 737 9.50 22.13 -5.36
N LEU A 738 8.46 22.80 -5.87
CA LEU A 738 7.87 22.49 -7.20
C LEU A 738 8.92 22.76 -8.27
N ALA A 739 9.68 23.85 -8.11
CA ALA A 739 10.76 24.25 -9.04
C ALA A 739 11.84 23.15 -9.08
N SER A 740 12.19 22.61 -7.90
CA SER A 740 13.27 21.59 -7.81
C SER A 740 12.73 20.18 -7.94
N ILE A 741 11.49 19.93 -7.51
CA ILE A 741 10.92 18.55 -7.58
C ILE A 741 10.86 18.08 -9.03
N GLU A 742 10.52 18.93 -10.00
CA GLU A 742 10.44 18.42 -11.40
C GLU A 742 11.82 18.04 -11.97
N LEU A 743 12.78 18.97 -11.90
CA LEU A 743 14.11 18.80 -12.55
C LEU A 743 14.89 17.59 -12.01
N LEU A 744 14.90 17.34 -10.71
CA LEU A 744 15.68 16.19 -10.18
C LEU A 744 15.10 14.88 -10.74
N ALA A 745 13.78 14.77 -10.76
CA ALA A 745 13.13 13.54 -11.28
C ALA A 745 13.50 13.39 -12.75
N ARG A 746 13.43 14.49 -13.51
CA ARG A 746 13.76 14.40 -14.96
C ARG A 746 15.21 13.93 -15.14
N SER A 747 16.12 14.45 -14.32
CA SER A 747 17.57 14.13 -14.37
C SER A 747 17.86 12.65 -14.04
N LEU A 748 17.14 12.07 -13.07
CA LEU A 748 17.33 10.65 -12.68
C LEU A 748 16.39 9.78 -13.52
N PRO A 749 16.63 9.60 -14.84
CA PRO A 749 15.73 8.78 -15.66
C PRO A 749 15.75 7.30 -15.23
N LYS A 750 14.58 6.66 -15.20
CA LYS A 750 14.45 5.24 -14.80
C LYS A 750 14.55 4.34 -16.04
N ILE A 751 14.67 4.94 -17.23
CA ILE A 751 14.75 4.16 -18.49
C ILE A 751 16.02 3.31 -18.48
N HIS A 752 15.93 2.06 -18.94
CA HIS A 752 17.09 1.14 -18.98
C HIS A 752 16.88 0.07 -20.05
N ARG A 753 17.98 -0.57 -20.49
CA ARG A 753 18.06 -1.67 -21.49
C ARG A 753 17.79 -1.20 -22.93
N SER A 754 16.58 -0.70 -23.18
CA SER A 754 16.06 -0.10 -24.44
C SER A 754 16.52 -0.80 -25.72
N ALA A 755 15.87 -1.90 -26.08
CA ALA A 755 16.21 -2.69 -27.29
C ALA A 755 15.06 -3.67 -27.60
N GLU A 757 11.43 -3.34 -29.22
CA GLU A 757 10.10 -3.03 -28.64
C GLU A 757 9.01 -3.55 -29.59
N PRO A 758 8.05 -4.37 -29.12
CA PRO A 758 7.00 -4.89 -30.00
C PRO A 758 6.12 -3.76 -30.58
N SER A 759 5.78 -2.78 -29.74
CA SER A 759 4.94 -1.63 -30.17
C SER A 759 3.67 -2.15 -30.87
N ASP B 476 -13.10 29.61 -0.78
CA ASP B 476 -13.41 29.98 -2.16
C ASP B 476 -12.51 29.25 -3.16
N TRP B 477 -13.06 28.98 -4.35
CA TRP B 477 -12.41 28.10 -5.30
C TRP B 477 -12.04 28.78 -6.62
N GLU B 478 -12.04 30.11 -6.60
CA GLU B 478 -11.58 30.85 -7.76
C GLU B 478 -10.06 30.79 -7.85
N ILE B 479 -9.58 30.31 -8.99
CA ILE B 479 -8.16 30.24 -9.26
C ILE B 479 -7.70 31.52 -9.92
N PRO B 480 -6.91 32.34 -9.21
CA PRO B 480 -6.36 33.57 -9.78
C PRO B 480 -5.75 33.34 -11.16
N ASP B 481 -5.94 34.29 -12.07
CA ASP B 481 -5.53 34.16 -13.46
C ASP B 481 -4.03 33.94 -13.59
N GLY B 482 -3.63 33.22 -14.61
CA GLY B 482 -2.22 32.99 -14.89
C GLY B 482 -1.70 31.66 -14.40
N GLN B 483 -2.29 31.13 -13.33
CA GLN B 483 -1.81 29.90 -12.72
C GLN B 483 -2.03 28.66 -13.60
N ILE B 484 -3.17 28.62 -14.29
CA ILE B 484 -3.52 27.49 -15.16
C ILE B 484 -2.75 27.51 -16.50
N THR B 485 -2.28 26.35 -16.93
CA THR B 485 -1.47 26.27 -18.14
C THR B 485 -2.10 25.28 -19.14
N VAL B 486 -3.09 25.76 -19.89
CA VAL B 486 -3.79 24.97 -20.91
C VAL B 486 -2.87 24.31 -21.94
N GLY B 487 -3.11 23.03 -22.23
CA GLY B 487 -2.32 22.28 -23.20
C GLY B 487 -3.19 21.66 -24.29
N GLN B 488 -3.09 20.33 -24.45
CA GLN B 488 -3.79 19.61 -25.53
C GLN B 488 -5.31 19.74 -25.50
N ARG B 489 -5.97 19.16 -26.49
CA ARG B 489 -7.43 19.18 -26.54
C ARG B 489 -7.90 17.74 -26.57
N ILE B 490 -9.16 17.51 -26.21
CA ILE B 490 -9.71 16.15 -26.16
C ILE B 490 -11.07 16.08 -26.86
N GLY B 491 -11.97 16.99 -26.49
CA GLY B 491 -13.30 17.05 -27.07
C GLY B 491 -13.84 18.46 -27.08
N GLY B 496 -19.41 22.56 -23.61
CA GLY B 496 -18.18 23.30 -23.83
C GLY B 496 -17.04 22.42 -24.32
N THR B 497 -15.82 22.97 -24.27
CA THR B 497 -14.59 22.32 -24.78
C THR B 497 -13.53 21.96 -23.68
N VAL B 498 -12.93 20.79 -23.80
CA VAL B 498 -12.04 20.26 -22.75
C VAL B 498 -10.57 20.10 -23.12
N TYR B 499 -9.69 20.69 -22.31
CA TYR B 499 -8.25 20.64 -22.53
C TYR B 499 -7.49 19.95 -21.38
N LYS B 500 -6.32 19.40 -21.68
CA LYS B 500 -5.44 18.90 -20.62
C LYS B 500 -4.52 20.04 -20.26
N GLY B 501 -4.50 20.41 -18.98
CA GLY B 501 -3.75 21.56 -18.55
C GLY B 501 -2.83 21.25 -17.39
N LYS B 502 -2.45 22.31 -16.67
CA LYS B 502 -1.50 22.21 -15.59
C LYS B 502 -1.88 23.20 -14.51
N TRP B 503 -2.10 22.70 -13.30
CA TRP B 503 -2.29 23.54 -12.14
C TRP B 503 -2.13 22.71 -10.88
N HIS B 504 -0.91 22.68 -10.35
CA HIS B 504 -0.54 21.81 -9.24
C HIS B 504 -0.64 20.38 -9.67
N GLY B 505 -0.10 20.09 -10.85
CA GLY B 505 -0.14 18.75 -11.42
C GLY B 505 -1.04 18.73 -12.63
N ASP B 506 -1.18 17.55 -13.24
CA ASP B 506 -2.09 17.39 -14.36
C ASP B 506 -3.53 17.65 -13.89
N VAL B 507 -4.25 18.48 -14.64
CA VAL B 507 -5.67 18.69 -14.41
C VAL B 507 -6.42 18.65 -15.73
N ALA B 508 -7.74 18.58 -15.65
CA ALA B 508 -8.59 18.73 -16.80
C ALA B 508 -9.24 20.12 -16.78
N VAL B 509 -9.14 20.84 -17.89
CA VAL B 509 -9.71 22.18 -17.98
C VAL B 509 -10.86 22.27 -19.01
N LYS B 510 -12.06 22.61 -18.56
CA LYS B 510 -13.21 22.70 -19.47
C LYS B 510 -13.62 24.15 -19.71
N MET B 511 -13.43 24.61 -20.93
CA MET B 511 -13.58 26.02 -21.24
C MET B 511 -14.76 26.37 -22.12
N LEU B 512 -15.23 27.60 -21.95
CA LEU B 512 -16.20 28.19 -22.85
C LEU B 512 -15.44 29.03 -23.87
N ASN B 513 -15.01 28.37 -24.94
CA ASN B 513 -14.12 28.93 -25.96
C ASN B 513 -14.31 30.39 -26.29
N VAL B 514 -15.57 30.82 -26.36
CA VAL B 514 -15.91 32.14 -26.86
C VAL B 514 -15.42 33.29 -25.97
N THR B 515 -15.75 34.50 -26.37
CA THR B 515 -15.14 35.71 -25.80
C THR B 515 -16.15 36.57 -25.05
N ALA B 516 -17.38 36.56 -25.53
CA ALA B 516 -18.45 37.33 -24.90
C ALA B 516 -19.48 36.38 -24.32
N PRO B 517 -19.34 36.04 -23.03
CA PRO B 517 -20.27 35.09 -22.40
C PRO B 517 -21.66 35.71 -22.20
N THR B 518 -22.65 35.15 -22.90
CA THR B 518 -24.03 35.59 -22.75
C THR B 518 -24.46 35.30 -21.33
N PRO B 519 -25.42 36.07 -20.81
CA PRO B 519 -25.85 35.82 -19.43
C PRO B 519 -26.46 34.43 -19.24
N GLN B 520 -26.75 33.74 -20.35
CA GLN B 520 -27.26 32.39 -20.28
C GLN B 520 -26.11 31.39 -20.11
N GLN B 521 -25.02 31.63 -20.84
CA GLN B 521 -23.83 30.83 -20.68
C GLN B 521 -23.23 31.09 -19.30
N LEU B 522 -23.47 32.29 -18.80
CA LEU B 522 -23.00 32.66 -17.48
C LEU B 522 -23.69 31.88 -16.38
N GLN B 523 -25.02 31.86 -16.41
CA GLN B 523 -25.78 31.12 -15.41
C GLN B 523 -25.50 29.62 -15.54
N ALA B 524 -25.12 29.19 -16.73
CA ALA B 524 -24.80 27.80 -16.96
C ALA B 524 -23.61 27.50 -16.08
N PHE B 525 -22.54 28.25 -16.32
CA PHE B 525 -21.30 28.20 -15.54
C PHE B 525 -21.53 28.30 -14.03
N LYS B 526 -22.18 29.37 -13.58
CA LYS B 526 -22.53 29.51 -12.18
C LYS B 526 -23.22 28.27 -11.61
N ASN B 527 -24.13 27.69 -12.38
CA ASN B 527 -24.88 26.53 -11.91
C ASN B 527 -24.00 25.30 -11.83
N GLU B 528 -23.17 25.10 -12.86
CA GLU B 528 -22.35 23.89 -12.90
C GLU B 528 -21.34 23.86 -11.79
N VAL B 529 -20.76 25.03 -11.51
CA VAL B 529 -19.84 25.20 -10.42
C VAL B 529 -20.56 24.97 -9.11
N GLY B 530 -21.76 25.53 -9.02
CA GLY B 530 -22.57 25.40 -7.83
C GLY B 530 -22.78 23.95 -7.41
N VAL B 531 -23.01 23.09 -8.41
CA VAL B 531 -23.26 21.68 -8.16
C VAL B 531 -21.97 20.99 -7.76
N LEU B 532 -20.90 21.20 -8.52
CA LEU B 532 -19.67 20.49 -8.26
C LEU B 532 -19.18 20.76 -6.83
N ARG B 533 -19.29 22.03 -6.41
CA ARG B 533 -18.91 22.46 -5.08
C ARG B 533 -19.45 21.58 -3.98
N LYS B 534 -20.61 20.98 -4.21
CA LYS B 534 -21.23 20.16 -3.19
C LYS B 534 -20.77 18.71 -3.27
N THR B 535 -19.85 18.37 -4.16
CA THR B 535 -19.44 16.97 -4.27
C THR B 535 -18.05 16.68 -3.76
N ARG B 536 -17.98 15.70 -2.87
CA ARG B 536 -16.72 15.13 -2.39
C ARG B 536 -16.95 13.66 -2.15
N HIS B 537 -16.60 12.84 -3.13
CA HIS B 537 -16.84 11.42 -3.05
C HIS B 537 -15.90 10.78 -4.06
N VAL B 538 -15.35 9.62 -3.73
CA VAL B 538 -14.39 8.99 -4.62
C VAL B 538 -14.96 8.62 -6.01
N ASN B 539 -16.28 8.54 -6.17
CA ASN B 539 -16.82 8.22 -7.50
C ASN B 539 -17.39 9.43 -8.22
N ILE B 540 -17.24 10.61 -7.65
CA ILE B 540 -17.51 11.80 -8.44
C ILE B 540 -16.16 12.38 -8.82
N LEU B 541 -16.01 12.72 -10.10
CA LEU B 541 -14.77 13.28 -10.62
C LEU B 541 -14.49 14.55 -9.84
N LEU B 542 -13.24 14.73 -9.41
CA LEU B 542 -12.93 15.73 -8.40
C LEU B 542 -12.86 17.17 -8.91
N PHE B 543 -13.88 17.96 -8.58
CA PHE B 543 -13.84 19.38 -8.90
C PHE B 543 -12.67 20.01 -8.12
N MET B 544 -11.85 20.82 -8.79
CA MET B 544 -10.70 21.46 -8.13
C MET B 544 -10.77 22.97 -8.01
N GLY B 545 -11.46 23.63 -8.94
CA GLY B 545 -11.65 25.06 -8.86
C GLY B 545 -12.06 25.63 -10.21
N TYR B 546 -12.39 26.90 -10.24
CA TYR B 546 -12.82 27.52 -11.50
C TYR B 546 -12.09 28.81 -11.79
N SER B 547 -12.03 29.17 -13.08
CA SER B 547 -11.44 30.43 -13.47
C SER B 547 -12.44 31.27 -14.25
N THR B 548 -12.36 32.58 -14.09
CA THR B 548 -13.22 33.51 -14.83
C THR B 548 -12.47 34.35 -15.88
N LYS B 549 -11.40 35.01 -15.46
CA LYS B 549 -10.77 36.08 -16.26
C LYS B 549 -10.31 35.73 -17.68
N PRO B 550 -9.45 34.71 -17.85
CA PRO B 550 -9.07 34.43 -19.25
C PRO B 550 -10.29 34.03 -20.08
N GLN B 551 -10.87 32.89 -19.74
CA GLN B 551 -12.17 32.47 -20.24
C GLN B 551 -12.86 31.84 -19.04
N LEU B 552 -14.16 31.59 -19.13
CA LEU B 552 -14.84 30.83 -18.09
C LEU B 552 -14.34 29.38 -18.17
N ALA B 553 -13.92 28.80 -17.04
CA ALA B 553 -13.41 27.43 -17.06
C ALA B 553 -13.58 26.68 -15.74
N ILE B 554 -13.74 25.37 -15.85
CA ILE B 554 -13.85 24.52 -14.69
C ILE B 554 -12.64 23.59 -14.67
N VAL B 555 -11.94 23.57 -13.55
CA VAL B 555 -10.79 22.69 -13.36
C VAL B 555 -11.13 21.48 -12.49
N THR B 556 -10.78 20.28 -12.97
CA THR B 556 -11.04 19.04 -12.23
C THR B 556 -9.80 18.17 -12.28
N GLN B 557 -9.77 17.10 -11.48
CA GLN B 557 -8.65 16.14 -11.51
C GLN B 557 -8.44 15.64 -12.92
N TRP B 558 -7.21 15.28 -13.26
CA TRP B 558 -6.98 14.62 -14.54
C TRP B 558 -7.19 13.13 -14.37
N CYS B 559 -7.67 12.47 -15.41
CA CYS B 559 -7.79 11.02 -15.33
C CYS B 559 -6.86 10.34 -16.29
N GLU B 560 -6.18 9.32 -15.77
CA GLU B 560 -5.40 8.47 -16.64
C GLU B 560 -6.31 7.29 -16.91
N GLY B 561 -6.43 6.92 -18.17
CA GLY B 561 -7.29 5.82 -18.51
C GLY B 561 -8.57 6.31 -19.14
N SER B 562 -9.36 5.37 -19.64
CA SER B 562 -10.41 5.72 -20.59
C SER B 562 -11.79 5.77 -19.99
N SER B 563 -12.74 6.24 -20.78
CA SER B 563 -14.14 6.27 -20.40
C SER B 563 -14.71 4.87 -20.50
N LEU B 564 -15.87 4.65 -19.91
CA LEU B 564 -16.47 3.34 -19.99
C LEU B 564 -16.89 3.11 -21.43
N TYR B 565 -17.27 4.20 -22.10
CA TYR B 565 -17.65 4.15 -23.52
C TYR B 565 -16.52 3.56 -24.31
N HIS B 566 -15.32 4.08 -24.03
CA HIS B 566 -14.14 3.70 -24.79
C HIS B 566 -13.79 2.24 -24.57
N HIS B 567 -13.78 1.81 -23.31
CA HIS B 567 -13.55 0.40 -23.03
C HIS B 567 -14.55 -0.51 -23.74
N LEU B 568 -15.83 -0.18 -23.62
CA LEU B 568 -16.87 -1.07 -24.07
C LEU B 568 -17.09 -1.12 -25.59
N HIS B 569 -16.91 -0.01 -26.28
CA HIS B 569 -17.30 0.04 -27.69
C HIS B 569 -16.16 0.37 -28.62
N ILE B 570 -14.99 0.69 -28.07
CA ILE B 570 -13.85 1.07 -28.89
C ILE B 570 -12.75 0.01 -28.81
N ILE B 571 -12.19 -0.17 -27.63
CA ILE B 571 -11.16 -1.17 -27.45
C ILE B 571 -11.72 -2.50 -26.93
N GLU B 572 -13.04 -2.56 -26.82
CA GLU B 572 -13.77 -3.78 -26.45
C GLU B 572 -13.10 -4.60 -25.36
N THR B 573 -12.71 -3.91 -24.28
CA THR B 573 -12.02 -4.51 -23.16
C THR B 573 -12.76 -5.75 -22.63
N LYS B 574 -12.05 -6.84 -22.44
CA LYS B 574 -12.74 -8.06 -22.05
C LYS B 574 -12.79 -8.18 -20.53
N PHE B 575 -13.64 -7.37 -19.92
CA PHE B 575 -13.79 -7.38 -18.48
C PHE B 575 -14.43 -8.70 -18.05
N GLU B 576 -14.00 -9.23 -16.90
CA GLU B 576 -14.70 -10.34 -16.26
C GLU B 576 -16.01 -9.83 -15.67
N MET B 577 -17.00 -10.72 -15.57
CA MET B 577 -18.32 -10.37 -15.10
C MET B 577 -18.29 -9.76 -13.68
N ILE B 578 -17.40 -10.23 -12.83
CA ILE B 578 -17.26 -9.63 -11.50
C ILE B 578 -16.85 -8.14 -11.61
N LYS B 579 -16.08 -7.78 -12.64
CA LYS B 579 -15.61 -6.42 -12.86
C LYS B 579 -16.76 -5.54 -13.34
N LEU B 580 -17.46 -6.03 -14.36
CA LEU B 580 -18.67 -5.40 -14.86
C LEU B 580 -19.67 -5.13 -13.76
N ILE B 581 -19.86 -6.11 -12.89
CA ILE B 581 -20.78 -5.90 -11.76
C ILE B 581 -20.25 -4.79 -10.88
N ASP B 582 -18.93 -4.78 -10.69
CA ASP B 582 -18.31 -3.81 -9.83
C ASP B 582 -18.43 -2.41 -10.40
N ILE B 583 -18.36 -2.29 -11.73
CA ILE B 583 -18.47 -0.99 -12.38
C ILE B 583 -19.87 -0.46 -12.20
N ALA B 584 -20.85 -1.34 -12.39
CA ALA B 584 -22.23 -1.07 -12.07
C ALA B 584 -22.32 -0.54 -10.65
N ARG B 585 -21.75 -1.30 -9.71
CA ARG B 585 -21.81 -0.96 -8.29
CA ARG B 585 -21.77 -0.99 -8.27
C ARG B 585 -21.22 0.40 -7.96
N GLN B 586 -20.06 0.70 -8.51
CA GLN B 586 -19.45 1.97 -8.21
C GLN B 586 -20.28 3.10 -8.84
N THR B 587 -20.70 2.91 -10.10
CA THR B 587 -21.49 3.94 -10.77
C THR B 587 -22.73 4.25 -9.93
N ALA B 588 -23.38 3.20 -9.45
CA ALA B 588 -24.51 3.35 -8.53
C ALA B 588 -24.13 4.12 -7.26
N GLN B 589 -22.93 3.83 -6.73
CA GLN B 589 -22.44 4.48 -5.52
C GLN B 589 -22.32 6.00 -5.69
N GLY B 590 -21.72 6.40 -6.81
CA GLY B 590 -21.64 7.82 -7.11
C GLY B 590 -22.99 8.49 -7.32
N MET B 591 -23.92 7.77 -7.95
CA MET B 591 -25.24 8.32 -8.21
C MET B 591 -26.04 8.44 -6.92
N ASP B 592 -25.80 7.49 -6.02
CA ASP B 592 -26.52 7.43 -4.76
C ASP B 592 -26.14 8.66 -3.98
N TYR B 593 -24.85 8.96 -4.03
CA TYR B 593 -24.28 10.11 -3.33
C TYR B 593 -24.83 11.43 -3.85
N LEU B 594 -24.95 11.56 -5.17
CA LEU B 594 -25.52 12.77 -5.76
C LEU B 594 -27.00 12.93 -5.38
N HIS B 595 -27.77 11.87 -5.53
CA HIS B 595 -29.20 12.00 -5.29
C HIS B 595 -29.45 12.33 -3.84
N ALA B 596 -28.58 11.83 -2.97
CA ALA B 596 -28.67 12.03 -1.52
C ALA B 596 -28.50 13.49 -1.16
N LYS B 597 -27.77 14.22 -2.00
CA LYS B 597 -27.69 15.68 -1.87
C LYS B 597 -28.59 16.38 -2.88
N SER B 598 -29.57 15.69 -3.44
CA SER B 598 -30.57 16.29 -4.32
C SER B 598 -30.08 16.81 -5.68
N ILE B 599 -29.00 16.23 -6.21
CA ILE B 599 -28.49 16.63 -7.48
C ILE B 599 -28.97 15.62 -8.49
N ILE B 600 -29.62 16.10 -9.54
CA ILE B 600 -29.92 15.26 -10.68
C ILE B 600 -28.91 15.55 -11.78
N HIS B 601 -28.23 14.51 -12.25
CA HIS B 601 -27.12 14.69 -13.15
C HIS B 601 -27.57 15.12 -14.55
N ARG B 602 -28.59 14.43 -15.05
CA ARG B 602 -29.26 14.71 -16.34
C ARG B 602 -28.48 14.39 -17.62
N ASP B 603 -27.26 13.92 -17.49
CA ASP B 603 -26.48 13.56 -18.68
C ASP B 603 -25.57 12.37 -18.35
N LEU B 604 -26.10 11.42 -17.59
CA LEU B 604 -25.36 10.20 -17.30
C LEU B 604 -25.35 9.29 -18.53
N LYS B 605 -24.17 8.79 -18.88
CA LYS B 605 -23.97 7.89 -20.02
C LYS B 605 -22.53 7.41 -20.01
N SER B 606 -22.28 6.28 -20.66
CA SER B 606 -20.94 5.68 -20.81
C SER B 606 -19.76 6.65 -20.90
N ASN B 607 -19.90 7.70 -21.69
CA ASN B 607 -18.84 8.65 -21.89
C ASN B 607 -18.51 9.46 -20.64
N ASN B 608 -19.46 9.56 -19.73
CA ASN B 608 -19.30 10.41 -18.57
C ASN B 608 -19.00 9.57 -17.37
N ILE B 609 -18.54 8.35 -17.62
CA ILE B 609 -18.15 7.41 -16.57
C ILE B 609 -16.73 6.97 -16.88
N PHE B 610 -15.77 7.42 -16.08
CA PHE B 610 -14.36 7.15 -16.35
C PHE B 610 -13.82 6.05 -15.45
N LEU B 611 -13.15 5.05 -16.03
CA LEU B 611 -12.44 4.07 -15.24
C LEU B 611 -11.06 4.59 -15.00
N HIS B 612 -10.92 5.32 -13.89
CA HIS B 612 -9.69 5.99 -13.51
C HIS B 612 -8.69 4.94 -13.06
N GLU B 613 -7.48 4.99 -13.61
CA GLU B 613 -6.47 3.96 -13.37
C GLU B 613 -6.99 2.53 -13.56
N ASP B 614 -8.05 2.40 -14.37
CA ASP B 614 -8.74 1.13 -14.65
C ASP B 614 -9.44 0.48 -13.46
N LEU B 615 -9.52 1.20 -12.33
CA LEU B 615 -9.91 0.61 -11.04
C LEU B 615 -11.02 1.34 -10.31
N THR B 616 -11.34 2.55 -10.73
CA THR B 616 -12.24 3.39 -9.95
C THR B 616 -13.13 4.22 -10.83
N VAL B 617 -14.44 4.08 -10.65
CA VAL B 617 -15.36 4.76 -11.51
C VAL B 617 -15.52 6.18 -11.04
N LYS B 618 -15.19 7.13 -11.90
CA LYS B 618 -15.46 8.52 -11.60
C LYS B 618 -16.50 9.08 -12.58
N ILE B 619 -17.68 9.44 -12.09
CA ILE B 619 -18.71 10.11 -12.90
C ILE B 619 -18.41 11.59 -13.11
N GLY B 620 -18.39 12.04 -14.37
CA GLY B 620 -18.07 13.44 -14.65
C GLY B 620 -19.09 14.19 -15.47
N ASP B 621 -18.64 15.27 -16.13
CA ASP B 621 -19.49 16.16 -16.93
C ASP B 621 -20.79 16.58 -16.26
N PHE B 622 -20.75 17.63 -15.47
CA PHE B 622 -21.95 18.09 -14.75
C PHE B 622 -22.55 19.32 -15.41
N GLY B 623 -22.30 19.43 -16.72
CA GLY B 623 -22.84 20.51 -17.51
C GLY B 623 -24.37 20.59 -17.59
N LEU B 624 -25.08 19.50 -17.29
CA LEU B 624 -26.53 19.56 -17.30
C LEU B 624 -27.09 19.35 -15.90
N ALA B 625 -26.21 19.11 -14.94
CA ALA B 625 -26.61 18.83 -13.57
C ALA B 625 -27.41 19.98 -12.98
N THR B 626 -28.32 19.65 -12.07
CA THR B 626 -29.22 20.61 -11.47
C THR B 626 -29.60 20.15 -10.09
N VAL B 627 -30.00 21.09 -9.24
CA VAL B 627 -30.47 20.76 -7.90
C VAL B 627 -31.98 20.92 -7.83
N LYS B 628 -32.67 19.89 -7.34
CA LYS B 628 -34.14 19.96 -7.16
C LYS B 628 -34.62 21.14 -6.31
N SER B 629 -35.40 22.03 -6.93
CA SER B 629 -36.02 23.15 -6.21
C SER B 629 -37.29 22.74 -5.46
N ARG B 630 -37.42 23.17 -4.20
CA ARG B 630 -38.61 22.87 -3.39
C ARG B 630 -39.89 23.40 -4.03
N TRP B 631 -39.75 24.44 -4.85
CA TRP B 631 -40.89 25.10 -5.46
C TRP B 631 -41.06 24.91 -6.98
N SER B 632 -42.26 24.46 -7.35
CA SER B 632 -42.59 24.02 -8.70
C SER B 632 -42.57 25.09 -9.81
N GLY B 633 -42.54 26.37 -9.42
CA GLY B 633 -42.59 27.45 -10.39
C GLY B 633 -41.27 28.13 -10.69
N SER B 634 -40.19 27.59 -10.12
CA SER B 634 -38.85 28.13 -10.35
C SER B 634 -38.31 27.59 -11.65
N HIS B 635 -38.89 26.48 -12.10
CA HIS B 635 -38.38 25.72 -13.24
C HIS B 635 -38.23 26.57 -14.50
N GLN B 636 -39.36 26.95 -15.08
CA GLN B 636 -39.38 27.68 -16.36
C GLN B 636 -38.88 26.83 -17.53
N PHE B 637 -38.45 27.50 -18.61
CA PHE B 637 -38.22 26.85 -19.90
C PHE B 637 -36.74 26.59 -20.25
N GLU B 638 -36.44 25.32 -20.51
CA GLU B 638 -35.10 24.88 -20.90
C GLU B 638 -35.23 24.00 -22.16
N GLN B 639 -34.49 24.34 -23.21
CA GLN B 639 -34.53 23.56 -24.46
C GLN B 639 -33.90 22.18 -24.22
N LEU B 640 -34.66 21.12 -24.53
CA LEU B 640 -34.18 19.75 -24.29
C LEU B 640 -32.86 19.48 -24.99
N SER B 641 -31.83 19.09 -24.21
CA SER B 641 -30.57 18.62 -24.77
C SER B 641 -30.00 17.38 -24.07
N GLY B 642 -29.16 16.63 -24.78
CA GLY B 642 -28.68 15.37 -24.26
C GLY B 642 -28.60 14.30 -25.32
N SER B 643 -27.96 13.18 -24.98
CA SER B 643 -27.80 12.05 -25.87
C SER B 643 -29.06 11.18 -25.82
N ILE B 644 -29.62 10.82 -26.99
CA ILE B 644 -30.95 10.20 -27.03
C ILE B 644 -30.98 8.77 -26.47
N LEU B 645 -29.92 8.02 -26.69
CA LEU B 645 -29.87 6.63 -26.26
C LEU B 645 -30.04 6.46 -24.76
N TRP B 646 -29.79 7.52 -23.99
CA TRP B 646 -29.91 7.43 -22.55
C TRP B 646 -31.09 8.20 -21.97
N MET B 647 -31.88 8.84 -22.83
CA MET B 647 -33.03 9.65 -22.39
C MET B 647 -34.28 8.83 -22.14
N ALA B 648 -34.86 9.02 -20.96
CA ALA B 648 -36.07 8.31 -20.59
C ALA B 648 -37.25 8.77 -21.45
N PRO B 649 -38.23 7.90 -21.63
CA PRO B 649 -39.35 8.27 -22.49
C PRO B 649 -40.04 9.56 -22.03
N GLU B 650 -40.27 9.69 -20.72
CA GLU B 650 -40.88 10.91 -20.19
C GLU B 650 -40.03 12.16 -20.46
N VAL B 651 -38.70 12.04 -20.44
CA VAL B 651 -37.84 13.17 -20.74
C VAL B 651 -37.99 13.56 -22.20
N ILE B 652 -37.87 12.57 -23.10
CA ILE B 652 -38.05 12.79 -24.53
C ILE B 652 -39.39 13.48 -24.79
N ARG B 653 -40.47 12.94 -24.23
CA ARG B 653 -41.80 13.47 -24.47
C ARG B 653 -41.86 14.92 -24.02
N MET B 654 -41.28 15.21 -22.86
CA MET B 654 -41.08 16.59 -22.45
C MET B 654 -42.45 17.26 -22.29
N GLN B 655 -43.38 16.54 -21.64
CA GLN B 655 -44.74 17.02 -21.38
C GLN B 655 -44.94 17.79 -20.09
N ASP B 656 -44.15 17.48 -19.05
CA ASP B 656 -44.24 18.18 -17.75
C ASP B 656 -43.47 19.47 -17.81
N LYS B 657 -43.60 20.30 -16.77
CA LYS B 657 -42.75 21.47 -16.64
C LYS B 657 -41.34 20.94 -16.42
N ASN B 658 -41.24 19.99 -15.48
CA ASN B 658 -39.98 19.31 -15.20
C ASN B 658 -40.08 17.79 -15.26
N PRO B 659 -39.72 17.21 -16.41
CA PRO B 659 -39.74 15.76 -16.61
C PRO B 659 -38.51 15.07 -16.05
N TYR B 660 -37.52 15.80 -15.56
CA TYR B 660 -36.39 15.12 -14.95
C TYR B 660 -36.72 14.72 -13.52
N SER B 661 -36.11 13.64 -13.05
CA SER B 661 -36.34 13.17 -11.71
C SER B 661 -35.16 12.29 -11.35
N PHE B 662 -35.06 11.84 -10.12
CA PHE B 662 -34.02 10.87 -9.81
C PHE B 662 -34.23 9.69 -10.73
N GLN B 663 -35.49 9.43 -11.05
CA GLN B 663 -35.83 8.27 -11.83
C GLN B 663 -35.31 8.35 -13.27
N SER B 664 -35.28 9.56 -13.83
CA SER B 664 -34.69 9.71 -15.18
C SER B 664 -33.20 9.33 -15.21
N ASP B 665 -32.44 9.78 -14.21
CA ASP B 665 -31.07 9.33 -13.99
C ASP B 665 -30.98 7.79 -13.89
N VAL B 666 -31.90 7.18 -13.15
CA VAL B 666 -31.90 5.72 -13.09
C VAL B 666 -32.04 5.08 -14.46
N TYR B 667 -32.97 5.58 -15.26
CA TYR B 667 -33.14 5.07 -16.62
C TYR B 667 -31.84 5.11 -17.42
N ALA B 668 -31.16 6.25 -17.39
CA ALA B 668 -29.87 6.36 -18.04
C ALA B 668 -28.96 5.26 -17.51
N PHE B 669 -28.91 5.11 -16.19
CA PHE B 669 -28.07 4.06 -15.59
C PHE B 669 -28.53 2.70 -16.10
N GLY B 670 -29.84 2.59 -16.36
CA GLY B 670 -30.38 1.38 -16.95
C GLY B 670 -29.72 1.09 -18.29
N ILE B 671 -29.60 2.12 -19.15
CA ILE B 671 -28.93 1.95 -20.43
C ILE B 671 -27.45 1.60 -20.25
N VAL B 672 -26.85 2.14 -19.20
CA VAL B 672 -25.48 1.77 -18.88
C VAL B 672 -25.38 0.29 -18.53
N LEU B 673 -26.33 -0.22 -17.74
CA LEU B 673 -26.35 -1.66 -17.46
C LEU B 673 -26.40 -2.41 -18.76
N TYR B 674 -27.21 -1.91 -19.69
CA TYR B 674 -27.36 -2.51 -21.00
C TYR B 674 -26.00 -2.61 -21.69
N GLU B 675 -25.28 -1.50 -21.77
CA GLU B 675 -23.97 -1.55 -22.41
C GLU B 675 -23.08 -2.54 -21.69
N LEU B 676 -23.14 -2.55 -20.35
CA LEU B 676 -22.29 -3.42 -19.56
C LEU B 676 -22.61 -4.91 -19.75
N MET B 677 -23.90 -5.24 -19.73
CA MET B 677 -24.28 -6.64 -19.85
C MET B 677 -24.40 -7.14 -21.29
N THR B 678 -24.33 -6.25 -22.28
CA THR B 678 -24.46 -6.69 -23.66
C THR B 678 -23.24 -6.37 -24.51
N GLY B 679 -22.55 -5.29 -24.22
CA GLY B 679 -21.40 -4.94 -25.06
C GLY B 679 -21.75 -4.04 -26.23
N GLN B 680 -23.04 -3.74 -26.39
CA GLN B 680 -23.46 -2.88 -27.47
C GLN B 680 -24.43 -1.81 -27.01
N LEU B 681 -24.51 -0.71 -27.78
CA LEU B 681 -25.51 0.33 -27.55
C LEU B 681 -26.88 -0.21 -27.94
N PRO B 682 -27.95 0.42 -27.44
CA PRO B 682 -29.29 -0.01 -27.86
C PRO B 682 -29.63 0.43 -29.27
N TYR B 683 -30.64 -0.23 -29.85
CA TYR B 683 -31.17 0.10 -31.18
C TYR B 683 -30.15 0.10 -32.33
N SER B 684 -29.27 -0.89 -32.35
CA SER B 684 -28.21 -0.95 -33.35
C SER B 684 -28.70 -1.16 -34.78
N ASN B 685 -29.94 -1.61 -34.95
CA ASN B 685 -30.48 -1.79 -36.28
C ASN B 685 -31.08 -0.50 -36.85
N ILE B 686 -31.34 0.46 -35.97
CA ILE B 686 -31.93 1.73 -36.33
C ILE B 686 -30.90 2.84 -36.35
N ASN B 687 -30.82 3.56 -37.46
CA ASN B 687 -29.80 4.61 -37.60
C ASN B 687 -30.44 5.94 -37.88
N ASN B 688 -31.77 5.96 -37.84
CA ASN B 688 -32.58 7.17 -38.00
C ASN B 688 -32.75 7.86 -36.63
N ARG B 689 -32.08 9.00 -36.45
CA ARG B 689 -32.08 9.69 -35.17
C ARG B 689 -33.49 10.12 -34.70
N ASP B 690 -34.19 10.86 -35.56
CA ASP B 690 -35.55 11.28 -35.28
C ASP B 690 -36.50 10.08 -35.05
N GLN B 691 -36.27 8.95 -35.73
CA GLN B 691 -37.15 7.81 -35.55
C GLN B 691 -37.06 7.27 -34.11
N ILE B 692 -35.83 7.15 -33.60
CA ILE B 692 -35.57 6.70 -32.23
C ILE B 692 -36.21 7.62 -31.20
N ILE B 693 -36.02 8.93 -31.37
CA ILE B 693 -36.69 9.88 -30.48
C ILE B 693 -38.20 9.67 -30.49
N PHE B 694 -38.77 9.56 -31.68
CA PHE B 694 -40.21 9.36 -31.84
C PHE B 694 -40.70 8.02 -31.31
N MET B 695 -40.00 6.93 -31.64
CA MET B 695 -40.46 5.61 -31.20
C MET B 695 -40.25 5.33 -29.72
N VAL B 696 -39.24 5.95 -29.13
CA VAL B 696 -39.00 5.71 -27.72
C VAL B 696 -40.01 6.55 -26.94
N GLY B 697 -40.17 7.81 -27.32
CA GLY B 697 -41.13 8.65 -26.65
C GLY B 697 -42.56 8.11 -26.69
N ARG B 698 -42.86 7.32 -27.70
CA ARG B 698 -44.21 6.87 -27.96
C ARG B 698 -44.50 5.55 -27.26
N GLY B 699 -43.44 4.85 -26.89
CA GLY B 699 -43.57 3.54 -26.28
C GLY B 699 -43.34 2.39 -27.22
N TYR B 700 -43.21 2.65 -28.52
CA TYR B 700 -43.01 1.58 -29.48
C TYR B 700 -41.66 0.89 -29.28
N LEU B 701 -40.64 1.67 -29.00
CA LEU B 701 -39.27 1.18 -28.98
C LEU B 701 -38.69 1.13 -27.56
N SER B 702 -37.96 0.05 -27.26
CA SER B 702 -37.32 -0.14 -25.97
C SER B 702 -36.22 -1.19 -26.14
N PRO B 703 -35.22 -1.18 -25.26
CA PRO B 703 -34.03 -2.01 -25.52
C PRO B 703 -34.36 -3.49 -25.56
N ASP B 704 -33.67 -4.22 -26.42
CA ASP B 704 -33.95 -5.62 -26.60
C ASP B 704 -33.11 -6.38 -25.60
N LEU B 705 -33.73 -6.75 -24.48
CA LEU B 705 -33.00 -7.35 -23.38
C LEU B 705 -32.44 -8.73 -23.68
N SER B 706 -32.85 -9.31 -24.80
CA SER B 706 -32.38 -10.63 -25.18
C SER B 706 -30.91 -10.63 -25.57
N LYS B 707 -30.34 -9.45 -25.69
CA LYS B 707 -28.99 -9.33 -26.24
C LYS B 707 -27.94 -9.35 -25.13
N VAL B 708 -28.39 -9.54 -23.90
CA VAL B 708 -27.47 -9.67 -22.78
C VAL B 708 -26.63 -10.90 -22.98
N ARG B 709 -25.34 -10.82 -22.70
CA ARG B 709 -24.49 -11.99 -22.81
C ARG B 709 -24.88 -13.05 -21.78
N SER B 710 -24.62 -14.32 -22.10
CA SER B 710 -25.09 -15.46 -21.29
C SER B 710 -24.52 -15.55 -19.87
N ASN B 711 -23.35 -14.95 -19.64
CA ASN B 711 -22.80 -14.94 -18.28
C ASN B 711 -23.38 -13.87 -17.37
N CYS B 712 -24.43 -13.19 -17.84
CA CYS B 712 -25.01 -12.12 -17.05
C CYS B 712 -25.97 -12.68 -16.00
N PRO B 713 -25.64 -12.50 -14.72
CA PRO B 713 -26.45 -12.99 -13.61
C PRO B 713 -27.89 -12.62 -13.83
N LYS B 714 -28.81 -13.53 -13.54
CA LYS B 714 -30.23 -13.26 -13.73
C LYS B 714 -30.68 -12.03 -12.96
N ALA B 715 -30.06 -11.78 -11.81
CA ALA B 715 -30.42 -10.66 -10.95
C ALA B 715 -30.12 -9.33 -11.64
N MET B 716 -29.06 -9.32 -12.45
CA MET B 716 -28.67 -8.13 -13.22
C MET B 716 -29.64 -7.84 -14.35
N LYS B 717 -29.97 -8.88 -15.12
CA LYS B 717 -30.97 -8.74 -16.16
C LYS B 717 -32.26 -8.18 -15.60
N ARG B 718 -32.72 -8.73 -14.48
CA ARG B 718 -33.93 -8.21 -13.84
C ARG B 718 -33.73 -6.78 -13.43
N LEU B 719 -32.59 -6.49 -12.80
CA LEU B 719 -32.31 -5.13 -12.32
C LEU B 719 -32.23 -4.12 -13.46
N MET B 720 -31.66 -4.57 -14.58
CA MET B 720 -31.62 -3.74 -15.76
C MET B 720 -33.03 -3.45 -16.28
N ALA B 721 -33.86 -4.48 -16.39
CA ALA B 721 -35.23 -4.30 -16.88
C ALA B 721 -36.01 -3.41 -15.96
N GLU B 722 -35.66 -3.42 -14.68
CA GLU B 722 -36.38 -2.58 -13.74
C GLU B 722 -35.97 -1.12 -13.87
N CYS B 723 -34.69 -0.85 -14.06
CA CYS B 723 -34.24 0.51 -14.22
C CYS B 723 -34.80 1.10 -15.49
N LEU B 724 -35.14 0.23 -16.44
CA LEU B 724 -35.58 0.64 -17.77
C LEU B 724 -37.09 0.75 -17.93
N LYS B 725 -37.84 0.48 -16.86
CA LYS B 725 -39.31 0.56 -16.91
C LYS B 725 -39.77 1.89 -17.52
N LYS B 726 -40.82 1.84 -18.32
CA LYS B 726 -41.30 3.02 -19.03
C LYS B 726 -42.02 3.96 -18.08
N LYS B 727 -42.78 3.37 -17.15
CA LYS B 727 -43.47 4.13 -16.11
C LYS B 727 -42.44 4.50 -15.06
N ARG B 728 -41.98 5.75 -15.05
CA ARG B 728 -40.85 6.14 -14.22
C ARG B 728 -40.95 5.71 -12.75
N ASP B 729 -42.15 5.85 -12.17
CA ASP B 729 -42.39 5.47 -10.76
C ASP B 729 -42.08 3.97 -10.59
N GLU B 730 -42.29 3.18 -11.65
CA GLU B 730 -42.05 1.71 -11.62
C GLU B 730 -40.56 1.44 -11.36
N ARG B 731 -39.67 2.24 -11.96
CA ARG B 731 -38.21 2.07 -11.81
C ARG B 731 -37.80 2.29 -10.34
N PRO B 732 -36.81 1.53 -9.81
CA PRO B 732 -36.40 1.71 -8.41
C PRO B 732 -35.80 3.10 -8.17
N LEU B 733 -36.05 3.67 -6.98
CA LEU B 733 -35.54 5.02 -6.63
C LEU B 733 -34.89 5.00 -5.25
N PHE B 734 -33.91 5.90 -5.04
CA PHE B 734 -33.12 6.07 -3.77
C PHE B 734 -32.83 4.73 -3.09
N PRO B 735 -33.61 4.35 -2.05
CA PRO B 735 -33.41 3.09 -1.34
C PRO B 735 -33.64 1.88 -2.26
N GLN B 736 -34.67 1.94 -3.12
CA GLN B 736 -34.97 0.85 -4.08
C GLN B 736 -33.79 0.72 -5.07
N ILE B 737 -33.22 1.86 -5.48
CA ILE B 737 -32.04 1.86 -6.40
C ILE B 737 -30.87 1.17 -5.68
N LEU B 738 -30.71 1.46 -4.38
CA LEU B 738 -29.61 0.85 -3.57
C LEU B 738 -30.10 -0.46 -2.93
N ALA B 739 -30.91 -1.23 -3.66
CA ALA B 739 -31.45 -2.51 -3.13
C ALA B 739 -31.18 -3.64 -4.12
N SER B 740 -31.63 -3.47 -5.38
CA SER B 740 -31.42 -4.50 -6.44
C SER B 740 -29.93 -4.61 -6.74
N ILE B 741 -29.27 -3.46 -6.81
CA ILE B 741 -27.81 -3.35 -7.11
C ILE B 741 -27.04 -3.70 -5.83
N GLU B 742 -27.45 -3.15 -4.69
CA GLU B 742 -26.78 -3.46 -3.40
C GLU B 742 -26.97 -4.95 -3.11
N LEU B 743 -28.18 -5.47 -3.35
CA LEU B 743 -28.50 -6.90 -3.12
C LEU B 743 -27.63 -7.75 -4.05
N LEU B 744 -27.47 -7.32 -5.31
CA LEU B 744 -26.65 -8.06 -6.30
C LEU B 744 -25.19 -8.06 -5.82
N ALA B 745 -24.75 -6.92 -5.30
CA ALA B 745 -23.37 -6.71 -4.78
C ALA B 745 -23.09 -7.72 -3.68
N ARG B 746 -24.08 -8.01 -2.81
CA ARG B 746 -23.78 -9.00 -1.76
C ARG B 746 -23.98 -10.41 -2.32
N SER B 747 -24.17 -10.50 -3.65
CA SER B 747 -24.40 -11.82 -4.31
C SER B 747 -23.78 -11.82 -5.71
N LEU B 748 -23.86 -12.96 -6.40
CA LEU B 748 -23.31 -13.21 -7.77
C LEU B 748 -21.79 -13.03 -7.79
N PRO B 749 -21.00 -14.06 -7.40
CA PRO B 749 -19.53 -13.92 -7.40
C PRO B 749 -18.78 -15.20 -7.82
N LYS B 750 -17.48 -15.04 -8.10
CA LYS B 750 -16.50 -16.13 -8.43
C LYS B 750 -16.83 -16.86 -9.74
N ILE B 751 -16.17 -16.45 -10.83
CA ILE B 751 -16.36 -17.11 -12.16
C ILE B 751 -15.32 -18.22 -12.33
N HIS B 752 -14.39 -18.35 -11.37
CA HIS B 752 -13.32 -19.38 -11.44
C HIS B 752 -13.35 -20.30 -10.20
N ARG B 753 -13.33 -21.61 -10.41
CA ARG B 753 -13.36 -22.61 -9.31
C ARG B 753 -11.95 -23.21 -9.09
N SER B 754 -10.93 -22.68 -9.78
CA SER B 754 -9.54 -23.20 -9.66
C SER B 754 -9.04 -23.11 -8.21
N ALA B 755 -8.25 -24.11 -7.77
CA ALA B 755 -7.71 -24.12 -6.39
C ALA B 755 -6.35 -24.84 -6.40
N GLU B 757 -2.62 -25.82 -6.49
CA GLU B 757 -1.44 -25.06 -6.00
C GLU B 757 -0.20 -25.97 -6.04
N ASP C 65 12.05 -6.52 59.03
CA ASP C 65 12.67 -7.56 58.18
C ASP C 65 11.71 -8.76 58.06
N GLU C 66 11.25 -9.28 59.20
CA GLU C 66 10.32 -10.44 59.22
C GLU C 66 9.07 -10.11 58.41
N GLN C 67 8.52 -8.91 58.60
CA GLN C 67 7.30 -8.48 57.88
C GLN C 67 7.55 -8.54 56.36
N GLN C 68 8.67 -7.96 55.91
CA GLN C 68 9.02 -7.95 54.47
C GLN C 68 9.15 -9.39 53.97
N ARG C 69 9.80 -10.26 54.76
CA ARG C 69 9.93 -11.69 54.42
C ARG C 69 8.55 -12.30 54.19
N LYS C 70 7.63 -12.13 55.14
CA LYS C 70 6.26 -12.66 55.03
C LYS C 70 5.59 -12.12 53.76
N ARG C 71 5.74 -10.83 53.50
CA ARG C 71 5.15 -10.20 52.29
C ARG C 71 5.66 -10.92 51.03
N LEU C 72 6.98 -11.08 50.93
CA LEU C 72 7.60 -11.76 49.76
C LEU C 72 7.04 -13.19 49.65
N GLU C 73 6.94 -13.88 50.79
CA GLU C 73 6.35 -15.25 50.83
C GLU C 73 4.96 -15.23 50.18
N ALA C 74 4.07 -14.36 50.67
CA ALA C 74 2.69 -14.27 50.12
C ALA C 74 2.74 -13.99 48.61
N PHE C 75 3.60 -13.05 48.21
CA PHE C 75 3.75 -12.69 46.77
C PHE C 75 4.07 -13.95 45.97
N LEU C 76 5.11 -14.69 46.37
CA LEU C 76 5.53 -15.93 45.67
C LEU C 76 4.38 -16.94 45.66
N THR C 77 3.67 -17.07 46.78
CA THR C 77 2.48 -17.96 46.89
C THR C 77 1.49 -17.63 45.76
N GLN C 78 1.05 -16.36 45.67
CA GLN C 78 0.08 -15.96 44.63
C GLN C 78 0.66 -16.18 43.23
N LYS C 79 1.94 -15.89 43.06
CA LYS C 79 2.66 -16.13 41.79
C LYS C 79 2.46 -17.60 41.36
N GLN C 80 2.80 -18.55 42.25
CA GLN C 80 2.67 -19.99 41.96
C GLN C 80 1.20 -20.38 41.75
N LYS C 81 0.30 -19.73 42.49
CA LYS C 81 -1.16 -19.97 42.39
C LYS C 81 -1.62 -19.67 40.96
N VAL C 82 -1.07 -18.62 40.35
CA VAL C 82 -1.44 -18.23 38.96
C VAL C 82 -0.51 -18.95 37.96
N GLY C 83 -0.63 -18.60 36.66
CA GLY C 83 0.20 -19.22 35.61
C GLY C 83 0.57 -18.19 34.53
N GLU C 84 0.02 -18.34 33.32
CA GLU C 84 0.30 -17.42 32.19
C GLU C 84 -0.59 -16.18 32.29
N LEU C 85 -0.33 -15.17 31.45
CA LEU C 85 -1.13 -13.91 31.52
C LEU C 85 -1.51 -13.48 30.10
N LYS C 86 -2.75 -13.03 29.91
CA LYS C 86 -3.25 -12.57 28.60
C LYS C 86 -4.47 -11.68 28.79
N ASP C 87 -4.88 -10.96 27.75
CA ASP C 87 -5.85 -9.86 27.90
C ASP C 87 -7.24 -10.30 28.40
N ASP C 88 -7.67 -11.48 27.95
CA ASP C 88 -8.94 -12.04 28.39
C ASP C 88 -8.96 -12.33 29.89
N ASP C 89 -7.79 -12.66 30.45
CA ASP C 89 -7.64 -12.99 31.87
C ASP C 89 -8.04 -11.88 32.86
N PHE C 90 -8.40 -10.69 32.36
CA PHE C 90 -8.54 -9.55 33.25
C PHE C 90 -9.91 -8.88 33.26
N GLU C 91 -10.26 -8.33 34.42
CA GLU C 91 -11.44 -7.50 34.58
C GLU C 91 -11.04 -6.18 35.21
N LYS C 92 -11.51 -5.09 34.60
CA LYS C 92 -11.14 -3.75 35.02
C LYS C 92 -11.90 -3.38 36.28
N ILE C 93 -11.18 -2.81 37.25
CA ILE C 93 -11.83 -2.35 38.46
C ILE C 93 -11.92 -0.84 38.40
N SER C 94 -10.78 -0.20 38.16
CA SER C 94 -10.72 1.26 38.15
C SER C 94 -9.44 1.74 37.49
N GLU C 95 -9.40 3.02 37.14
CA GLU C 95 -8.20 3.62 36.55
C GLU C 95 -7.34 4.32 37.60
N LEU C 96 -6.19 3.72 37.91
CA LEU C 96 -5.27 4.25 38.93
C LEU C 96 -4.52 5.51 38.48
N GLY C 97 -4.49 5.78 37.18
CA GLY C 97 -3.80 6.97 36.69
C GLY C 97 -3.21 6.78 35.31
N ALA C 98 -2.65 7.86 34.77
CA ALA C 98 -2.11 7.86 33.40
C ALA C 98 -0.95 8.83 33.26
N GLY C 99 -0.10 8.60 32.26
CA GLY C 99 1.04 9.45 32.02
C GLY C 99 1.30 9.76 30.56
N ASN C 100 2.56 10.09 30.28
CA ASN C 100 3.02 10.40 28.94
C ASN C 100 3.37 9.12 28.19
N GLY C 101 2.37 8.44 27.66
CA GLY C 101 2.60 7.20 26.93
C GLY C 101 2.14 5.92 27.62
N GLY C 102 1.62 6.02 28.84
CA GLY C 102 1.17 4.84 29.55
C GLY C 102 -0.11 5.05 30.36
N VAL C 103 -0.84 3.95 30.61
CA VAL C 103 -2.04 4.01 31.47
C VAL C 103 -2.06 2.86 32.49
N VAL C 104 -2.54 3.14 33.69
CA VAL C 104 -2.51 2.14 34.75
C VAL C 104 -3.91 1.86 35.28
N PHE C 105 -4.25 0.57 35.31
CA PHE C 105 -5.55 0.10 35.79
C PHE C 105 -5.45 -0.87 36.98
N LYS C 106 -6.25 -0.61 38.01
CA LYS C 106 -6.47 -1.59 39.08
C LYS C 106 -7.36 -2.65 38.48
N VAL C 107 -6.87 -3.89 38.46
CA VAL C 107 -7.61 -4.96 37.82
C VAL C 107 -7.67 -6.22 38.69
N SER C 108 -8.57 -7.12 38.30
CA SER C 108 -8.69 -8.42 38.94
C SER C 108 -8.35 -9.49 37.92
N HIS C 109 -7.22 -10.17 38.14
CA HIS C 109 -6.79 -11.29 37.30
C HIS C 109 -7.73 -12.48 37.53
N LYS C 110 -8.63 -12.75 36.58
CA LYS C 110 -9.74 -13.69 36.80
C LYS C 110 -9.35 -15.10 37.29
N PRO C 111 -8.38 -15.76 36.63
CA PRO C 111 -7.96 -17.08 37.11
C PRO C 111 -7.52 -17.15 38.58
N SER C 112 -6.73 -16.20 39.04
CA SER C 112 -6.14 -16.30 40.37
C SER C 112 -6.94 -15.57 41.44
N GLY C 113 -7.75 -14.59 41.03
CA GLY C 113 -8.52 -13.76 41.96
C GLY C 113 -7.73 -12.56 42.45
N LEU C 114 -6.45 -12.51 42.12
CA LEU C 114 -5.55 -11.46 42.57
C LEU C 114 -5.94 -10.09 42.07
N VAL C 115 -5.84 -9.08 42.93
CA VAL C 115 -5.97 -7.72 42.47
C VAL C 115 -4.57 -7.21 42.14
N MET C 116 -4.40 -6.73 40.92
CA MET C 116 -3.10 -6.21 40.53
C MET C 116 -3.20 -4.92 39.74
N ALA C 117 -2.07 -4.23 39.63
CA ALA C 117 -2.01 -3.03 38.81
C ALA C 117 -1.60 -3.45 37.41
N ARG C 118 -2.37 -3.05 36.40
CA ARG C 118 -2.01 -3.37 35.02
C ARG C 118 -1.60 -2.10 34.27
N LYS C 119 -0.34 -2.05 33.85
CA LYS C 119 0.16 -0.89 33.12
C LYS C 119 0.21 -1.19 31.64
N LEU C 120 -0.44 -0.34 30.85
CA LEU C 120 -0.38 -0.48 29.41
C LEU C 120 0.44 0.65 28.84
N ILE C 121 1.39 0.32 28.00
CA ILE C 121 2.27 1.29 27.35
C ILE C 121 2.06 1.15 25.84
N HIS C 122 1.53 2.15 25.14
CA HIS C 122 1.32 2.00 23.71
C HIS C 122 2.61 2.05 22.91
N LEU C 123 2.81 1.04 22.07
CA LEU C 123 4.01 0.93 21.26
C LEU C 123 3.65 0.29 19.94
N GLU C 124 4.08 0.87 18.83
CA GLU C 124 4.00 0.16 17.56
C GLU C 124 5.36 -0.42 17.25
N ILE C 125 5.47 -1.75 17.41
CA ILE C 125 6.76 -2.42 17.39
C ILE C 125 6.72 -3.76 16.67
N LYS C 126 7.86 -4.17 16.13
CA LYS C 126 8.00 -5.43 15.42
C LYS C 126 7.81 -6.57 16.40
N PRO C 127 7.17 -7.66 15.96
CA PRO C 127 7.00 -8.87 16.77
C PRO C 127 8.31 -9.32 17.41
N ALA C 128 9.37 -9.35 16.63
CA ALA C 128 10.68 -9.71 17.16
C ALA C 128 11.14 -8.85 18.35
N ILE C 129 10.80 -7.56 18.37
CA ILE C 129 11.22 -6.76 19.53
C ILE C 129 10.21 -6.76 20.68
N ARG C 130 8.92 -6.92 20.37
CA ARG C 130 7.93 -7.03 21.43
C ARG C 130 8.24 -8.28 22.24
N ASN C 131 8.63 -9.34 21.55
CA ASN C 131 8.90 -10.60 22.21
C ASN C 131 10.18 -10.52 23.01
N GLN C 132 11.09 -9.66 22.54
CA GLN C 132 12.32 -9.39 23.26
C GLN C 132 12.04 -8.55 24.49
N ILE C 133 11.03 -7.70 24.42
CA ILE C 133 10.68 -6.88 25.58
C ILE C 133 10.11 -7.78 26.66
N ILE C 134 9.11 -8.61 26.30
CA ILE C 134 8.51 -9.58 27.22
C ILE C 134 9.58 -10.43 27.91
N ARG C 135 10.35 -11.13 27.08
CA ARG C 135 11.45 -11.95 27.55
C ARG C 135 12.40 -11.22 28.52
N GLU C 136 12.65 -9.93 28.29
CA GLU C 136 13.55 -9.18 29.15
C GLU C 136 12.86 -8.74 30.45
N LEU C 137 11.54 -8.65 30.40
CA LEU C 137 10.79 -8.26 31.59
C LEU C 137 10.69 -9.43 32.58
N GLN C 138 10.92 -10.63 32.07
CA GLN C 138 10.79 -11.87 32.83
C GLN C 138 11.84 -11.98 33.94
N VAL C 139 12.83 -11.10 33.84
CA VAL C 139 13.86 -10.93 34.86
C VAL C 139 13.29 -10.36 36.16
N LEU C 140 12.14 -9.72 36.06
CA LEU C 140 11.51 -9.13 37.24
C LEU C 140 10.94 -10.19 38.17
N HIS C 141 10.69 -11.36 37.61
CA HIS C 141 10.18 -12.49 38.39
C HIS C 141 11.10 -12.81 39.56
N GLU C 142 12.38 -12.45 39.41
CA GLU C 142 13.42 -12.69 40.41
C GLU C 142 13.68 -11.47 41.28
N CYS C 143 13.24 -10.29 40.81
CA CYS C 143 13.43 -9.05 41.56
C CYS C 143 12.55 -9.05 42.81
N ASN C 144 13.11 -9.49 43.92
CA ASN C 144 12.36 -9.55 45.17
C ASN C 144 12.96 -8.73 46.29
N SER C 145 12.31 -7.61 46.57
CA SER C 145 12.76 -6.63 47.56
C SER C 145 11.56 -5.85 48.09
N PRO C 146 11.63 -5.40 49.35
CA PRO C 146 10.57 -4.56 49.90
C PRO C 146 10.72 -3.07 49.50
N TYR C 147 11.76 -2.77 48.71
CA TYR C 147 11.93 -1.43 48.14
C TYR C 147 11.63 -1.43 46.64
N ILE C 148 11.21 -2.58 46.13
CA ILE C 148 10.90 -2.76 44.72
C ILE C 148 9.48 -3.37 44.55
N VAL C 149 8.63 -2.65 43.82
CA VAL C 149 7.26 -3.09 43.51
C VAL C 149 7.32 -4.47 42.86
N GLY C 150 6.35 -5.33 43.19
CA GLY C 150 6.39 -6.71 42.75
C GLY C 150 5.89 -6.89 41.33
N PHE C 151 6.36 -7.96 40.68
CA PHE C 151 6.07 -8.22 39.28
C PHE C 151 5.30 -9.53 39.10
N TYR C 152 4.13 -9.49 38.46
CA TYR C 152 3.35 -10.71 38.18
C TYR C 152 3.54 -11.30 36.78
N GLY C 153 3.87 -10.46 35.81
CA GLY C 153 4.01 -10.93 34.46
C GLY C 153 3.80 -9.85 33.44
N ALA C 154 4.04 -10.20 32.19
CA ALA C 154 4.02 -9.22 31.11
C ALA C 154 3.59 -9.88 29.81
N PHE C 155 2.93 -9.09 28.96
CA PHE C 155 2.49 -9.58 27.66
C PHE C 155 2.21 -8.43 26.68
N TYR C 156 1.95 -8.80 25.43
CA TYR C 156 1.56 -7.84 24.39
C TYR C 156 0.23 -8.26 23.78
N SER C 157 -0.74 -7.35 23.76
CA SER C 157 -1.96 -7.57 23.01
C SER C 157 -2.26 -6.30 22.21
N ASP C 158 -3.22 -6.39 21.30
CA ASP C 158 -3.57 -5.28 20.37
C ASP C 158 -2.45 -4.34 19.90
N GLY C 159 -2.20 -3.27 20.65
CA GLY C 159 -1.16 -2.33 20.25
C GLY C 159 -0.31 -1.88 21.43
N GLU C 160 -0.26 -2.73 22.45
CA GLU C 160 0.17 -2.34 23.79
C GLU C 160 0.82 -3.39 24.69
N ILE C 161 2.08 -3.18 25.08
CA ILE C 161 2.74 -4.02 26.10
C ILE C 161 2.10 -3.81 27.48
N SER C 162 1.70 -4.90 28.14
CA SER C 162 1.11 -4.83 29.46
C SER C 162 2.11 -5.30 30.52
N ILE C 163 2.32 -4.49 31.55
CA ILE C 163 3.07 -4.96 32.70
C ILE C 163 2.17 -5.09 33.93
N CYS C 164 2.09 -6.30 34.48
CA CYS C 164 1.20 -6.54 35.61
C CYS C 164 2.02 -6.61 36.89
N MET C 165 1.67 -5.76 37.85
CA MET C 165 2.53 -5.57 39.00
C MET C 165 1.77 -5.43 40.32
N GLU C 166 2.53 -5.53 41.40
CA GLU C 166 1.99 -5.37 42.73
C GLU C 166 1.18 -4.07 42.84
N HIS C 167 -0.11 -4.22 43.07
CA HIS C 167 -0.97 -3.09 43.34
C HIS C 167 -0.58 -2.39 44.64
N MET C 168 -0.34 -1.08 44.57
CA MET C 168 0.02 -0.30 45.75
C MET C 168 -1.11 0.66 46.07
N ASP C 169 -1.92 0.31 47.07
CA ASP C 169 -3.15 1.02 47.37
C ASP C 169 -2.93 2.42 47.95
N GLY C 170 -1.68 2.78 48.23
CA GLY C 170 -1.37 4.10 48.73
C GLY C 170 -1.11 5.07 47.60
N GLY C 171 -0.72 4.54 46.44
CA GLY C 171 -0.49 5.35 45.26
C GLY C 171 0.95 5.77 45.12
N SER C 172 1.18 6.79 44.28
CA SER C 172 2.51 7.32 44.10
C SER C 172 2.68 8.54 45.00
N LEU C 173 3.92 8.83 45.39
CA LEU C 173 4.17 9.99 46.23
C LEU C 173 3.75 11.28 45.54
N ASP C 174 3.43 11.18 44.24
CA ASP C 174 2.98 12.31 43.46
C ASP C 174 1.54 12.57 43.87
N GLN C 175 0.75 11.51 43.87
CA GLN C 175 -0.62 11.55 44.29
C GLN C 175 -0.69 12.03 45.73
N VAL C 176 0.12 11.42 46.59
CA VAL C 176 0.18 11.81 48.01
C VAL C 176 0.52 13.27 48.17
N LEU C 177 1.63 13.71 47.57
CA LEU C 177 2.04 15.12 47.67
C LEU C 177 0.91 16.11 47.30
N LYS C 178 -0.04 15.70 46.47
CA LYS C 178 -1.14 16.58 46.14
C LYS C 178 -2.05 16.78 47.34
N LYS C 179 -2.40 15.68 48.01
CA LYS C 179 -3.29 15.75 49.16
C LYS C 179 -2.59 16.31 50.42
N ALA C 180 -1.29 16.06 50.54
CA ALA C 180 -0.55 16.43 51.75
C ALA C 180 0.08 17.81 51.68
N GLY C 181 0.13 18.40 50.48
CA GLY C 181 0.70 19.72 50.34
C GLY C 181 2.21 19.73 50.44
N ARG C 182 2.74 19.37 51.60
CA ARG C 182 4.18 19.18 51.77
C ARG C 182 4.39 17.92 52.59
N ILE C 183 5.44 17.17 52.30
CA ILE C 183 5.72 15.97 53.09
C ILE C 183 6.75 16.25 54.19
N PRO C 184 6.42 15.87 55.43
CA PRO C 184 7.25 16.17 56.60
C PRO C 184 8.64 15.56 56.49
N GLU C 185 9.67 16.35 56.79
CA GLU C 185 11.05 15.92 56.70
C GLU C 185 11.28 14.54 57.29
N GLN C 186 10.46 14.20 58.27
CA GLN C 186 10.65 12.94 58.97
C GLN C 186 10.17 11.75 58.12
N ILE C 187 9.08 11.96 57.39
CA ILE C 187 8.60 10.93 56.46
C ILE C 187 9.56 10.80 55.29
N LEU C 188 10.02 11.96 54.77
CA LEU C 188 10.94 11.98 53.64
C LEU C 188 12.22 11.23 53.96
N GLY C 189 12.65 11.28 55.22
CA GLY C 189 13.70 10.40 55.72
C GLY C 189 13.47 8.93 55.43
N LYS C 190 12.29 8.40 55.73
CA LYS C 190 11.98 7.01 55.38
C LYS C 190 12.06 6.78 53.88
N VAL C 191 11.53 7.76 53.13
CA VAL C 191 11.49 7.70 51.68
C VAL C 191 12.92 7.68 51.17
N SER C 192 13.76 8.57 51.68
CA SER C 192 15.16 8.60 51.29
C SER C 192 15.89 7.29 51.54
N ILE C 193 15.61 6.64 52.68
CA ILE C 193 16.16 5.32 52.91
C ILE C 193 15.64 4.34 51.85
N ALA C 194 14.32 4.22 51.73
CA ALA C 194 13.68 3.34 50.73
C ALA C 194 14.27 3.47 49.32
N VAL C 195 14.46 4.70 48.87
CA VAL C 195 15.02 4.92 47.55
C VAL C 195 16.44 4.36 47.47
N ILE C 196 17.30 4.73 48.42
CA ILE C 196 18.69 4.25 48.42
C ILE C 196 18.80 2.72 48.45
N LYS C 197 18.07 2.07 49.34
CA LYS C 197 18.11 0.61 49.40
C LYS C 197 17.69 -0.01 48.07
N GLY C 198 16.56 0.46 47.52
CA GLY C 198 16.07 0.05 46.22
C GLY C 198 17.04 0.31 45.07
N LEU C 199 17.59 1.51 44.97
CA LEU C 199 18.64 1.75 43.99
C LEU C 199 19.83 0.82 44.21
N THR C 200 20.18 0.54 45.46
CA THR C 200 21.25 -0.40 45.76
C THR C 200 20.85 -1.80 45.28
N TYR C 201 19.64 -2.20 45.63
CA TYR C 201 19.16 -3.51 45.24
C TYR C 201 19.28 -3.71 43.74
N LEU C 202 18.63 -2.82 42.99
CA LEU C 202 18.70 -2.83 41.53
C LEU C 202 20.14 -2.90 41.03
N ARG C 203 20.96 -1.96 41.47
CA ARG C 203 22.36 -1.92 41.06
C ARG C 203 23.12 -3.24 41.27
N GLU C 204 23.07 -3.78 42.48
CA GLU C 204 23.92 -4.92 42.85
C GLU C 204 23.38 -6.28 42.40
N LYS C 205 22.08 -6.49 42.58
CA LYS C 205 21.51 -7.79 42.29
C LYS C 205 20.94 -7.92 40.89
N HIS C 206 20.96 -6.83 40.13
CA HIS C 206 20.35 -6.85 38.80
C HIS C 206 21.04 -5.96 37.78
N LYS C 207 22.22 -5.48 38.14
CA LYS C 207 23.12 -4.76 37.23
C LYS C 207 22.57 -3.50 36.58
N ILE C 208 21.39 -3.04 37.02
CA ILE C 208 20.72 -1.91 36.34
C ILE C 208 20.52 -0.65 37.18
N MET C 209 20.50 0.50 36.51
CA MET C 209 20.08 1.75 37.15
C MET C 209 18.62 2.01 36.86
N HIS C 210 18.00 2.82 37.70
CA HIS C 210 16.56 3.12 37.59
C HIS C 210 16.24 3.85 36.26
N ARG C 211 16.91 5.00 36.06
CA ARG C 211 16.75 5.94 34.93
C ARG C 211 15.72 7.05 35.18
N ASP C 212 14.65 6.69 35.88
CA ASP C 212 13.48 7.53 35.98
C ASP C 212 12.95 7.71 37.42
N VAL C 213 13.77 8.21 38.35
CA VAL C 213 13.31 8.44 39.72
C VAL C 213 12.62 9.79 39.88
N LYS C 214 11.41 9.77 40.43
CA LYS C 214 10.62 10.97 40.65
C LYS C 214 9.38 10.56 41.43
N PRO C 215 8.74 11.52 42.14
CA PRO C 215 7.61 11.27 43.03
C PRO C 215 6.56 10.30 42.49
N SER C 216 6.20 10.43 41.22
CA SER C 216 5.23 9.51 40.63
C SER C 216 5.72 8.05 40.49
N ASN C 217 7.01 7.82 40.73
CA ASN C 217 7.55 6.47 40.58
C ASN C 217 8.03 5.84 41.89
N ILE C 218 7.74 6.52 43.00
CA ILE C 218 7.87 5.89 44.30
C ILE C 218 6.48 5.59 44.79
N LEU C 219 6.19 4.32 45.01
CA LEU C 219 4.86 3.90 45.43
C LEU C 219 4.80 3.42 46.88
N VAL C 220 3.74 3.78 47.58
CA VAL C 220 3.61 3.49 49.01
C VAL C 220 2.32 2.72 49.29
N ASN C 221 2.28 1.91 50.36
CA ASN C 221 1.07 1.13 50.70
C ASN C 221 0.66 1.14 52.18
N SER C 222 -0.47 0.50 52.45
CA SER C 222 -1.06 0.44 53.80
C SER C 222 -0.08 -0.11 54.83
N ARG C 223 0.74 -1.07 54.44
CA ARG C 223 1.66 -1.70 55.39
C ARG C 223 2.91 -0.86 55.62
N GLY C 224 2.91 0.38 55.12
CA GLY C 224 4.02 1.30 55.31
C GLY C 224 5.22 1.08 54.39
N GLU C 225 5.02 0.29 53.35
CA GLU C 225 6.10 0.00 52.42
C GLU C 225 6.26 1.14 51.41
N ILE C 226 7.52 1.48 51.14
CA ILE C 226 7.86 2.42 50.11
C ILE C 226 8.64 1.69 49.01
N LYS C 227 8.04 1.50 47.84
CA LYS C 227 8.72 0.76 46.77
C LYS C 227 8.98 1.59 45.50
N LEU C 228 10.04 1.23 44.76
CA LEU C 228 10.35 1.88 43.48
C LEU C 228 9.71 1.12 42.30
N CYS C 229 9.32 1.85 41.27
CA CYS C 229 8.67 1.25 40.10
CA CYS C 229 8.74 1.20 40.09
C CYS C 229 9.18 1.91 38.81
N ASP C 230 8.71 1.41 37.67
CA ASP C 230 9.00 1.99 36.36
C ASP C 230 10.51 2.14 36.07
N PHE C 231 11.34 1.29 36.65
CA PHE C 231 12.77 1.33 36.38
C PHE C 231 13.17 0.59 35.08
N GLY C 232 14.35 0.90 34.57
CA GLY C 232 14.77 0.42 33.25
C GLY C 232 15.31 -1.00 33.14
N VAL C 233 14.44 -1.99 33.24
CA VAL C 233 14.90 -3.38 33.27
C VAL C 233 15.05 -3.99 31.88
N SER C 234 14.04 -3.86 31.04
CA SER C 234 14.16 -4.27 29.64
C SER C 234 14.89 -3.19 28.86
N GLY C 235 16.05 -3.52 28.31
CA GLY C 235 16.80 -2.56 27.51
C GLY C 235 16.09 -2.24 26.20
N GLN C 236 15.37 -3.22 25.65
CA GLN C 236 14.63 -3.03 24.44
C GLN C 236 13.46 -2.08 24.66
N LEU C 237 12.80 -2.19 25.81
CA LEU C 237 11.67 -1.32 26.10
C LEU C 237 12.12 0.12 26.22
N ILE C 238 13.32 0.31 26.80
CA ILE C 238 13.91 1.63 26.87
C ILE C 238 14.01 2.21 25.47
N ASP C 239 14.57 1.40 24.56
CA ASP C 239 14.78 1.79 23.17
C ASP C 239 13.47 2.13 22.46
N ALA C 240 12.49 1.28 22.63
CA ALA C 240 11.19 1.47 22.01
C ALA C 240 10.39 2.67 22.55
N MET C 241 10.78 3.17 23.71
CA MET C 241 10.04 4.26 24.33
C MET C 241 10.58 5.63 23.92
N ALA C 242 11.70 5.63 23.21
CA ALA C 242 12.42 6.85 22.84
C ALA C 242 11.64 7.68 21.84
N ASN C 243 10.89 7.01 20.99
CA ASN C 243 9.94 7.70 20.15
C ASN C 243 8.70 7.98 20.98
N ALA C 244 8.65 9.20 21.50
CA ALA C 244 7.74 9.55 22.56
C ALA C 244 7.13 10.93 22.37
N PHE C 245 6.08 11.23 23.12
CA PHE C 245 5.51 12.58 23.14
C PHE C 245 6.25 13.46 24.16
N VAL C 246 6.15 14.76 23.99
CA VAL C 246 6.85 15.71 24.83
C VAL C 246 6.24 15.80 26.21
N GLY C 247 7.11 15.84 27.21
CA GLY C 247 6.71 15.95 28.59
C GLY C 247 6.48 17.41 28.93
N THR C 248 6.09 17.68 30.15
CA THR C 248 5.80 19.04 30.54
C THR C 248 6.83 19.50 31.57
N ARG C 249 7.43 18.55 32.27
CA ARG C 249 8.63 18.85 33.07
C ARG C 249 9.65 17.72 33.04
N SER C 250 10.69 17.84 33.86
CA SER C 250 11.77 16.88 33.81
C SER C 250 12.54 16.72 35.13
N TYR C 251 13.02 15.51 35.39
CA TYR C 251 13.83 15.25 36.58
C TYR C 251 15.20 14.74 36.17
N MET C 252 15.52 14.90 34.88
CA MET C 252 16.74 14.37 34.32
C MET C 252 17.95 15.14 34.84
N SER C 253 19.04 14.43 35.10
CA SER C 253 20.23 15.06 35.63
C SER C 253 20.87 15.85 34.52
N PRO C 254 21.63 16.88 34.89
CA PRO C 254 22.27 17.74 33.88
C PRO C 254 23.30 16.98 33.06
N GLU C 255 24.01 16.05 33.67
CA GLU C 255 25.07 15.37 32.93
C GLU C 255 24.46 14.47 31.86
N ARG C 256 23.27 13.93 32.14
CA ARG C 256 22.56 13.13 31.14
C ARG C 256 22.04 14.04 30.06
N LEU C 257 21.58 15.21 30.45
CA LEU C 257 21.05 16.15 29.48
C LEU C 257 22.15 16.55 28.52
N GLN C 258 23.40 16.43 28.94
CA GLN C 258 24.50 16.83 28.08
C GLN C 258 25.25 15.67 27.47
N GLY C 259 24.77 14.45 27.71
CA GLY C 259 25.44 13.24 27.24
C GLY C 259 26.87 13.06 27.70
N THR C 260 27.22 13.76 28.79
CA THR C 260 28.55 13.87 29.35
C THR C 260 28.89 12.65 30.22
N HIS C 261 27.86 12.07 30.82
CA HIS C 261 28.04 11.06 31.82
C HIS C 261 26.75 10.25 31.93
N TYR C 262 26.87 8.99 32.39
CA TYR C 262 25.71 8.13 32.60
C TYR C 262 25.97 7.03 33.64
N SER C 263 25.45 7.21 34.85
CA SER C 263 25.61 6.22 35.92
C SER C 263 24.53 6.34 36.98
N VAL C 264 24.68 5.59 38.06
CA VAL C 264 23.77 5.71 39.19
C VAL C 264 23.77 7.14 39.74
N GLN C 265 24.92 7.81 39.60
CA GLN C 265 25.08 9.20 40.02
C GLN C 265 23.95 10.10 39.51
N SER C 266 23.37 9.73 38.36
CA SER C 266 22.26 10.46 37.77
C SER C 266 20.94 10.16 38.47
N ASP C 267 20.75 8.91 38.89
CA ASP C 267 19.56 8.59 39.67
C ASP C 267 19.59 9.26 41.04
N ILE C 268 20.80 9.54 41.52
CA ILE C 268 20.94 10.21 42.80
C ILE C 268 20.42 11.65 42.70
N TRP C 269 20.83 12.37 41.65
CA TRP C 269 20.33 13.71 41.36
C TRP C 269 18.79 13.76 41.36
N SER C 270 18.16 12.82 40.65
CA SER C 270 16.72 12.80 40.53
C SER C 270 16.05 12.59 41.89
N MET C 271 16.66 11.76 42.73
CA MET C 271 16.13 11.56 44.06
C MET C 271 16.21 12.90 44.80
N GLY C 272 17.33 13.58 44.60
CA GLY C 272 17.57 14.86 45.24
C GLY C 272 16.50 15.87 44.89
N LEU C 273 16.20 15.95 43.60
CA LEU C 273 15.27 16.92 43.08
C LEU C 273 13.87 16.54 43.57
N SER C 274 13.59 15.24 43.60
CA SER C 274 12.29 14.76 44.05
C SER C 274 12.05 15.24 45.44
N LEU C 275 13.00 14.95 46.31
CA LEU C 275 12.96 15.34 47.73
C LEU C 275 12.64 16.83 47.94
N VAL C 276 13.39 17.70 47.28
CA VAL C 276 13.08 19.12 47.30
C VAL C 276 11.64 19.37 46.87
N GLU C 277 11.18 18.73 45.79
CA GLU C 277 9.78 18.89 45.40
C GLU C 277 8.84 18.42 46.50
N MET C 278 9.14 17.27 47.08
CA MET C 278 8.27 16.71 48.11
C MET C 278 8.31 17.51 49.42
N ALA C 279 9.47 18.09 49.72
CA ALA C 279 9.63 18.89 50.93
C ALA C 279 8.88 20.22 50.87
N VAL C 280 9.17 21.01 49.85
CA VAL C 280 8.52 22.29 49.59
C VAL C 280 7.09 22.15 49.02
N GLY C 281 6.79 21.02 48.39
CA GLY C 281 5.45 20.79 47.88
C GLY C 281 5.14 21.47 46.56
N ARG C 282 6.20 21.80 45.82
CA ARG C 282 6.07 22.45 44.49
C ARG C 282 7.19 21.93 43.58
N TYR C 283 6.88 21.74 42.29
CA TYR C 283 7.84 21.21 41.27
C TYR C 283 8.97 22.21 41.02
N PRO C 284 10.14 21.75 40.51
CA PRO C 284 11.25 22.69 40.30
C PRO C 284 11.21 23.38 38.93
N ILE C 285 10.88 24.67 38.94
CA ILE C 285 10.83 25.55 37.74
C ILE C 285 11.60 26.82 38.11
N PRO C 286 12.95 26.81 38.10
CA PRO C 286 13.77 27.97 38.53
C PRO C 286 13.35 28.42 39.94
N PRO C 287 13.16 27.45 40.88
CA PRO C 287 12.77 27.73 42.27
C PRO C 287 11.50 28.58 42.39
N PRO C 288 11.50 29.64 43.23
CA PRO C 288 10.31 30.50 43.37
C PRO C 288 10.78 31.92 43.69
N ASP C 289 9.92 32.93 43.46
CA ASP C 289 10.37 34.32 43.74
C ASP C 289 10.28 34.60 45.24
N ALA C 290 10.99 35.65 45.69
CA ALA C 290 11.03 36.09 47.09
C ALA C 290 9.64 36.06 47.75
N LYS C 291 8.65 36.57 47.03
CA LYS C 291 7.27 36.57 47.52
C LYS C 291 6.69 35.17 47.60
N GLU C 292 6.89 34.37 46.55
CA GLU C 292 6.31 33.03 46.47
C GLU C 292 6.80 32.14 47.59
N LEU C 293 8.04 32.34 48.00
CA LEU C 293 8.62 31.54 49.09
C LEU C 293 8.01 31.91 50.46
N GLU C 294 7.42 33.10 50.54
CA GLU C 294 6.79 33.55 51.78
C GLU C 294 5.49 32.78 52.07
N LEU C 295 4.71 32.56 51.02
CA LEU C 295 3.46 31.80 51.12
C LEU C 295 3.74 30.41 51.68
N MET C 296 4.82 29.81 51.19
CA MET C 296 5.15 28.42 51.55
C MET C 296 6.04 28.33 52.79
N PRO C 328 1.70 31.29 33.61
CA PRO C 328 1.97 30.32 32.54
C PRO C 328 3.27 29.54 32.76
N PRO C 329 3.16 28.21 32.87
CA PRO C 329 4.30 27.33 33.18
C PRO C 329 5.43 27.42 32.16
N MET C 330 6.65 27.37 32.68
CA MET C 330 7.87 27.38 31.90
C MET C 330 7.88 26.15 30.98
N ALA C 331 8.16 26.40 29.69
CA ALA C 331 8.17 25.34 28.69
C ALA C 331 9.31 24.34 28.95
N ILE C 332 9.17 23.10 28.49
CA ILE C 332 10.13 22.12 28.93
C ILE C 332 11.55 22.42 28.47
N PHE C 333 11.71 22.97 27.27
CA PHE C 333 13.05 23.28 26.79
C PHE C 333 13.71 24.25 27.76
N GLU C 334 12.94 25.23 28.23
CA GLU C 334 13.48 26.18 29.20
C GLU C 334 13.86 25.49 30.51
N LEU C 335 13.05 24.53 30.96
CA LEU C 335 13.39 23.76 32.15
C LEU C 335 14.73 23.03 31.99
N LEU C 336 14.93 22.43 30.82
CA LEU C 336 16.12 21.66 30.59
C LEU C 336 17.29 22.58 30.52
N ASP C 337 17.07 23.74 29.92
CA ASP C 337 18.15 24.69 29.76
C ASP C 337 18.54 25.21 31.15
N TYR C 338 17.56 25.31 32.04
CA TYR C 338 17.82 25.71 33.41
C TYR C 338 18.74 24.71 34.09
N ILE C 339 18.22 23.51 34.34
CA ILE C 339 18.98 22.38 34.87
C ILE C 339 20.42 22.33 34.38
N VAL C 340 20.62 22.46 33.08
CA VAL C 340 21.97 22.46 32.54
C VAL C 340 22.79 23.71 32.92
N ASN C 341 22.20 24.89 32.83
CA ASN C 341 23.01 26.09 32.96
C ASN C 341 22.95 26.88 34.25
N GLU C 342 22.03 26.53 35.14
CA GLU C 342 21.84 27.24 36.41
C GLU C 342 22.20 26.41 37.64
N PRO C 343 22.42 27.10 38.79
CA PRO C 343 22.68 26.36 40.03
C PRO C 343 21.50 25.50 40.45
N PRO C 344 21.80 24.36 41.09
CA PRO C 344 20.74 23.42 41.48
C PRO C 344 19.78 24.07 42.47
N PRO C 345 18.54 23.59 42.54
CA PRO C 345 17.62 24.11 43.54
C PRO C 345 18.12 23.73 44.93
N LYS C 346 17.48 24.25 45.96
CA LYS C 346 17.83 23.89 47.34
C LYS C 346 16.69 24.16 48.32
N LEU C 347 16.80 23.57 49.51
CA LEU C 347 15.76 23.67 50.53
C LEU C 347 15.81 25.06 51.15
N PRO C 348 14.65 25.56 51.60
CA PRO C 348 14.58 26.82 52.35
C PRO C 348 15.39 26.75 53.65
N SER C 349 15.83 27.90 54.15
CA SER C 349 16.82 27.99 55.23
C SER C 349 16.41 27.39 56.58
N GLY C 350 15.30 27.88 57.15
CA GLY C 350 14.96 27.54 58.52
C GLY C 350 14.11 26.30 58.75
N VAL C 351 13.15 26.07 57.85
CA VAL C 351 12.13 25.03 57.99
C VAL C 351 12.69 23.60 58.05
N PHE C 352 13.91 23.41 57.58
CA PHE C 352 14.49 22.08 57.56
C PHE C 352 15.80 21.97 58.32
N SER C 353 15.98 20.80 58.94
CA SER C 353 17.19 20.49 59.68
C SER C 353 18.42 20.68 58.81
N LEU C 354 19.55 21.02 59.41
CA LEU C 354 20.75 21.20 58.64
C LEU C 354 21.18 19.88 57.98
N GLU C 355 20.90 18.76 58.65
CA GLU C 355 21.26 17.45 58.11
C GLU C 355 20.50 17.17 56.80
N PHE C 356 19.22 17.51 56.77
CA PHE C 356 18.39 17.34 55.57
C PHE C 356 18.88 18.25 54.44
N GLN C 357 19.03 19.53 54.73
CA GLN C 357 19.61 20.48 53.78
C GLN C 357 20.95 19.99 53.24
N ASP C 358 21.75 19.37 54.08
CA ASP C 358 23.06 18.92 53.59
C ASP C 358 22.89 17.70 52.69
N PHE C 359 21.93 16.84 53.03
CA PHE C 359 21.67 15.61 52.30
C PHE C 359 21.23 15.89 50.87
N VAL C 360 20.20 16.72 50.70
CA VAL C 360 19.73 17.02 49.35
C VAL C 360 20.82 17.71 48.54
N ASN C 361 21.65 18.49 49.23
CA ASN C 361 22.70 19.25 48.56
C ASN C 361 23.73 18.35 47.90
N LYS C 362 24.13 17.27 48.58
CA LYS C 362 25.12 16.35 48.04
C LYS C 362 24.52 15.46 46.95
N CYS C 363 23.19 15.38 46.94
CA CYS C 363 22.50 14.72 45.83
C CYS C 363 22.39 15.62 44.59
N LEU C 364 22.46 16.93 44.79
CA LEU C 364 22.16 17.86 43.69
C LEU C 364 23.37 18.59 43.13
N ILE C 365 24.58 18.12 43.46
CA ILE C 365 25.77 18.75 42.92
C ILE C 365 25.85 18.48 41.39
N LYS C 366 26.00 19.54 40.62
CA LYS C 366 25.98 19.47 39.16
C LYS C 366 26.94 18.42 38.61
N ASN C 367 28.21 18.49 39.03
CA ASN C 367 29.27 17.53 38.63
C ASN C 367 29.13 16.16 39.31
N PRO C 368 28.77 15.10 38.53
CA PRO C 368 28.48 13.78 39.12
C PRO C 368 29.64 13.23 39.97
N ALA C 369 30.86 13.53 39.57
CA ALA C 369 32.06 13.09 40.28
C ALA C 369 32.03 13.52 41.74
N GLU C 370 31.78 14.80 41.99
N GLU C 370 31.77 14.81 41.96
CA GLU C 370 31.77 15.32 43.37
CA GLU C 370 31.74 15.42 43.28
C GLU C 370 30.43 15.09 44.04
C GLU C 370 30.43 15.12 44.01
N ARG C 371 29.55 14.37 43.37
CA ARG C 371 28.22 14.13 43.90
C ARG C 371 28.29 12.88 44.75
N ALA C 372 27.68 12.92 45.94
CA ALA C 372 27.75 11.77 46.84
C ALA C 372 27.22 10.52 46.16
N ASP C 373 27.78 9.36 46.50
CA ASP C 373 27.29 8.10 45.98
C ASP C 373 26.46 7.36 47.01
N LEU C 374 25.96 6.18 46.64
CA LEU C 374 25.08 5.44 47.53
C LEU C 374 25.75 5.06 48.84
N LYS C 375 27.04 4.68 48.80
CA LYS C 375 27.75 4.33 50.02
C LYS C 375 27.84 5.55 50.92
N GLN C 376 28.26 6.67 50.35
CA GLN C 376 28.41 7.91 51.13
C GLN C 376 27.07 8.39 51.70
N LEU C 377 26.00 8.29 50.90
CA LEU C 377 24.70 8.78 51.32
C LEU C 377 24.14 7.93 52.44
N MET C 378 24.49 6.65 52.42
CA MET C 378 23.90 5.69 53.33
C MET C 378 24.30 5.97 54.78
N VAL C 379 25.53 6.44 54.95
CA VAL C 379 26.05 6.74 56.27
C VAL C 379 25.90 8.23 56.59
N HIS C 380 25.04 8.92 55.86
CA HIS C 380 24.87 10.36 56.06
C HIS C 380 24.08 10.66 57.33
N ALA C 381 24.54 11.70 58.03
CA ALA C 381 23.85 12.25 59.20
C ALA C 381 22.32 12.15 59.12
N PHE C 382 21.75 12.48 57.97
CA PHE C 382 20.31 12.52 57.81
C PHE C 382 19.72 11.11 57.80
N ILE C 383 20.55 10.17 57.35
CA ILE C 383 20.12 8.78 57.18
C ILE C 383 20.27 8.00 58.50
N LYS C 384 21.38 8.25 59.20
CA LYS C 384 21.62 7.70 60.53
C LYS C 384 20.48 8.06 61.46
N ARG C 385 20.18 9.35 61.50
CA ARG C 385 19.05 9.90 62.27
C ARG C 385 17.73 9.22 61.92
N SER C 386 17.36 9.24 60.65
CA SER C 386 16.04 8.80 60.20
C SER C 386 15.83 7.29 60.39
N ASP C 387 16.89 6.55 60.12
CA ASP C 387 16.89 5.11 60.26
C ASP C 387 16.49 4.79 61.69
N ALA C 388 17.18 5.45 62.61
CA ALA C 388 17.02 5.26 64.04
C ALA C 388 15.67 5.74 64.56
N GLU C 389 15.12 6.79 63.93
CA GLU C 389 13.81 7.28 64.32
C GLU C 389 12.75 6.21 64.05
N GLU C 390 11.69 6.21 64.85
CA GLU C 390 10.59 5.31 64.56
C GLU C 390 9.39 6.15 64.26
N VAL C 391 8.85 5.98 63.05
CA VAL C 391 7.70 6.76 62.59
C VAL C 391 6.56 5.88 62.12
N ASP C 392 5.36 6.17 62.60
CA ASP C 392 4.20 5.43 62.12
C ASP C 392 3.96 5.89 60.70
N PHE C 393 4.81 5.41 59.78
CA PHE C 393 4.68 5.81 58.40
C PHE C 393 3.33 5.35 57.86
N ALA C 394 3.00 4.09 58.10
CA ALA C 394 1.75 3.51 57.62
C ALA C 394 0.58 4.30 58.17
N GLY C 395 0.74 4.77 59.41
CA GLY C 395 -0.28 5.56 60.07
C GLY C 395 -0.42 6.93 59.48
N TRP C 396 0.72 7.60 59.25
CA TRP C 396 0.74 8.93 58.63
C TRP C 396 0.07 8.91 57.26
N LEU C 397 0.29 7.82 56.55
CA LEU C 397 -0.22 7.63 55.21
C LEU C 397 -1.75 7.54 55.17
N CYS C 398 -2.30 6.64 55.97
CA CYS C 398 -3.75 6.43 56.01
C CYS C 398 -4.47 7.65 56.59
N SER C 399 -3.79 8.36 57.50
CA SER C 399 -4.34 9.55 58.09
C SER C 399 -4.40 10.69 57.08
N THR C 400 -3.43 10.72 56.17
CA THR C 400 -3.50 11.73 55.10
C THR C 400 -4.33 11.27 53.89
N ILE C 401 -5.00 10.12 54.00
CA ILE C 401 -6.02 9.75 53.01
C ILE C 401 -7.31 9.15 53.62
N ASP D 4 -4.64 -25.30 -48.83
CA ASP D 4 -5.34 -24.08 -48.47
C ASP D 4 -4.53 -23.26 -47.48
N LYS D 5 -4.53 -21.95 -47.68
CA LYS D 5 -3.81 -21.01 -46.84
C LYS D 5 -4.57 -20.65 -45.58
N GLU D 6 -5.90 -20.57 -45.68
CA GLU D 6 -6.70 -20.03 -44.58
C GLU D 6 -6.70 -20.97 -43.38
N GLU D 7 -6.62 -22.27 -43.62
CA GLU D 7 -6.49 -23.21 -42.51
C GLU D 7 -5.17 -23.00 -41.77
N LEU D 8 -4.12 -22.66 -42.52
CA LEU D 8 -2.82 -22.44 -41.91
C LEU D 8 -2.82 -21.16 -41.09
N VAL D 9 -3.45 -20.11 -41.61
CA VAL D 9 -3.43 -18.85 -40.86
C VAL D 9 -4.38 -18.93 -39.67
N GLN D 10 -5.45 -19.71 -39.76
CA GLN D 10 -6.31 -19.87 -38.59
C GLN D 10 -5.62 -20.72 -37.53
N ARG D 11 -4.84 -21.72 -37.97
CA ARG D 11 -4.08 -22.53 -37.03
C ARG D 11 -3.02 -21.70 -36.33
N ALA D 12 -2.34 -20.82 -37.07
CA ALA D 12 -1.31 -19.99 -36.46
C ALA D 12 -1.91 -18.95 -35.53
N LYS D 13 -3.04 -18.37 -35.91
CA LYS D 13 -3.71 -17.38 -35.06
C LYS D 13 -4.24 -18.03 -33.79
N LEU D 14 -4.81 -19.23 -33.92
CA LEU D 14 -5.29 -19.98 -32.75
C LEU D 14 -4.16 -20.33 -31.82
N ALA D 15 -3.01 -20.73 -32.37
CA ALA D 15 -1.88 -21.04 -31.52
C ALA D 15 -1.28 -19.80 -30.92
N GLU D 16 -1.45 -18.65 -31.56
CA GLU D 16 -1.02 -17.40 -30.95
C GLU D 16 -1.91 -17.04 -29.78
N GLN D 17 -3.20 -17.37 -29.87
CA GLN D 17 -4.06 -17.13 -28.73
C GLN D 17 -3.76 -18.05 -27.55
N ALA D 18 -3.01 -19.13 -27.74
CA ALA D 18 -2.74 -20.06 -26.67
C ALA D 18 -1.37 -19.87 -26.05
N GLU D 19 -0.68 -18.78 -26.39
CA GLU D 19 0.62 -18.40 -25.83
C GLU D 19 1.67 -19.48 -26.02
N ARG D 20 1.58 -20.21 -27.12
CA ARG D 20 2.57 -21.20 -27.53
C ARG D 20 3.23 -20.66 -28.77
N TYR D 21 4.53 -20.46 -28.73
CA TYR D 21 5.25 -19.88 -29.86
C TYR D 21 6.23 -20.87 -30.47
N ASP D 22 5.86 -22.13 -30.52
CA ASP D 22 6.61 -23.09 -31.32
C ASP D 22 5.78 -23.61 -32.47
N ASP D 23 4.56 -24.07 -32.18
CA ASP D 23 3.64 -24.48 -33.23
C ASP D 23 3.28 -23.30 -34.11
N MET D 24 3.24 -22.10 -33.54
CA MET D 24 2.98 -20.90 -34.33
C MET D 24 4.10 -20.62 -35.33
N ALA D 25 5.35 -20.70 -34.87
CA ALA D 25 6.48 -20.42 -35.76
C ALA D 25 6.60 -21.50 -36.82
N ALA D 26 6.33 -22.76 -36.46
CA ALA D 26 6.34 -23.83 -37.45
C ALA D 26 5.24 -23.64 -38.49
N ALA D 27 4.05 -23.22 -38.06
CA ALA D 27 2.97 -22.99 -39.00
C ALA D 27 3.26 -21.81 -39.92
N MET D 28 3.93 -20.79 -39.41
CA MET D 28 4.20 -19.63 -40.26
C MET D 28 5.36 -19.90 -41.22
N LYS D 29 6.35 -20.68 -40.79
CA LYS D 29 7.37 -21.15 -41.71
C LYS D 29 6.77 -22.02 -42.81
N GLU D 30 5.78 -22.85 -42.45
CA GLU D 30 5.08 -23.65 -43.45
C GLU D 30 4.26 -22.78 -44.38
N VAL D 31 3.79 -21.62 -43.89
CA VAL D 31 3.10 -20.68 -44.77
C VAL D 31 4.07 -20.09 -45.77
N THR D 32 5.21 -19.60 -45.29
CA THR D 32 6.15 -18.90 -46.17
C THR D 32 6.84 -19.86 -47.13
N GLU D 33 6.93 -21.13 -46.76
CA GLU D 33 7.56 -22.13 -47.63
C GLU D 33 6.75 -22.38 -48.90
N THR D 34 5.46 -22.07 -48.88
CA THR D 34 4.66 -22.14 -50.10
C THR D 34 5.11 -21.12 -51.13
N GLY D 35 5.66 -19.99 -50.69
CA GLY D 35 6.20 -19.03 -51.62
C GLY D 35 5.15 -18.15 -52.27
N VAL D 36 4.07 -17.86 -51.54
CA VAL D 36 3.03 -16.95 -52.00
C VAL D 36 3.14 -15.66 -51.19
N GLU D 37 2.74 -14.55 -51.80
CA GLU D 37 2.95 -13.26 -51.16
C GLU D 37 1.88 -13.01 -50.09
N LEU D 38 2.31 -12.52 -48.92
CA LEU D 38 1.45 -12.33 -47.78
C LEU D 38 0.57 -11.10 -47.95
N SER D 39 -0.38 -10.95 -47.04
CA SER D 39 -1.21 -9.76 -46.98
C SER D 39 -0.56 -8.76 -46.04
N ASN D 40 -1.33 -7.77 -45.62
CA ASN D 40 -0.89 -6.97 -44.48
C ASN D 40 -1.14 -7.71 -43.18
N GLU D 41 -2.25 -8.45 -43.09
CA GLU D 41 -2.62 -9.10 -41.84
C GLU D 41 -1.71 -10.29 -41.53
N GLU D 42 -1.43 -11.13 -42.52
CA GLU D 42 -0.65 -12.34 -42.31
C GLU D 42 0.81 -12.06 -41.98
N ARG D 43 1.26 -10.84 -42.11
CA ARG D 43 2.65 -10.49 -41.88
C ARG D 43 2.96 -10.22 -40.42
N ASN D 44 2.08 -9.47 -39.75
CA ASN D 44 2.29 -9.11 -38.36
C ASN D 44 2.31 -10.35 -37.47
N LEU D 45 1.57 -11.39 -37.86
CA LEU D 45 1.64 -12.67 -37.13
C LEU D 45 3.02 -13.27 -37.23
N LEU D 46 3.62 -13.24 -38.42
CA LEU D 46 4.96 -13.78 -38.61
C LEU D 46 5.98 -13.02 -37.78
N SER D 47 5.85 -11.69 -37.76
CA SER D 47 6.81 -10.89 -37.01
C SER D 47 6.65 -11.11 -35.51
N VAL D 48 5.40 -11.29 -35.05
CA VAL D 48 5.14 -11.55 -33.64
C VAL D 48 5.72 -12.89 -33.22
N ALA D 49 5.56 -13.91 -34.06
CA ALA D 49 6.08 -15.23 -33.73
C ALA D 49 7.60 -15.21 -33.66
N TYR D 50 8.25 -14.73 -34.71
CA TYR D 50 9.70 -14.76 -34.69
C TYR D 50 10.30 -13.65 -33.84
N LYS D 51 9.48 -12.74 -33.30
CA LYS D 51 9.98 -11.85 -32.28
C LYS D 51 9.91 -12.52 -30.92
N ASN D 52 8.83 -13.25 -30.64
CA ASN D 52 8.66 -13.85 -29.33
C ASN D 52 9.66 -14.96 -29.09
N VAL D 53 9.95 -15.75 -30.13
CA VAL D 53 10.87 -16.86 -29.97
C VAL D 53 12.27 -16.37 -29.66
N VAL D 54 12.72 -15.33 -30.36
CA VAL D 54 14.02 -14.77 -30.08
C VAL D 54 14.02 -14.03 -28.75
N GLY D 55 12.87 -13.48 -28.36
CA GLY D 55 12.81 -12.73 -27.12
C GLY D 55 12.94 -13.58 -25.88
N ALA D 56 12.33 -14.77 -25.89
CA ALA D 56 12.49 -15.69 -24.76
C ALA D 56 13.94 -16.08 -24.57
N ARG D 57 14.62 -16.39 -25.67
CA ARG D 57 16.02 -16.75 -25.60
C ARG D 57 16.88 -15.55 -25.24
N ARG D 58 16.45 -14.34 -25.62
CA ARG D 58 17.18 -13.14 -25.26
C ARG D 58 17.14 -12.92 -23.76
N SER D 59 15.96 -13.08 -23.15
CA SER D 59 15.85 -12.93 -21.71
C SER D 59 16.65 -14.01 -20.98
N SER D 60 16.65 -15.23 -21.52
CA SER D 60 17.45 -16.29 -20.94
C SER D 60 18.94 -15.94 -21.00
N TRP D 61 19.38 -15.43 -22.14
CA TRP D 61 20.78 -15.05 -22.32
C TRP D 61 21.17 -13.95 -21.37
N ARG D 62 20.30 -12.96 -21.19
CA ARG D 62 20.63 -11.83 -20.33
C ARG D 62 20.77 -12.26 -18.88
N VAL D 63 19.83 -13.07 -18.40
CA VAL D 63 19.89 -13.45 -16.99
C VAL D 63 21.02 -14.45 -16.72
N ILE D 64 21.33 -15.31 -17.70
CA ILE D 64 22.43 -16.26 -17.52
C ILE D 64 23.76 -15.51 -17.52
N SER D 65 23.89 -14.50 -18.38
CA SER D 65 25.12 -13.72 -18.41
C SER D 65 25.27 -12.85 -17.17
N SER D 66 24.16 -12.38 -16.59
CA SER D 66 24.28 -11.61 -15.36
C SER D 66 24.68 -12.50 -14.19
N ILE D 67 24.21 -13.76 -14.17
CA ILE D 67 24.70 -14.70 -13.17
C ILE D 67 26.18 -15.00 -13.37
N GLU D 68 26.60 -15.10 -14.65
CA GLU D 68 28.01 -15.28 -14.97
C GLU D 68 28.87 -14.13 -14.48
N GLN D 69 28.38 -12.91 -14.61
CA GLN D 69 29.10 -11.78 -14.03
C GLN D 69 28.88 -11.68 -12.52
N LYS D 70 27.92 -12.42 -11.97
CA LYS D 70 27.62 -12.32 -10.56
C LYS D 70 28.44 -13.27 -9.71
N THR D 71 28.86 -14.42 -10.27
CA THR D 71 29.43 -15.50 -9.45
C THR D 71 30.78 -15.10 -8.85
N GLU D 72 31.75 -14.73 -9.69
CA GLU D 72 33.05 -14.16 -9.31
C GLU D 72 33.81 -15.06 -8.32
N GLY D 73 33.94 -16.31 -8.73
CA GLY D 73 34.71 -17.28 -7.99
C GLY D 73 35.59 -18.06 -8.93
N SER D 74 35.99 -19.27 -8.55
CA SER D 74 36.78 -20.13 -9.43
C SER D 74 36.40 -21.58 -9.22
N GLU D 75 35.48 -22.08 -10.04
CA GLU D 75 34.93 -23.42 -9.86
C GLU D 75 34.36 -23.88 -11.19
N ARG D 76 33.68 -25.02 -11.15
CA ARG D 76 33.06 -25.57 -12.34
C ARG D 76 31.70 -24.95 -12.64
N LYS D 77 31.18 -24.14 -11.72
CA LYS D 77 29.92 -23.43 -11.99
C LYS D 77 30.09 -22.47 -13.15
N GLN D 78 31.22 -21.78 -13.21
CA GLN D 78 31.46 -20.83 -14.29
C GLN D 78 31.63 -21.53 -15.62
N GLN D 79 32.33 -22.68 -15.62
CA GLN D 79 32.46 -23.48 -16.83
C GLN D 79 31.11 -24.01 -17.29
N MET D 80 30.28 -24.45 -16.35
CA MET D 80 28.99 -25.00 -16.70
C MET D 80 28.04 -23.92 -17.19
N ALA D 81 28.10 -22.76 -16.52
CA ALA D 81 27.25 -21.59 -16.85
C ALA D 81 27.68 -21.01 -18.21
N LYS D 82 29.00 -20.89 -18.44
CA LYS D 82 29.52 -20.36 -19.72
C LYS D 82 29.10 -21.33 -20.84
N GLU D 83 29.20 -22.63 -20.58
CA GLU D 83 28.82 -23.67 -21.57
C GLU D 83 27.32 -23.55 -21.86
N TYR D 84 26.52 -23.30 -20.82
CA TYR D 84 25.05 -23.13 -20.98
C TYR D 84 24.77 -21.90 -21.85
N ARG D 85 25.53 -20.83 -21.62
CA ARG D 85 25.37 -19.58 -22.41
C ARG D 85 25.72 -19.87 -23.87
N VAL D 86 26.76 -20.67 -24.10
CA VAL D 86 27.20 -21.05 -25.48
C VAL D 86 26.06 -21.86 -26.13
N LYS D 87 25.43 -22.75 -25.36
CA LYS D 87 24.31 -23.58 -25.87
C LYS D 87 23.14 -22.65 -26.25
N VAL D 88 22.88 -21.64 -25.41
CA VAL D 88 21.79 -20.65 -25.68
C VAL D 88 22.10 -19.91 -26.98
N GLU D 89 23.38 -19.54 -27.17
CA GLU D 89 23.82 -18.82 -28.40
C GLU D 89 23.59 -19.74 -29.61
N LYS D 90 23.90 -21.03 -29.45
CA LYS D 90 23.74 -22.04 -30.52
C LYS D 90 22.25 -22.18 -30.88
N GLU D 91 21.37 -22.08 -29.88
CA GLU D 91 19.94 -22.19 -30.15
C GLU D 91 19.38 -20.93 -30.79
N LEU D 92 19.85 -19.80 -30.23
CA LEU D 92 19.60 -18.39 -30.62
C LEU D 92 20.05 -18.20 -32.07
N ARG D 93 21.22 -18.74 -32.40
CA ARG D 93 21.84 -18.66 -33.75
C ARG D 93 20.99 -19.46 -34.74
N GLU D 94 20.51 -20.64 -34.34
CA GLU D 94 19.71 -21.50 -35.22
C GLU D 94 18.39 -20.85 -35.58
N ILE D 95 17.75 -20.19 -34.61
CA ILE D 95 16.49 -19.51 -34.88
C ILE D 95 16.67 -18.37 -35.86
N CYS D 96 17.67 -17.51 -35.63
CA CYS D 96 17.85 -16.35 -36.49
C CYS D 96 18.28 -16.75 -37.90
N TYR D 97 19.06 -17.82 -38.02
CA TYR D 97 19.44 -18.30 -39.34
C TYR D 97 18.25 -18.87 -40.08
N ASP D 98 17.33 -19.54 -39.36
CA ASP D 98 16.10 -20.01 -39.99
C ASP D 98 15.26 -18.84 -40.47
N VAL D 99 15.26 -17.74 -39.70
CA VAL D 99 14.48 -16.56 -40.09
C VAL D 99 15.04 -15.94 -41.36
N LEU D 100 16.35 -15.71 -41.39
CA LEU D 100 16.96 -15.06 -42.55
C LEU D 100 16.88 -15.94 -43.79
N GLY D 101 16.99 -17.25 -43.61
CA GLY D 101 16.79 -18.15 -44.73
C GLY D 101 15.35 -18.17 -45.21
N LEU D 102 14.39 -17.97 -44.32
CA LEU D 102 13.01 -17.87 -44.77
C LEU D 102 12.69 -16.49 -45.31
N LEU D 103 13.56 -15.53 -45.05
CA LEU D 103 13.28 -14.16 -45.44
C LEU D 103 13.86 -13.79 -46.80
N ASP D 104 15.14 -14.12 -47.04
CA ASP D 104 15.83 -13.70 -48.26
C ASP D 104 15.61 -14.66 -49.42
N LYS D 105 14.64 -15.56 -49.32
CA LYS D 105 14.39 -16.53 -50.37
C LYS D 105 12.94 -16.57 -50.82
N HIS D 106 12.02 -15.98 -50.08
CA HIS D 106 10.64 -15.92 -50.53
C HIS D 106 9.98 -14.57 -50.34
N LEU D 107 10.57 -13.64 -49.60
CA LEU D 107 9.81 -12.44 -49.26
C LEU D 107 10.44 -11.14 -49.71
N ILE D 108 11.72 -10.93 -49.43
CA ILE D 108 12.38 -9.71 -49.90
C ILE D 108 12.53 -9.67 -51.42
N PRO D 109 13.02 -10.71 -52.14
CA PRO D 109 13.11 -10.55 -53.60
C PRO D 109 11.78 -10.55 -54.32
N LYS D 110 10.70 -10.95 -53.66
CA LYS D 110 9.37 -10.84 -54.24
C LYS D 110 8.56 -9.97 -53.30
N ALA D 111 8.68 -8.66 -53.49
CA ALA D 111 8.07 -7.67 -52.60
C ALA D 111 7.61 -6.49 -53.45
N SER D 112 6.34 -6.51 -53.87
CA SER D 112 5.81 -5.49 -54.77
C SER D 112 5.53 -4.18 -54.06
N ASN D 113 5.10 -4.21 -52.84
CA ASN D 113 4.77 -3.01 -52.10
C ASN D 113 6.05 -2.44 -51.50
N PRO D 114 6.34 -1.15 -51.71
CA PRO D 114 7.54 -0.57 -51.07
C PRO D 114 7.44 -0.48 -49.56
N GLU D 115 6.23 -0.28 -49.03
CA GLU D 115 6.00 -0.35 -47.59
C GLU D 115 6.38 -1.71 -47.04
N SER D 116 6.05 -2.76 -47.77
CA SER D 116 6.47 -4.11 -47.40
C SER D 116 7.99 -4.24 -47.45
N LYS D 117 8.64 -3.53 -48.37
CA LYS D 117 10.09 -3.59 -48.46
C LYS D 117 10.72 -2.93 -47.25
N VAL D 118 10.15 -1.82 -46.77
CA VAL D 118 10.63 -1.19 -45.54
C VAL D 118 10.43 -2.12 -44.35
N PHE D 119 9.30 -2.83 -44.33
CA PHE D 119 9.01 -3.77 -43.24
C PHE D 119 10.03 -4.90 -43.20
N TYR D 120 10.22 -5.60 -44.31
CA TYR D 120 11.10 -6.75 -44.32
C TYR D 120 12.55 -6.35 -44.12
N LEU D 121 12.94 -5.18 -44.62
CA LEU D 121 14.30 -4.72 -44.38
C LEU D 121 14.49 -4.32 -42.92
N LYS D 122 13.44 -3.81 -42.29
CA LYS D 122 13.50 -3.51 -40.86
C LYS D 122 13.68 -4.78 -40.04
N MET D 123 12.96 -5.84 -40.43
CA MET D 123 13.10 -7.13 -39.76
C MET D 123 14.50 -7.69 -39.95
N LYS D 124 15.06 -7.55 -41.16
CA LYS D 124 16.39 -8.06 -41.45
C LYS D 124 17.44 -7.34 -40.62
N GLY D 125 17.33 -6.02 -40.52
CA GLY D 125 18.23 -5.28 -39.66
C GLY D 125 18.08 -5.65 -38.19
N ASP D 126 16.85 -5.92 -37.77
CA ASP D 126 16.60 -6.34 -36.39
C ASP D 126 17.29 -7.65 -36.08
N TYR D 127 17.13 -8.66 -36.94
CA TYR D 127 17.67 -9.97 -36.62
C TYR D 127 19.18 -9.97 -36.73
N TYR D 128 19.73 -9.15 -37.62
CA TYR D 128 21.17 -9.00 -37.66
C TYR D 128 21.68 -8.32 -36.40
N ARG D 129 20.90 -7.39 -35.85
CA ARG D 129 21.32 -6.79 -34.57
C ARG D 129 21.27 -7.81 -33.44
N TYR D 130 20.25 -8.68 -33.49
CA TYR D 130 20.03 -9.78 -32.51
C TYR D 130 21.27 -10.68 -32.52
N LEU D 131 21.78 -11.02 -33.70
CA LEU D 131 23.00 -11.80 -33.81
C LEU D 131 24.22 -10.97 -33.42
N ALA D 132 24.15 -9.66 -33.60
CA ALA D 132 25.30 -8.83 -33.33
C ALA D 132 25.58 -8.69 -31.85
N GLU D 133 24.54 -8.66 -31.02
CA GLU D 133 24.74 -8.44 -29.59
C GLU D 133 25.39 -9.64 -28.91
N VAL D 134 25.29 -10.82 -29.51
CA VAL D 134 25.66 -12.04 -28.82
C VAL D 134 26.97 -12.62 -29.31
N ALA D 135 27.28 -12.56 -30.61
CA ALA D 135 28.52 -13.09 -31.13
C ALA D 135 29.61 -12.03 -30.96
N THR D 136 30.65 -12.37 -30.21
CA THR D 136 31.73 -11.43 -29.91
C THR D 136 33.02 -12.01 -30.47
N GLY D 137 33.61 -11.30 -31.43
CA GLY D 137 34.83 -11.76 -32.07
C GLY D 137 34.97 -11.12 -33.43
N GLU D 138 35.59 -11.88 -34.34
CA GLU D 138 35.76 -11.38 -35.70
C GLU D 138 34.43 -11.37 -36.45
N THR D 139 33.55 -12.31 -36.17
CA THR D 139 32.29 -12.43 -36.89
C THR D 139 31.30 -11.33 -36.55
N ARG D 140 31.58 -10.54 -35.51
CA ARG D 140 30.77 -9.36 -35.22
C ARG D 140 30.80 -8.35 -36.35
N ASN D 141 31.98 -8.12 -36.94
CA ASN D 141 32.14 -7.03 -37.91
C ASN D 141 31.43 -7.33 -39.22
N SER D 142 31.08 -8.59 -39.47
CA SER D 142 30.29 -8.92 -40.64
C SER D 142 28.82 -8.55 -40.45
N VAL D 143 28.20 -9.03 -39.36
CA VAL D 143 26.78 -8.84 -39.18
C VAL D 143 26.46 -7.40 -38.81
N VAL D 144 27.41 -6.70 -38.16
CA VAL D 144 27.22 -5.29 -37.87
C VAL D 144 27.12 -4.48 -39.15
N GLU D 145 28.03 -4.72 -40.09
CA GLU D 145 27.97 -4.03 -41.37
C GLU D 145 26.77 -4.49 -42.20
N ASP D 146 26.34 -5.74 -42.01
CA ASP D 146 25.16 -6.24 -42.73
C ASP D 146 23.89 -5.54 -42.28
N SER D 147 23.71 -5.43 -40.96
CA SER D 147 22.60 -4.65 -40.41
C SER D 147 22.71 -3.18 -40.78
N GLN D 148 23.93 -2.67 -40.87
CA GLN D 148 24.14 -1.28 -41.26
C GLN D 148 23.64 -1.02 -42.68
N LYS D 149 23.98 -1.92 -43.61
CA LYS D 149 23.49 -1.80 -44.97
C LYS D 149 21.97 -1.97 -45.03
N ALA D 150 21.43 -2.89 -44.22
CA ALA D 150 19.99 -3.13 -44.25
C ALA D 150 19.21 -1.94 -43.72
N TYR D 151 19.68 -1.34 -42.63
CA TYR D 151 18.98 -0.20 -42.06
C TYR D 151 19.16 1.05 -42.91
N GLN D 152 20.32 1.20 -43.56
CA GLN D 152 20.49 2.33 -44.47
C GLN D 152 19.57 2.19 -45.68
N ASP D 153 19.43 0.97 -46.19
CA ASP D 153 18.55 0.70 -47.32
C ASP D 153 17.09 0.97 -46.93
N ALA D 154 16.73 0.64 -45.69
CA ALA D 154 15.39 0.95 -45.23
C ALA D 154 15.22 2.44 -44.98
N PHE D 155 16.28 3.11 -44.52
CA PHE D 155 16.19 4.52 -44.16
C PHE D 155 16.01 5.38 -45.40
N GLU D 156 16.60 4.96 -46.52
CA GLU D 156 16.44 5.70 -47.76
C GLU D 156 14.99 5.67 -48.23
N ILE D 157 14.37 4.50 -48.22
CA ILE D 157 12.99 4.39 -48.67
C ILE D 157 12.05 5.03 -47.66
N SER D 158 12.45 5.07 -46.39
CA SER D 158 11.64 5.77 -45.39
C SER D 158 11.66 7.27 -45.63
N LYS D 159 12.83 7.83 -45.90
CA LYS D 159 12.95 9.25 -46.18
C LYS D 159 12.31 9.60 -47.52
N ALA D 160 12.23 8.63 -48.43
CA ALA D 160 11.61 8.91 -49.73
C ALA D 160 10.08 8.83 -49.66
N LYS D 161 9.54 7.65 -49.38
CA LYS D 161 8.13 7.44 -49.71
C LYS D 161 7.38 6.94 -48.47
N MET D 162 7.60 7.60 -47.34
CA MET D 162 6.84 7.26 -46.14
C MET D 162 6.36 8.54 -45.47
N GLN D 163 5.57 8.36 -44.46
CA GLN D 163 5.03 9.48 -43.71
C GLN D 163 5.91 9.73 -42.49
N PRO D 164 6.01 10.97 -42.05
CA PRO D 164 6.71 11.22 -40.78
C PRO D 164 5.91 10.79 -39.55
N THR D 165 4.72 10.25 -39.78
CA THR D 165 3.88 9.80 -38.69
C THR D 165 3.45 8.36 -38.87
N HIS D 166 4.09 7.63 -39.79
CA HIS D 166 3.70 6.25 -39.99
C HIS D 166 4.34 5.38 -38.91
N PRO D 167 3.72 4.25 -38.54
CA PRO D 167 4.35 3.35 -37.57
C PRO D 167 5.66 2.75 -38.05
N ILE D 168 5.78 2.44 -39.34
CA ILE D 168 6.92 1.66 -39.79
C ILE D 168 8.17 2.51 -39.83
N ARG D 169 8.04 3.76 -40.29
CA ARG D 169 9.19 4.66 -40.31
C ARG D 169 9.63 4.99 -38.89
N LEU D 170 8.66 5.12 -37.98
CA LEU D 170 9.00 5.34 -36.58
C LEU D 170 9.71 4.14 -35.98
N GLY D 171 9.26 2.94 -36.32
CA GLY D 171 9.92 1.75 -35.81
C GLY D 171 11.32 1.58 -36.35
N LEU D 172 11.51 1.96 -37.62
CA LEU D 172 12.84 1.90 -38.21
C LEU D 172 13.76 2.91 -37.55
N ALA D 173 13.26 4.11 -37.27
CA ALA D 173 14.05 5.11 -36.56
C ALA D 173 14.40 4.65 -35.16
N LEU D 174 13.46 3.97 -34.50
CA LEU D 174 13.69 3.50 -33.14
C LEU D 174 14.74 2.41 -33.11
N ASN D 175 14.59 1.40 -33.96
CA ASN D 175 15.54 0.30 -33.99
C ASN D 175 16.90 0.76 -34.47
N PHE D 176 16.93 1.72 -35.39
CA PHE D 176 18.21 2.18 -35.89
C PHE D 176 18.92 3.05 -34.88
N SER D 177 18.16 3.79 -34.07
CA SER D 177 18.75 4.58 -33.00
C SER D 177 19.33 3.69 -31.90
N VAL D 178 18.60 2.63 -31.53
CA VAL D 178 19.14 1.77 -30.49
C VAL D 178 20.29 0.93 -31.04
N PHE D 179 20.30 0.72 -32.35
CA PHE D 179 21.48 0.16 -33.00
C PHE D 179 22.69 1.06 -32.87
N TYR D 180 22.51 2.36 -33.12
CA TYR D 180 23.59 3.31 -32.92
C TYR D 180 24.05 3.39 -31.47
N TYR D 181 23.14 3.22 -30.54
CA TYR D 181 23.56 3.41 -29.15
C TYR D 181 24.22 2.17 -28.57
N GLU D 182 23.73 0.98 -28.88
CA GLU D 182 24.20 -0.23 -28.21
C GLU D 182 25.32 -0.91 -28.99
N ILE D 183 25.16 -1.06 -30.30
CA ILE D 183 26.16 -1.78 -31.08
C ILE D 183 27.37 -0.90 -31.34
N LEU D 184 27.14 0.29 -31.89
CA LEU D 184 28.26 1.10 -32.34
C LEU D 184 28.76 2.08 -31.28
N ASN D 185 27.94 2.35 -30.25
CA ASN D 185 28.29 3.21 -29.12
C ASN D 185 28.69 4.61 -29.55
N SER D 186 27.96 5.18 -30.51
CA SER D 186 28.13 6.59 -30.84
C SER D 186 26.84 7.29 -30.45
N PRO D 187 26.68 7.68 -29.19
CA PRO D 187 25.38 8.24 -28.76
C PRO D 187 25.13 9.64 -29.26
N ASP D 188 26.14 10.31 -29.82
CA ASP D 188 25.92 11.63 -30.40
C ASP D 188 25.05 11.54 -31.65
N LYS D 189 25.36 10.62 -32.56
CA LYS D 189 24.57 10.49 -33.77
C LYS D 189 23.23 9.85 -33.47
N ALA D 190 23.14 9.03 -32.41
CA ALA D 190 21.87 8.48 -31.99
C ALA D 190 20.98 9.57 -31.42
N CYS D 191 21.57 10.47 -30.63
CA CYS D 191 20.85 11.62 -30.07
C CYS D 191 20.33 12.52 -31.18
N GLN D 192 21.20 12.84 -32.15
CA GLN D 192 20.82 13.64 -33.30
C GLN D 192 19.70 12.98 -34.10
N LEU D 193 19.82 11.67 -34.31
CA LEU D 193 18.87 10.91 -35.11
C LEU D 193 17.50 10.85 -34.45
N ALA D 194 17.48 10.55 -33.16
CA ALA D 194 16.21 10.43 -32.46
C ALA D 194 15.55 11.78 -32.29
N LYS D 195 16.34 12.82 -32.04
CA LYS D 195 15.78 14.16 -31.96
C LYS D 195 15.20 14.60 -33.29
N GLN D 196 15.88 14.27 -34.39
CA GLN D 196 15.37 14.65 -35.70
C GLN D 196 14.09 13.90 -36.03
N ALA D 197 14.06 12.59 -35.75
CA ALA D 197 12.88 11.79 -36.02
C ALA D 197 11.71 12.21 -35.14
N PHE D 198 12.00 12.62 -33.92
CA PHE D 198 10.95 13.08 -33.02
C PHE D 198 10.41 14.43 -33.44
N ASP D 199 11.28 15.33 -33.94
CA ASP D 199 10.79 16.63 -34.37
C ASP D 199 10.00 16.54 -35.67
N ASP D 200 10.43 15.69 -36.61
CA ASP D 200 9.60 15.52 -37.80
C ASP D 200 8.34 14.71 -37.48
N ALA D 201 8.34 13.98 -36.37
CA ALA D 201 7.12 13.33 -35.93
C ALA D 201 6.11 14.32 -35.36
N ILE D 202 6.53 15.52 -34.98
CA ILE D 202 5.61 16.47 -34.39
C ILE D 202 4.80 17.16 -35.47
N ALA D 203 5.47 17.54 -36.56
CA ALA D 203 4.86 18.24 -37.70
C ALA D 203 3.45 17.84 -38.11
N GLU D 204 3.26 16.55 -38.45
CA GLU D 204 1.95 16.08 -38.88
C GLU D 204 1.17 15.35 -37.78
N LEU D 205 1.09 16.00 -36.61
CA LEU D 205 0.37 15.49 -35.41
C LEU D 205 -1.14 15.47 -35.70
N ASP D 206 -1.60 16.43 -36.51
CA ASP D 206 -3.03 16.59 -36.91
C ASP D 206 -3.44 15.38 -37.77
N THR D 207 -2.54 14.91 -38.64
CA THR D 207 -2.75 13.76 -39.56
C THR D 207 -2.53 12.46 -38.78
N LEU D 208 -3.49 12.09 -37.92
CA LEU D 208 -3.46 10.88 -37.08
C LEU D 208 -4.82 10.18 -37.15
N ASN D 209 -5.03 9.32 -38.16
CA ASN D 209 -6.29 8.56 -38.38
C ASN D 209 -6.37 7.41 -37.38
N GLU D 210 -7.57 6.86 -37.17
CA GLU D 210 -7.86 5.74 -36.24
C GLU D 210 -7.07 4.46 -36.53
N ASP D 211 -6.58 4.24 -37.75
CA ASP D 211 -5.86 2.98 -38.07
C ASP D 211 -4.65 2.81 -37.14
N SER D 212 -3.90 3.87 -36.86
CA SER D 212 -2.75 3.80 -35.96
C SER D 212 -2.63 5.08 -35.16
N TYR D 213 -3.36 5.17 -34.04
CA TYR D 213 -3.02 6.18 -33.04
C TYR D 213 -2.20 5.58 -31.91
N LYS D 214 -2.54 4.35 -31.53
CA LYS D 214 -1.92 3.72 -30.38
C LYS D 214 -0.46 3.40 -30.66
N ASP D 215 -0.19 2.83 -31.85
CA ASP D 215 1.18 2.56 -32.25
C ASP D 215 1.99 3.83 -32.36
N SER D 216 1.42 4.88 -32.97
CA SER D 216 2.15 6.11 -33.21
C SER D 216 2.55 6.77 -31.90
N THR D 217 1.58 6.92 -30.98
CA THR D 217 1.93 7.54 -29.71
C THR D 217 2.77 6.62 -28.85
N LEU D 218 2.71 5.32 -29.08
CA LEU D 218 3.49 4.39 -28.28
C LEU D 218 4.96 4.47 -28.65
N ILE D 219 5.25 4.45 -29.95
CA ILE D 219 6.62 4.67 -30.41
C ILE D 219 7.08 6.07 -30.05
N MET D 220 6.15 7.03 -30.01
CA MET D 220 6.52 8.40 -29.65
C MET D 220 7.02 8.49 -28.22
N GLN D 221 6.26 7.94 -27.26
CA GLN D 221 6.70 8.02 -25.88
C GLN D 221 7.91 7.13 -25.63
N LEU D 222 8.06 6.04 -26.40
CA LEU D 222 9.28 5.24 -26.29
C LEU D 222 10.50 6.02 -26.76
N LEU D 223 10.31 6.79 -27.84
CA LEU D 223 11.38 7.65 -28.34
C LEU D 223 11.77 8.70 -27.32
N ARG D 224 10.76 9.29 -26.66
CA ARG D 224 11.05 10.28 -25.64
C ARG D 224 11.78 9.67 -24.45
N ASP D 225 11.42 8.43 -24.09
CA ASP D 225 12.08 7.77 -22.97
C ASP D 225 13.53 7.46 -23.29
N ASN D 226 13.80 7.01 -24.51
CA ASN D 226 15.18 6.74 -24.91
C ASN D 226 15.98 8.04 -24.97
N LEU D 227 15.35 9.12 -25.41
CA LEU D 227 16.04 10.41 -25.45
C LEU D 227 16.41 10.89 -24.05
N THR D 228 15.46 10.83 -23.12
CA THR D 228 15.75 11.26 -21.76
C THR D 228 16.73 10.34 -21.05
N LEU D 229 16.81 9.08 -21.47
CA LEU D 229 17.88 8.26 -20.94
C LEU D 229 19.23 8.68 -21.49
N TRP D 230 19.29 9.02 -22.77
CA TRP D 230 20.60 9.22 -23.38
C TRP D 230 21.16 10.60 -23.13
N THR D 231 20.31 11.60 -22.95
CA THR D 231 20.79 12.95 -22.69
C THR D 231 21.27 13.15 -21.27
N SER D 232 21.15 12.14 -20.43
CA SER D 232 21.67 12.19 -19.08
C SER D 232 23.18 11.94 -19.05
N ASP E 4 28.50 -35.51 -10.97
CA ASP E 4 28.11 -34.65 -9.86
C ASP E 4 26.66 -34.21 -9.98
N LYS E 5 25.98 -34.21 -8.84
CA LYS E 5 24.57 -33.83 -8.78
C LYS E 5 24.38 -32.33 -8.71
N GLU E 6 25.30 -31.62 -8.04
CA GLU E 6 25.09 -30.21 -7.76
C GLU E 6 25.17 -29.36 -9.02
N GLU E 7 25.97 -29.78 -10.00
CA GLU E 7 25.99 -29.08 -11.28
C GLU E 7 24.65 -29.23 -11.99
N LEU E 8 24.01 -30.39 -11.84
CA LEU E 8 22.73 -30.62 -12.47
C LEU E 8 21.65 -29.80 -11.81
N VAL E 9 21.66 -29.72 -10.48
CA VAL E 9 20.61 -28.96 -9.82
C VAL E 9 20.83 -27.45 -10.00
N GLN E 10 22.09 -27.01 -10.13
CA GLN E 10 22.30 -25.59 -10.41
C GLN E 10 21.90 -25.26 -11.83
N ARG E 11 22.12 -26.18 -12.76
CA ARG E 11 21.69 -25.98 -14.13
C ARG E 11 20.17 -25.93 -14.23
N ALA E 12 19.48 -26.80 -13.50
CA ALA E 12 18.03 -26.80 -13.54
C ALA E 12 17.45 -25.56 -12.86
N LYS E 13 18.06 -25.14 -11.76
CA LYS E 13 17.59 -23.94 -11.06
C LYS E 13 17.82 -22.69 -11.91
N LEU E 14 18.98 -22.61 -12.56
CA LEU E 14 19.29 -21.50 -13.45
C LEU E 14 18.33 -21.46 -14.63
N ALA E 15 18.00 -22.62 -15.19
CA ALA E 15 17.04 -22.64 -16.29
C ALA E 15 15.64 -22.33 -15.81
N GLU E 16 15.34 -22.60 -14.54
CA GLU E 16 14.06 -22.19 -14.00
C GLU E 16 13.98 -20.68 -13.84
N GLN E 17 15.12 -20.05 -13.53
CA GLN E 17 15.11 -18.60 -13.48
C GLN E 17 14.98 -17.95 -14.84
N ALA E 18 15.17 -18.68 -15.92
CA ALA E 18 15.10 -18.10 -17.25
C ALA E 18 13.78 -18.38 -17.95
N GLU E 19 12.79 -18.91 -17.22
CA GLU E 19 11.43 -19.15 -17.71
C GLU E 19 11.41 -20.06 -18.95
N ARG E 20 12.36 -20.98 -19.00
CA ARG E 20 12.41 -22.01 -20.03
C ARG E 20 12.15 -23.34 -19.33
N TYR E 21 11.10 -24.03 -19.74
CA TYR E 21 10.71 -25.27 -19.10
C TYR E 21 10.86 -26.47 -20.02
N ASP E 22 11.88 -26.47 -20.86
CA ASP E 22 12.25 -27.66 -21.59
C ASP E 22 13.61 -28.17 -21.16
N ASP E 23 14.61 -27.29 -21.12
CA ASP E 23 15.92 -27.66 -20.61
C ASP E 23 15.83 -28.01 -19.13
N MET E 24 14.90 -27.37 -18.41
CA MET E 24 14.71 -27.69 -16.99
C MET E 24 14.17 -29.10 -16.82
N ALA E 25 13.15 -29.47 -17.60
CA ALA E 25 12.57 -30.80 -17.47
C ALA E 25 13.54 -31.87 -17.91
N ALA E 26 14.34 -31.58 -18.95
CA ALA E 26 15.36 -32.53 -19.38
C ALA E 26 16.44 -32.71 -18.33
N ALA E 27 16.83 -31.62 -17.67
CA ALA E 27 17.85 -31.72 -16.62
C ALA E 27 17.32 -32.47 -15.41
N MET E 28 16.04 -32.30 -15.10
CA MET E 28 15.52 -33.00 -13.93
C MET E 28 15.25 -34.48 -14.21
N LYS E 29 14.85 -34.80 -15.43
CA LYS E 29 14.79 -36.20 -15.84
C LYS E 29 16.16 -36.85 -15.79
N GLU E 30 17.20 -36.09 -16.20
CA GLU E 30 18.57 -36.61 -16.10
C GLU E 30 19.00 -36.76 -14.65
N VAL E 31 18.45 -35.94 -13.75
CA VAL E 31 18.73 -36.12 -12.33
C VAL E 31 18.10 -37.41 -11.83
N THR E 32 16.83 -37.62 -12.14
CA THR E 32 16.12 -38.77 -11.59
C THR E 32 16.58 -40.09 -12.22
N GLU E 33 17.13 -40.01 -13.44
CA GLU E 33 17.64 -41.20 -14.12
C GLU E 33 18.86 -41.79 -13.43
N THR E 34 19.56 -40.98 -12.64
CA THR E 34 20.66 -41.50 -11.83
C THR E 34 20.16 -42.46 -10.76
N GLY E 35 18.93 -42.27 -10.28
CA GLY E 35 18.36 -43.21 -9.33
C GLY E 35 18.84 -43.00 -7.91
N VAL E 36 19.12 -41.76 -7.55
CA VAL E 36 19.49 -41.40 -6.19
C VAL E 36 18.33 -40.64 -5.56
N GLU E 37 18.19 -40.76 -4.25
CA GLU E 37 17.02 -40.18 -3.58
C GLU E 37 17.19 -38.67 -3.40
N LEU E 38 16.13 -37.93 -3.70
CA LEU E 38 16.15 -36.48 -3.68
C LEU E 38 16.11 -35.95 -2.26
N SER E 39 16.31 -34.65 -2.13
CA SER E 39 16.17 -33.96 -0.87
C SER E 39 14.74 -33.45 -0.75
N ASN E 40 14.51 -32.53 0.17
CA ASN E 40 13.28 -31.75 0.13
C ASN E 40 13.36 -30.67 -0.93
N GLU E 41 14.54 -30.06 -1.09
CA GLU E 41 14.67 -28.92 -1.99
C GLU E 41 14.61 -29.35 -3.44
N GLU E 42 15.32 -30.42 -3.80
CA GLU E 42 15.41 -30.87 -5.19
C GLU E 42 14.09 -31.42 -5.73
N ARG E 43 13.11 -31.61 -4.88
CA ARG E 43 11.84 -32.19 -5.30
C ARG E 43 10.86 -31.16 -5.84
N ASN E 44 10.77 -30.01 -5.17
CA ASN E 44 9.85 -28.97 -5.58
C ASN E 44 10.21 -28.43 -6.96
N LEU E 45 11.49 -28.44 -7.31
CA LEU E 45 11.91 -28.08 -8.66
C LEU E 45 11.35 -29.04 -9.69
N LEU E 46 11.39 -30.34 -9.39
CA LEU E 46 10.85 -31.34 -10.31
C LEU E 46 9.35 -31.17 -10.49
N SER E 47 8.65 -30.89 -9.40
CA SER E 47 7.21 -30.74 -9.49
C SER E 47 6.84 -29.46 -10.24
N VAL E 48 7.59 -28.41 -9.95
CA VAL E 48 7.39 -27.05 -10.55
C VAL E 48 7.37 -27.17 -12.08
N ALA E 49 8.44 -27.68 -12.67
CA ALA E 49 8.51 -27.79 -14.15
C ALA E 49 7.40 -28.73 -14.64
N TYR E 50 7.17 -29.84 -13.94
CA TYR E 50 6.12 -30.80 -14.33
C TYR E 50 4.74 -30.13 -14.25
N LYS E 51 4.51 -29.36 -13.19
CA LYS E 51 3.21 -28.65 -13.02
C LYS E 51 3.05 -27.65 -14.17
N ASN E 52 4.13 -26.95 -14.52
CA ASN E 52 4.08 -25.94 -15.61
C ASN E 52 3.74 -26.65 -16.92
N VAL E 53 4.34 -27.82 -17.17
CA VAL E 53 4.06 -28.58 -18.42
C VAL E 53 2.59 -29.00 -18.43
N VAL E 54 2.07 -29.46 -17.28
CA VAL E 54 0.65 -29.90 -17.20
C VAL E 54 -0.25 -28.68 -17.49
N GLY E 55 0.12 -27.52 -16.92
CA GLY E 55 -0.66 -26.29 -17.11
C GLY E 55 -0.66 -25.90 -18.57
N ALA E 56 0.48 -26.00 -19.24
CA ALA E 56 0.59 -25.65 -20.68
C ALA E 56 -0.31 -26.60 -21.49
N ARG E 57 -0.30 -27.89 -21.13
CA ARG E 57 -1.13 -28.89 -21.85
C ARG E 57 -2.61 -28.53 -21.67
N ARG E 58 -3.00 -28.14 -20.46
CA ARG E 58 -4.41 -27.77 -20.17
C ARG E 58 -4.77 -26.49 -20.95
N SER E 59 -3.80 -25.57 -21.01
CA SER E 59 -3.94 -24.24 -21.66
C SER E 59 -4.10 -24.35 -23.17
N SER E 60 -3.16 -25.00 -23.87
CA SER E 60 -3.35 -25.02 -25.35
C SER E 60 -4.49 -25.98 -25.69
N TRP E 61 -4.55 -27.13 -25.01
CA TRP E 61 -5.61 -28.14 -25.25
C TRP E 61 -6.96 -27.53 -24.87
N ARG E 62 -7.00 -26.79 -23.76
CA ARG E 62 -8.26 -26.13 -23.29
C ARG E 62 -8.69 -25.12 -24.35
N VAL E 63 -7.74 -24.37 -24.92
CA VAL E 63 -8.05 -23.36 -25.98
C VAL E 63 -8.62 -24.09 -27.19
N ILE E 64 -8.04 -25.25 -27.54
CA ILE E 64 -8.52 -26.05 -28.70
C ILE E 64 -9.96 -26.50 -28.42
N SER E 65 -10.23 -26.91 -27.18
CA SER E 65 -11.58 -27.39 -26.80
C SER E 65 -12.64 -26.31 -27.04
N SER E 66 -12.51 -25.16 -26.37
CA SER E 66 -13.47 -24.03 -26.49
C SER E 66 -13.48 -23.47 -27.93
N ILE E 67 -12.30 -23.37 -28.55
CA ILE E 67 -12.18 -22.81 -29.93
C ILE E 67 -12.95 -23.69 -30.92
N GLU E 68 -12.87 -25.02 -30.76
CA GLU E 68 -13.57 -25.96 -31.67
C GLU E 68 -15.09 -25.76 -31.56
N GLN E 69 -15.60 -25.57 -30.34
CA GLN E 69 -17.05 -25.38 -30.10
C GLN E 69 -17.54 -24.11 -30.79
N LYS E 70 -16.74 -23.03 -30.74
CA LYS E 70 -17.11 -21.73 -31.35
C LYS E 70 -17.27 -21.88 -32.86
N THR E 71 -16.37 -22.64 -33.50
CA THR E 71 -16.41 -22.85 -34.97
C THR E 71 -17.77 -23.42 -35.40
N GLU E 72 -18.05 -24.67 -35.01
CA GLU E 72 -19.31 -25.33 -35.37
C GLU E 72 -19.58 -25.28 -36.87
N GLY E 73 -18.57 -25.73 -37.62
CA GLY E 73 -18.68 -25.86 -39.05
C GLY E 73 -18.11 -27.19 -39.49
N SER E 74 -17.68 -27.29 -40.74
CA SER E 74 -17.04 -28.51 -41.23
C SER E 74 -15.95 -28.17 -42.22
N GLU E 75 -14.71 -28.07 -41.74
CA GLU E 75 -13.60 -27.62 -42.55
C GLU E 75 -12.31 -28.12 -41.93
N ARG E 76 -11.25 -27.64 -42.58
CA ARG E 76 -9.82 -27.87 -42.25
C ARG E 76 -9.53 -27.03 -41.01
N LYS E 77 -10.18 -25.88 -40.83
CA LYS E 77 -9.96 -25.12 -39.57
C LYS E 77 -10.46 -26.00 -38.43
N GLN E 78 -11.67 -26.55 -38.64
CA GLN E 78 -12.34 -27.50 -37.69
C GLN E 78 -11.51 -28.79 -37.66
N GLN E 79 -10.96 -29.18 -38.82
CA GLN E 79 -10.14 -30.42 -38.92
C GLN E 79 -8.91 -30.23 -38.03
N MET E 80 -8.31 -29.04 -38.08
CA MET E 80 -7.13 -28.60 -37.31
C MET E 80 -7.50 -28.58 -35.82
N ALA E 81 -8.71 -28.13 -35.48
CA ALA E 81 -9.09 -28.16 -34.05
C ALA E 81 -9.12 -29.61 -33.57
N LYS E 82 -9.69 -30.51 -34.40
CA LYS E 82 -9.74 -31.96 -34.06
C LYS E 82 -8.30 -32.52 -34.03
N GLU E 83 -7.49 -32.04 -34.96
CA GLU E 83 -6.07 -32.43 -35.14
C GLU E 83 -5.33 -32.02 -33.87
N TYR E 84 -5.62 -30.84 -33.33
CA TYR E 84 -5.00 -30.30 -32.09
C TYR E 84 -5.42 -31.20 -30.94
N ARG E 85 -6.69 -31.62 -30.93
CA ARG E 85 -7.13 -32.53 -29.84
C ARG E 85 -6.29 -33.82 -29.92
N VAL E 86 -6.10 -34.36 -31.13
CA VAL E 86 -5.28 -35.60 -31.32
C VAL E 86 -3.78 -35.35 -31.03
N LYS E 87 -3.28 -34.17 -31.44
CA LYS E 87 -1.84 -33.80 -31.40
C LYS E 87 -1.47 -33.06 -30.12
N VAL E 88 -2.07 -31.90 -29.81
CA VAL E 88 -1.63 -31.37 -28.52
C VAL E 88 -2.02 -32.34 -27.40
N GLU E 89 -3.06 -33.14 -27.61
CA GLU E 89 -3.45 -34.14 -26.63
C GLU E 89 -2.42 -35.26 -26.59
N LYS E 90 -1.91 -35.66 -27.75
CA LYS E 90 -0.84 -36.66 -27.79
C LYS E 90 0.43 -36.12 -27.16
N GLU E 91 0.70 -34.81 -27.35
CA GLU E 91 1.87 -34.20 -26.74
C GLU E 91 1.77 -34.21 -25.22
N LEU E 92 0.54 -33.90 -24.77
CA LEU E 92 0.05 -33.87 -23.35
C LEU E 92 0.23 -35.26 -22.75
N ARG E 93 -0.12 -36.30 -23.52
CA ARG E 93 -0.03 -37.72 -23.12
C ARG E 93 1.44 -38.10 -22.97
N GLU E 94 2.31 -37.66 -23.89
CA GLU E 94 3.73 -37.99 -23.85
C GLU E 94 4.41 -37.41 -22.62
N ILE E 95 4.06 -36.17 -22.27
CA ILE E 95 4.63 -35.54 -21.08
C ILE E 95 4.25 -36.28 -19.81
N CYS E 96 2.95 -36.58 -19.65
CA CYS E 96 2.51 -37.22 -18.42
C CYS E 96 3.03 -38.64 -18.29
N TYR E 97 3.18 -39.35 -19.41
CA TYR E 97 3.76 -40.68 -19.35
C TYR E 97 5.23 -40.63 -19.00
N ASP E 98 5.95 -39.60 -19.47
CA ASP E 98 7.33 -39.44 -19.05
C ASP E 98 7.42 -39.15 -17.56
N VAL E 99 6.46 -38.40 -17.03
CA VAL E 99 6.46 -38.09 -15.60
C VAL E 99 6.24 -39.35 -14.77
N LEU E 100 5.22 -40.12 -15.12
CA LEU E 100 4.90 -41.31 -14.33
C LEU E 100 5.98 -42.37 -14.46
N GLY E 101 6.61 -42.48 -15.63
CA GLY E 101 7.75 -43.35 -15.77
C GLY E 101 8.95 -42.89 -14.97
N LEU E 102 9.12 -41.58 -14.81
CA LEU E 102 10.21 -41.09 -13.97
C LEU E 102 9.84 -41.16 -12.50
N LEU E 103 8.54 -41.34 -12.22
CA LEU E 103 8.02 -41.42 -10.83
C LEU E 103 8.26 -42.83 -10.29
N ASP E 104 7.65 -43.85 -10.91
CA ASP E 104 7.82 -45.25 -10.45
C ASP E 104 9.29 -45.66 -10.57
N LYS E 105 9.96 -45.24 -11.65
CA LYS E 105 11.38 -45.60 -11.90
C LYS E 105 12.31 -44.99 -10.83
N HIS E 106 12.10 -43.74 -10.43
CA HIS E 106 13.03 -43.12 -9.44
C HIS E 106 12.34 -42.72 -8.13
N LEU E 107 11.26 -41.93 -8.19
CA LEU E 107 10.57 -41.45 -6.96
C LEU E 107 10.01 -42.62 -6.16
N ILE E 108 9.40 -43.60 -6.84
CA ILE E 108 8.85 -44.79 -6.14
C ILE E 108 10.00 -45.59 -5.52
N PRO E 109 11.15 -45.75 -6.22
CA PRO E 109 12.27 -46.53 -5.67
C PRO E 109 12.92 -45.97 -4.40
N LYS E 110 13.14 -44.65 -4.33
CA LYS E 110 13.79 -44.05 -3.13
C LYS E 110 12.89 -42.98 -2.50
N ALA E 111 12.57 -43.15 -1.22
CA ALA E 111 11.71 -42.21 -0.46
C ALA E 111 11.83 -42.51 1.03
N SER E 112 12.52 -41.63 1.78
CA SER E 112 12.71 -41.86 3.19
C SER E 112 11.72 -41.11 4.07
N ASN E 113 11.32 -39.94 3.68
CA ASN E 113 10.39 -39.14 4.45
C ASN E 113 8.98 -39.59 4.14
N PRO E 114 8.15 -39.89 5.15
CA PRO E 114 6.76 -40.26 4.87
C PRO E 114 5.93 -39.11 4.31
N GLU E 115 6.23 -37.88 4.72
CA GLU E 115 5.61 -36.69 4.14
C GLU E 115 5.88 -36.63 2.64
N SER E 116 7.15 -36.86 2.28
CA SER E 116 7.59 -36.85 0.86
C SER E 116 6.80 -37.90 0.08
N LYS E 117 6.45 -39.01 0.71
CA LYS E 117 5.68 -40.10 0.05
C LYS E 117 4.30 -39.54 -0.33
N VAL E 118 3.70 -38.73 0.56
CA VAL E 118 2.37 -38.11 0.30
C VAL E 118 2.50 -37.18 -0.91
N PHE E 119 3.60 -36.42 -0.97
CA PHE E 119 3.85 -35.48 -2.09
C PHE E 119 3.98 -36.28 -3.39
N TYR E 120 4.67 -37.42 -3.32
CA TYR E 120 4.87 -38.32 -4.48
C TYR E 120 3.52 -38.91 -4.89
N LEU E 121 2.69 -39.26 -3.90
CA LEU E 121 1.38 -39.81 -4.21
C LEU E 121 0.40 -38.72 -4.61
N LYS E 122 0.56 -37.53 -4.05
CA LYS E 122 -0.27 -36.40 -4.47
C LYS E 122 0.03 -36.02 -5.91
N MET E 123 1.31 -36.03 -6.28
CA MET E 123 1.69 -35.77 -7.66
C MET E 123 1.14 -36.83 -8.61
N LYS E 124 1.18 -38.10 -8.19
CA LYS E 124 0.69 -39.19 -9.01
C LYS E 124 -0.81 -39.06 -9.25
N GLY E 125 -1.56 -38.74 -8.20
CA GLY E 125 -2.98 -38.49 -8.36
C GLY E 125 -3.27 -37.29 -9.24
N ASP E 126 -2.43 -36.25 -9.14
CA ASP E 126 -2.60 -35.08 -9.98
C ASP E 126 -2.43 -35.40 -11.45
N TYR E 127 -1.36 -36.11 -11.80
CA TYR E 127 -1.09 -36.37 -13.21
C TYR E 127 -2.09 -37.35 -13.79
N TYR E 128 -2.50 -38.31 -12.96
CA TYR E 128 -3.48 -39.34 -13.38
C TYR E 128 -4.85 -38.69 -13.59
N ARG E 129 -5.25 -37.83 -12.65
CA ARG E 129 -6.56 -37.12 -12.74
C ARG E 129 -6.55 -36.21 -13.97
N TYR E 130 -5.46 -35.48 -14.20
CA TYR E 130 -5.37 -34.60 -15.39
C TYR E 130 -5.64 -35.47 -16.62
N LEU E 131 -4.93 -36.60 -16.69
CA LEU E 131 -5.10 -37.56 -17.80
C LEU E 131 -6.54 -38.09 -17.76
N ALA E 132 -7.06 -38.38 -16.56
CA ALA E 132 -8.45 -38.89 -16.44
C ALA E 132 -9.43 -37.84 -16.96
N GLU E 133 -9.18 -36.57 -16.63
CA GLU E 133 -10.05 -35.44 -17.09
C GLU E 133 -10.01 -35.34 -18.61
N VAL E 134 -8.80 -35.35 -19.18
CA VAL E 134 -8.56 -35.14 -20.64
C VAL E 134 -9.29 -36.17 -21.49
N ALA E 135 -8.79 -37.41 -21.50
CA ALA E 135 -9.36 -38.51 -22.33
C ALA E 135 -10.73 -38.97 -21.81
N THR E 136 -11.53 -39.53 -22.72
CA THR E 136 -12.87 -40.11 -22.39
C THR E 136 -12.92 -41.52 -22.96
N GLY E 137 -13.32 -42.52 -22.16
CA GLY E 137 -13.39 -43.90 -22.67
C GLY E 137 -13.23 -44.94 -21.57
N GLU E 138 -12.41 -45.97 -21.83
CA GLU E 138 -12.19 -47.07 -20.85
C GLU E 138 -10.80 -46.87 -20.23
N THR E 139 -9.81 -46.51 -21.06
CA THR E 139 -8.43 -46.24 -20.56
C THR E 139 -8.48 -45.04 -19.62
N ARG E 140 -9.27 -44.02 -19.98
CA ARG E 140 -9.43 -42.79 -19.16
C ARG E 140 -10.10 -43.18 -17.84
N ASN E 141 -11.09 -44.09 -17.90
CA ASN E 141 -11.79 -44.58 -16.68
C ASN E 141 -10.76 -45.30 -15.78
N SER E 142 -9.88 -46.08 -16.40
CA SER E 142 -8.82 -46.83 -15.67
C SER E 142 -7.89 -45.81 -14.99
N VAL E 143 -7.56 -44.72 -15.70
CA VAL E 143 -6.68 -43.65 -15.15
C VAL E 143 -7.39 -43.01 -13.96
N VAL E 144 -8.70 -42.81 -14.07
CA VAL E 144 -9.51 -42.21 -12.95
C VAL E 144 -9.46 -43.17 -11.76
N GLU E 145 -9.56 -44.47 -12.02
CA GLU E 145 -9.50 -45.50 -10.93
C GLU E 145 -8.12 -45.44 -10.28
N ASP E 146 -7.08 -45.27 -11.11
CA ASP E 146 -5.67 -45.17 -10.62
C ASP E 146 -5.55 -43.93 -9.73
N SER E 147 -6.12 -42.81 -10.17
CA SER E 147 -6.05 -41.60 -9.35
C SER E 147 -6.83 -41.77 -8.05
N GLN E 148 -7.94 -42.50 -8.11
CA GLN E 148 -8.75 -42.75 -6.91
C GLN E 148 -7.96 -43.53 -5.87
N LYS E 149 -7.28 -44.60 -6.32
CA LYS E 149 -6.43 -45.38 -5.42
C LYS E 149 -5.27 -44.54 -4.89
N ALA E 150 -4.69 -43.69 -5.76
CA ALA E 150 -3.54 -42.89 -5.35
C ALA E 150 -3.93 -41.85 -4.31
N TYR E 151 -5.06 -41.18 -4.52
CA TYR E 151 -5.49 -40.17 -3.57
C TYR E 151 -5.99 -40.78 -2.27
N GLN E 152 -6.61 -41.97 -2.34
CA GLN E 152 -7.01 -42.65 -1.11
C GLN E 152 -5.80 -43.07 -0.30
N ASP E 153 -4.76 -43.56 -1.00
CA ASP E 153 -3.52 -43.96 -0.34
C ASP E 153 -2.85 -42.75 0.28
N ALA E 154 -2.92 -41.60 -0.37
CA ALA E 154 -2.37 -40.39 0.24
C ALA E 154 -3.23 -39.89 1.38
N PHE E 155 -4.55 -40.08 1.27
CA PHE E 155 -5.46 -39.55 2.27
C PHE E 155 -5.35 -40.31 3.58
N GLU E 156 -5.04 -41.60 3.50
CA GLU E 156 -4.84 -42.40 4.70
C GLU E 156 -3.63 -41.91 5.49
N ILE E 157 -2.51 -41.69 4.80
CA ILE E 157 -1.31 -41.24 5.48
C ILE E 157 -1.46 -39.80 5.94
N SER E 158 -2.29 -39.01 5.25
CA SER E 158 -2.56 -37.65 5.70
C SER E 158 -3.36 -37.65 6.99
N LYS E 159 -4.39 -38.49 7.06
CA LYS E 159 -5.19 -38.60 8.27
C LYS E 159 -4.39 -39.24 9.41
N ALA E 160 -3.38 -40.04 9.08
CA ALA E 160 -2.57 -40.66 10.13
C ALA E 160 -1.52 -39.71 10.66
N LYS E 161 -0.55 -39.32 9.83
CA LYS E 161 0.68 -38.77 10.38
C LYS E 161 0.96 -37.41 9.76
N MET E 162 -0.04 -36.55 9.68
CA MET E 162 0.17 -35.20 9.19
C MET E 162 -0.53 -34.22 10.11
N GLN E 163 -0.31 -32.97 9.85
CA GLN E 163 -0.91 -31.91 10.62
C GLN E 163 -2.16 -31.42 9.93
N PRO E 164 -3.17 -30.97 10.68
CA PRO E 164 -4.32 -30.35 10.02
C PRO E 164 -4.02 -28.96 9.47
N THR E 165 -2.80 -28.50 9.63
CA THR E 165 -2.41 -27.18 9.14
C THR E 165 -1.17 -27.27 8.25
N HIS E 166 -0.81 -28.47 7.81
CA HIS E 166 0.37 -28.58 6.96
C HIS E 166 -0.01 -28.22 5.53
N PRO E 167 0.93 -27.72 4.73
CA PRO E 167 0.61 -27.44 3.32
C PRO E 167 0.27 -28.66 2.51
N ILE E 168 0.90 -29.81 2.79
CA ILE E 168 0.77 -30.94 1.89
C ILE E 168 -0.57 -31.61 2.08
N ARG E 169 -1.03 -31.74 3.32
CA ARG E 169 -2.35 -32.32 3.57
C ARG E 169 -3.44 -31.41 3.02
N LEU E 170 -3.24 -30.10 3.12
CA LEU E 170 -4.17 -29.15 2.54
C LEU E 170 -4.22 -29.26 1.03
N GLY E 171 -3.05 -29.43 0.41
CA GLY E 171 -3.01 -29.56 -1.03
C GLY E 171 -3.65 -30.85 -1.51
N LEU E 172 -3.48 -31.92 -0.73
CA LEU E 172 -4.11 -33.19 -1.06
C LEU E 172 -5.63 -33.08 -0.93
N ALA E 173 -6.10 -32.39 0.11
CA ALA E 173 -7.53 -32.18 0.27
C ALA E 173 -8.08 -31.34 -0.88
N LEU E 174 -7.31 -30.35 -1.31
CA LEU E 174 -7.76 -29.46 -2.37
C LEU E 174 -7.86 -30.20 -3.71
N ASN E 175 -6.80 -30.92 -4.06
CA ASN E 175 -6.79 -31.66 -5.32
C ASN E 175 -7.80 -32.78 -5.31
N PHE E 176 -8.01 -33.40 -4.15
CA PHE E 176 -8.95 -34.51 -4.09
C PHE E 176 -10.38 -34.00 -4.13
N SER E 177 -10.62 -32.81 -3.59
CA SER E 177 -11.95 -32.22 -3.69
C SER E 177 -12.28 -31.80 -5.11
N VAL E 178 -11.31 -31.22 -5.82
CA VAL E 178 -11.61 -30.82 -7.20
C VAL E 178 -11.68 -32.05 -8.09
N PHE E 179 -11.01 -33.14 -7.68
CA PHE E 179 -11.22 -34.43 -8.32
C PHE E 179 -12.63 -34.92 -8.16
N TYR E 180 -13.18 -34.83 -6.95
CA TYR E 180 -14.57 -35.20 -6.73
C TYR E 180 -15.54 -34.32 -7.49
N TYR E 181 -15.21 -33.05 -7.67
CA TYR E 181 -16.18 -32.18 -8.31
C TYR E 181 -16.16 -32.28 -9.82
N GLU E 182 -14.99 -32.38 -10.43
CA GLU E 182 -14.87 -32.30 -11.87
C GLU E 182 -14.92 -33.67 -12.54
N ILE E 183 -14.16 -34.62 -11.98
CA ILE E 183 -14.14 -36.02 -12.50
C ILE E 183 -15.34 -36.74 -11.86
N LEU E 184 -15.48 -36.60 -10.54
CA LEU E 184 -16.61 -37.20 -9.77
C LEU E 184 -17.92 -36.55 -10.22
N ASN E 185 -17.87 -35.24 -10.51
CA ASN E 185 -19.04 -34.43 -10.95
C ASN E 185 -20.13 -34.40 -9.87
N SER E 186 -19.70 -34.38 -8.59
CA SER E 186 -20.64 -34.32 -7.45
C SER E 186 -20.35 -33.06 -6.62
N PRO E 187 -21.37 -32.23 -6.29
CA PRO E 187 -21.10 -31.00 -5.55
C PRO E 187 -21.34 -31.19 -4.05
N ASP E 188 -22.21 -32.16 -3.70
CA ASP E 188 -22.55 -32.47 -2.29
C ASP E 188 -21.30 -32.97 -1.54
N LYS E 189 -20.81 -34.15 -1.94
CA LYS E 189 -19.64 -34.79 -1.30
C LYS E 189 -18.42 -33.88 -1.45
N ALA E 190 -18.24 -33.24 -2.62
CA ALA E 190 -17.07 -32.36 -2.82
C ALA E 190 -17.10 -31.20 -1.82
N CYS E 191 -18.26 -30.55 -1.64
CA CYS E 191 -18.32 -29.42 -0.68
C CYS E 191 -18.07 -29.95 0.73
N GLN E 192 -18.62 -31.12 1.06
CA GLN E 192 -18.40 -31.65 2.43
C GLN E 192 -16.89 -31.86 2.65
N LEU E 193 -16.21 -32.45 1.66
CA LEU E 193 -14.76 -32.73 1.78
C LEU E 193 -13.99 -31.41 1.92
N ALA E 194 -14.37 -30.41 1.12
CA ALA E 194 -13.67 -29.10 1.18
C ALA E 194 -13.83 -28.49 2.57
N LYS E 195 -15.05 -28.57 3.12
CA LYS E 195 -15.34 -27.99 4.46
C LYS E 195 -14.49 -28.73 5.49
N GLN E 196 -14.40 -30.07 5.36
CA GLN E 196 -13.61 -30.86 6.34
C GLN E 196 -12.14 -30.44 6.26
N ALA E 197 -11.63 -30.26 5.04
CA ALA E 197 -10.22 -29.86 4.85
C ALA E 197 -9.98 -28.48 5.48
N PHE E 198 -10.90 -27.54 5.27
CA PHE E 198 -10.75 -26.18 5.84
C PHE E 198 -10.74 -26.27 7.37
N ASP E 199 -11.64 -27.09 7.92
CA ASP E 199 -11.73 -27.25 9.39
C ASP E 199 -10.40 -27.82 9.90
N ASP E 200 -9.84 -28.82 9.20
CA ASP E 200 -8.57 -29.43 9.65
C ASP E 200 -7.46 -28.39 9.61
N ALA E 201 -7.42 -27.56 8.56
CA ALA E 201 -6.36 -26.54 8.42
C ALA E 201 -6.49 -25.54 9.57
N ILE E 202 -7.71 -25.14 9.90
CA ILE E 202 -7.95 -24.15 11.00
C ILE E 202 -7.55 -24.77 12.35
N ALA E 203 -7.85 -26.06 12.50
CA ALA E 203 -7.64 -26.81 13.76
C ALA E 203 -6.17 -27.00 14.14
N GLU E 204 -5.21 -26.65 13.29
CA GLU E 204 -3.84 -26.70 13.85
C GLU E 204 -3.31 -25.25 13.88
N LEU E 205 -3.92 -24.40 14.71
CA LEU E 205 -3.55 -22.95 14.72
C LEU E 205 -2.05 -22.79 15.02
N ASP E 206 -1.53 -23.55 15.98
CA ASP E 206 -0.08 -23.53 16.29
C ASP E 206 0.69 -24.10 15.08
N THR E 207 0.14 -25.12 14.42
CA THR E 207 0.80 -25.82 13.29
C THR E 207 0.62 -25.13 11.93
N LEU E 208 -0.13 -24.04 11.95
CA LEU E 208 -0.20 -23.18 10.76
C LEU E 208 1.18 -22.50 10.73
N ASN E 209 1.71 -22.10 11.89
CA ASN E 209 2.94 -21.27 11.95
C ASN E 209 4.11 -21.91 11.18
N GLU E 210 4.30 -23.23 11.26
CA GLU E 210 5.41 -23.83 10.48
C GLU E 210 4.90 -24.42 9.16
N ASP E 211 3.83 -25.24 9.22
CA ASP E 211 3.29 -25.95 8.04
C ASP E 211 2.62 -25.05 6.97
N SER E 212 1.82 -24.04 7.34
CA SER E 212 1.13 -23.24 6.29
C SER E 212 0.83 -21.79 6.74
N TYR E 213 0.10 -21.63 7.85
CA TYR E 213 -0.22 -20.28 8.41
C TYR E 213 -0.90 -19.42 7.34
N LYS E 214 -0.12 -18.55 6.69
CA LYS E 214 -0.62 -17.65 5.61
C LYS E 214 -1.02 -18.52 4.41
N ASP E 215 -0.15 -19.46 4.03
CA ASP E 215 -0.43 -20.38 2.90
C ASP E 215 -1.67 -21.22 3.24
N SER E 216 -1.75 -21.68 4.49
CA SER E 216 -2.91 -22.48 4.96
C SER E 216 -4.18 -21.62 4.88
N THR E 217 -4.07 -20.35 5.26
CA THR E 217 -5.22 -19.41 5.20
C THR E 217 -5.66 -19.24 3.74
N LEU E 218 -4.68 -19.15 2.83
CA LEU E 218 -4.96 -19.01 1.38
C LEU E 218 -5.68 -20.28 0.90
N ILE E 219 -5.25 -21.44 1.38
CA ILE E 219 -5.88 -22.74 1.00
C ILE E 219 -7.33 -22.74 1.51
N MET E 220 -7.55 -22.21 2.71
CA MET E 220 -8.92 -22.12 3.30
C MET E 220 -9.78 -21.20 2.43
N GLN E 221 -9.18 -20.10 1.96
CA GLN E 221 -9.90 -19.13 1.09
C GLN E 221 -10.26 -19.83 -0.22
N LEU E 222 -9.36 -20.66 -0.75
CA LEU E 222 -9.60 -21.43 -2.00
C LEU E 222 -10.76 -22.40 -1.76
N LEU E 223 -10.79 -23.03 -0.59
CA LEU E 223 -11.87 -23.98 -0.23
C LEU E 223 -13.20 -23.21 -0.19
N ARG E 224 -13.18 -21.99 0.36
CA ARG E 224 -14.39 -21.13 0.44
C ARG E 224 -14.85 -20.80 -0.97
N ASP E 225 -13.88 -20.52 -1.86
CA ASP E 225 -14.18 -20.19 -3.29
C ASP E 225 -14.80 -21.42 -3.96
N ASN E 226 -14.17 -22.59 -3.79
CA ASN E 226 -14.70 -23.84 -4.39
C ASN E 226 -16.09 -24.14 -3.82
N LEU E 227 -16.22 -24.16 -2.50
CA LEU E 227 -17.49 -24.46 -1.79
C LEU E 227 -18.58 -23.49 -2.26
N THR E 228 -18.30 -22.19 -2.25
CA THR E 228 -19.32 -21.18 -2.68
C THR E 228 -19.76 -21.50 -4.11
N LEU E 229 -18.80 -21.76 -5.01
CA LEU E 229 -19.10 -22.04 -6.43
C LEU E 229 -19.99 -23.30 -6.56
N TRP E 230 -19.66 -24.35 -5.81
CA TRP E 230 -20.41 -25.64 -5.86
C TRP E 230 -21.80 -25.49 -5.23
N THR E 231 -21.95 -24.55 -4.30
CA THR E 231 -23.26 -24.32 -3.62
C THR E 231 -24.03 -23.22 -4.39
N SER E 232 -23.43 -22.69 -5.45
CA SER E 232 -24.07 -21.62 -6.27
C SER E 232 -24.86 -22.26 -7.41
#